data_3H9W
# 
_entry.id   3H9W 
# 
_audit_conform.dict_name       mmcif_pdbx.dic 
_audit_conform.dict_version    5.398 
_audit_conform.dict_location   http://mmcif.pdb.org/dictionaries/ascii/mmcif_pdbx.dic 
# 
loop_
_database_2.database_id 
_database_2.database_code 
_database_2.pdbx_database_accession 
_database_2.pdbx_DOI 
PDB   3H9W         pdb_00003h9w 10.2210/pdb3h9w/pdb 
RCSB  RCSB052875   ?            ?                   
WWPDB D_1000052875 ?            ?                   
# 
loop_
_pdbx_audit_revision_history.ordinal 
_pdbx_audit_revision_history.data_content_type 
_pdbx_audit_revision_history.major_revision 
_pdbx_audit_revision_history.minor_revision 
_pdbx_audit_revision_history.revision_date 
1 'Structure model' 1 0 2009-05-19 
2 'Structure model' 1 1 2011-07-13 
3 'Structure model' 1 2 2019-07-24 
4 'Structure model' 1 3 2024-11-06 
# 
_pdbx_audit_revision_details.ordinal             1 
_pdbx_audit_revision_details.revision_ordinal    1 
_pdbx_audit_revision_details.data_content_type   'Structure model' 
_pdbx_audit_revision_details.provider            repository 
_pdbx_audit_revision_details.type                'Initial release' 
_pdbx_audit_revision_details.description         ? 
_pdbx_audit_revision_details.details             ? 
# 
loop_
_pdbx_audit_revision_group.ordinal 
_pdbx_audit_revision_group.revision_ordinal 
_pdbx_audit_revision_group.data_content_type 
_pdbx_audit_revision_group.group 
1 2 'Structure model' 'Source and taxonomy'       
2 2 'Structure model' 'Version format compliance' 
3 3 'Structure model' 'Data collection'           
4 3 'Structure model' 'Derived calculations'      
5 3 'Structure model' 'Refinement description'    
6 4 'Structure model' 'Data collection'           
7 4 'Structure model' 'Database references'       
8 4 'Structure model' 'Structure summary'         
# 
loop_
_pdbx_audit_revision_category.ordinal 
_pdbx_audit_revision_category.revision_ordinal 
_pdbx_audit_revision_category.data_content_type 
_pdbx_audit_revision_category.category 
1 3 'Structure model' software                  
2 3 'Structure model' struct_conn               
3 4 'Structure model' chem_comp_atom            
4 4 'Structure model' chem_comp_bond            
5 4 'Structure model' database_2                
6 4 'Structure model' pdbx_entry_details        
7 4 'Structure model' pdbx_modification_feature 
# 
loop_
_pdbx_audit_revision_item.ordinal 
_pdbx_audit_revision_item.revision_ordinal 
_pdbx_audit_revision_item.data_content_type 
_pdbx_audit_revision_item.item 
1  3 'Structure model' '_software.contact_author'            
2  3 'Structure model' '_software.contact_author_email'      
3  3 'Structure model' '_software.language'                  
4  3 'Structure model' '_software.location'                  
5  3 'Structure model' '_software.name'                      
6  3 'Structure model' '_software.type'                      
7  3 'Structure model' '_software.version'                   
8  3 'Structure model' '_struct_conn.pdbx_leaving_atom_flag' 
9  4 'Structure model' '_database_2.pdbx_DOI'                
10 4 'Structure model' '_database_2.pdbx_database_accession' 
# 
_pdbx_database_status.entry_id                        3H9W 
_pdbx_database_status.deposit_site                    RCSB 
_pdbx_database_status.process_site                    RCSB 
_pdbx_database_status.recvd_initial_deposition_date   2009-04-30 
_pdbx_database_status.status_code                     REL 
_pdbx_database_status.status_code_sf                  REL 
_pdbx_database_status.status_code_mr                  ? 
_pdbx_database_status.SG_entry                        Y 
_pdbx_database_status.pdb_format_compatible           Y 
_pdbx_database_status.status_code_cs                  ? 
_pdbx_database_status.methods_development_category    ? 
_pdbx_database_status.status_code_nmr_data            ? 
# 
_pdbx_database_related.db_name        TargetDB 
_pdbx_database_related.db_id          MqR66C 
_pdbx_database_related.details        . 
_pdbx_database_related.content_type   unspecified 
# 
loop_
_audit_author.name 
_audit_author.pdbx_ordinal 
'Seetharaman, J.'                                 1  
'Su, M.'                                          2  
'Wang, H.'                                        3  
'Foote, E.L.'                                     4  
'Mao, L.'                                         5  
'Nair, R.'                                        6  
'Rost, B.'                                        7  
'Acton, T.B.'                                     8  
'Xiao, R.'                                        9  
'Everett, J.K.'                                   10 
'Montelione, G.T.'                                11 
'Tong, L.'                                        12 
'Hunt, J.F.'                                      13 
'Northeast Structural Genomics Consortium (NESG)' 14 
# 
_citation.id                        primary 
_citation.title                     'Northeast Structural Genomics Consortium Target MqR66C' 
_citation.journal_abbrev            'To be Published' 
_citation.journal_volume            ? 
_citation.page_first                ? 
_citation.page_last                 ? 
_citation.year                      ? 
_citation.journal_id_ASTM           ? 
_citation.country                   ? 
_citation.journal_id_ISSN           ? 
_citation.journal_id_CSD            0353 
_citation.book_publisher            ? 
_citation.pdbx_database_id_PubMed   ? 
_citation.pdbx_database_id_DOI      ? 
# 
loop_
_citation_author.citation_id 
_citation_author.name 
_citation_author.ordinal 
_citation_author.identifier_ORCID 
primary 'Seetharaman, J.'  1  ? 
primary 'Su, M.'           2  ? 
primary 'Wang, H.'         3  ? 
primary 'Foote, E.L.'      4  ? 
primary 'Mao, L.'          5  ? 
primary 'Nair, R.'         6  ? 
primary 'Rost, B.'         7  ? 
primary 'Acton, T.B.'      8  ? 
primary 'Xiao, R.'         9  ? 
primary 'Everett, J.K.'    10 ? 
primary 'Montelione, G.T.' 11 ? 
primary 'Tong, L.'         12 ? 
primary 'Hunt, J.F.'       13 ? 
# 
loop_
_entity.id 
_entity.type 
_entity.src_method 
_entity.pdbx_description 
_entity.formula_weight 
_entity.pdbx_number_of_molecules 
_entity.pdbx_ec 
_entity.pdbx_mutation 
_entity.pdbx_fragment 
_entity.details 
1 polymer man 'Diguanylate cyclase with PAS/PAC sensor' 13808.831 1  ? ? 'residues 22-127' ? 
2 water   nat water                                     18.015    84 ? ? ?                 ? 
# 
_entity_poly.entity_id                      1 
_entity_poly.type                           'polypeptide(L)' 
_entity_poly.nstd_linkage                   no 
_entity_poly.nstd_monomer                   yes 
_entity_poly.pdbx_seq_one_letter_code       
;(MSE)TKAIPWKINWQT(MSE)AFEYIGPQIEALLGWPQGSWKSVEDWATR(MSE)HPEDQEWVVNFCVKQSECGVDHEA
DYRALHRDGHYVWIRDVVHVVRDDSGEVEALIGF(MSE)FDISLEHHHHHH
;
_entity_poly.pdbx_seq_one_letter_code_can   
;MTKAIPWKINWQTMAFEYIGPQIEALLGWPQGSWKSVEDWATRMHPEDQEWVVNFCVKQSECGVDHEADYRALHRDGHYV
WIRDVVHVVRDDSGEVEALIGFMFDISLEHHHHHH
;
_entity_poly.pdbx_strand_id                 A 
_entity_poly.pdbx_target_identifier         MqR66C 
# 
_pdbx_entity_nonpoly.entity_id   2 
_pdbx_entity_nonpoly.name        water 
_pdbx_entity_nonpoly.comp_id     HOH 
# 
loop_
_entity_poly_seq.entity_id 
_entity_poly_seq.num 
_entity_poly_seq.mon_id 
_entity_poly_seq.hetero 
1 1   MSE n 
1 2   THR n 
1 3   LYS n 
1 4   ALA n 
1 5   ILE n 
1 6   PRO n 
1 7   TRP n 
1 8   LYS n 
1 9   ILE n 
1 10  ASN n 
1 11  TRP n 
1 12  GLN n 
1 13  THR n 
1 14  MSE n 
1 15  ALA n 
1 16  PHE n 
1 17  GLU n 
1 18  TYR n 
1 19  ILE n 
1 20  GLY n 
1 21  PRO n 
1 22  GLN n 
1 23  ILE n 
1 24  GLU n 
1 25  ALA n 
1 26  LEU n 
1 27  LEU n 
1 28  GLY n 
1 29  TRP n 
1 30  PRO n 
1 31  GLN n 
1 32  GLY n 
1 33  SER n 
1 34  TRP n 
1 35  LYS n 
1 36  SER n 
1 37  VAL n 
1 38  GLU n 
1 39  ASP n 
1 40  TRP n 
1 41  ALA n 
1 42  THR n 
1 43  ARG n 
1 44  MSE n 
1 45  HIS n 
1 46  PRO n 
1 47  GLU n 
1 48  ASP n 
1 49  GLN n 
1 50  GLU n 
1 51  TRP n 
1 52  VAL n 
1 53  VAL n 
1 54  ASN n 
1 55  PHE n 
1 56  CYS n 
1 57  VAL n 
1 58  LYS n 
1 59  GLN n 
1 60  SER n 
1 61  GLU n 
1 62  CYS n 
1 63  GLY n 
1 64  VAL n 
1 65  ASP n 
1 66  HIS n 
1 67  GLU n 
1 68  ALA n 
1 69  ASP n 
1 70  TYR n 
1 71  ARG n 
1 72  ALA n 
1 73  LEU n 
1 74  HIS n 
1 75  ARG n 
1 76  ASP n 
1 77  GLY n 
1 78  HIS n 
1 79  TYR n 
1 80  VAL n 
1 81  TRP n 
1 82  ILE n 
1 83  ARG n 
1 84  ASP n 
1 85  VAL n 
1 86  VAL n 
1 87  HIS n 
1 88  VAL n 
1 89  VAL n 
1 90  ARG n 
1 91  ASP n 
1 92  ASP n 
1 93  SER n 
1 94  GLY n 
1 95  GLU n 
1 96  VAL n 
1 97  GLU n 
1 98  ALA n 
1 99  LEU n 
1 100 ILE n 
1 101 GLY n 
1 102 PHE n 
1 103 MSE n 
1 104 PHE n 
1 105 ASP n 
1 106 ILE n 
1 107 SER n 
1 108 LEU n 
1 109 GLU n 
1 110 HIS n 
1 111 HIS n 
1 112 HIS n 
1 113 HIS n 
1 114 HIS n 
1 115 HIS n 
# 
_entity_src_gen.entity_id                          1 
_entity_src_gen.pdbx_src_id                        1 
_entity_src_gen.pdbx_alt_source_flag               sample 
_entity_src_gen.pdbx_seq_type                      ? 
_entity_src_gen.pdbx_beg_seq_num                   ? 
_entity_src_gen.pdbx_end_seq_num                   ? 
_entity_src_gen.gene_src_common_name               'Marinobacter hydrocarbonoclasticus (strain DSM 11845)' 
_entity_src_gen.gene_src_genus                     ? 
_entity_src_gen.pdbx_gene_src_gene                 Maqu_2914 
_entity_src_gen.gene_src_species                   ? 
_entity_src_gen.gene_src_strain                    VT8 
_entity_src_gen.gene_src_tissue                    ? 
_entity_src_gen.gene_src_tissue_fraction           ? 
_entity_src_gen.gene_src_details                   ? 
_entity_src_gen.pdbx_gene_src_fragment             ? 
_entity_src_gen.pdbx_gene_src_scientific_name      'Marinobacter aquaeolei' 
_entity_src_gen.pdbx_gene_src_ncbi_taxonomy_id     351348 
_entity_src_gen.pdbx_gene_src_variant              ? 
_entity_src_gen.pdbx_gene_src_cell_line            ? 
_entity_src_gen.pdbx_gene_src_atcc                 ? 
_entity_src_gen.pdbx_gene_src_organ                ? 
_entity_src_gen.pdbx_gene_src_organelle            ? 
_entity_src_gen.pdbx_gene_src_cell                 ? 
_entity_src_gen.pdbx_gene_src_cellular_location    ? 
_entity_src_gen.host_org_common_name               ? 
_entity_src_gen.pdbx_host_org_scientific_name      'Escherichia coli BL21(DE3)' 
_entity_src_gen.pdbx_host_org_ncbi_taxonomy_id     469008 
_entity_src_gen.host_org_genus                     ? 
_entity_src_gen.pdbx_host_org_gene                 ? 
_entity_src_gen.pdbx_host_org_organ                ? 
_entity_src_gen.host_org_species                   ? 
_entity_src_gen.pdbx_host_org_tissue               ? 
_entity_src_gen.pdbx_host_org_tissue_fraction      ? 
_entity_src_gen.pdbx_host_org_strain               'BL21(DE3)+ Magic' 
_entity_src_gen.pdbx_host_org_variant              ? 
_entity_src_gen.pdbx_host_org_cell_line            ? 
_entity_src_gen.pdbx_host_org_atcc                 ? 
_entity_src_gen.pdbx_host_org_culture_collection   ? 
_entity_src_gen.pdbx_host_org_cell                 ? 
_entity_src_gen.pdbx_host_org_organelle            ? 
_entity_src_gen.pdbx_host_org_cellular_location    ? 
_entity_src_gen.pdbx_host_org_vector_type          plasmid 
_entity_src_gen.pdbx_host_org_vector               ? 
_entity_src_gen.host_org_details                   ? 
_entity_src_gen.expression_system_id               ? 
_entity_src_gen.plasmid_name                       'pET 21-23C' 
_entity_src_gen.plasmid_details                    ? 
_entity_src_gen.pdbx_description                   ? 
# 
loop_
_chem_comp.id 
_chem_comp.type 
_chem_comp.mon_nstd_flag 
_chem_comp.name 
_chem_comp.pdbx_synonyms 
_chem_comp.formula 
_chem_comp.formula_weight 
ALA 'L-peptide linking' y ALANINE          ? 'C3 H7 N O2'     89.093  
ARG 'L-peptide linking' y ARGININE         ? 'C6 H15 N4 O2 1' 175.209 
ASN 'L-peptide linking' y ASPARAGINE       ? 'C4 H8 N2 O3'    132.118 
ASP 'L-peptide linking' y 'ASPARTIC ACID'  ? 'C4 H7 N O4'     133.103 
CYS 'L-peptide linking' y CYSTEINE         ? 'C3 H7 N O2 S'   121.158 
GLN 'L-peptide linking' y GLUTAMINE        ? 'C5 H10 N2 O3'   146.144 
GLU 'L-peptide linking' y 'GLUTAMIC ACID'  ? 'C5 H9 N O4'     147.129 
GLY 'peptide linking'   y GLYCINE          ? 'C2 H5 N O2'     75.067  
HIS 'L-peptide linking' y HISTIDINE        ? 'C6 H10 N3 O2 1' 156.162 
HOH non-polymer         . WATER            ? 'H2 O'           18.015  
ILE 'L-peptide linking' y ISOLEUCINE       ? 'C6 H13 N O2'    131.173 
LEU 'L-peptide linking' y LEUCINE          ? 'C6 H13 N O2'    131.173 
LYS 'L-peptide linking' y LYSINE           ? 'C6 H15 N2 O2 1' 147.195 
MSE 'L-peptide linking' n SELENOMETHIONINE ? 'C5 H11 N O2 Se' 196.106 
PHE 'L-peptide linking' y PHENYLALANINE    ? 'C9 H11 N O2'    165.189 
PRO 'L-peptide linking' y PROLINE          ? 'C5 H9 N O2'     115.130 
SER 'L-peptide linking' y SERINE           ? 'C3 H7 N O3'     105.093 
THR 'L-peptide linking' y THREONINE        ? 'C4 H9 N O3'     119.119 
TRP 'L-peptide linking' y TRYPTOPHAN       ? 'C11 H12 N2 O2'  204.225 
TYR 'L-peptide linking' y TYROSINE         ? 'C9 H11 N O3'    181.189 
VAL 'L-peptide linking' y VALINE           ? 'C5 H11 N O2'    117.146 
# 
loop_
_pdbx_poly_seq_scheme.asym_id 
_pdbx_poly_seq_scheme.entity_id 
_pdbx_poly_seq_scheme.seq_id 
_pdbx_poly_seq_scheme.mon_id 
_pdbx_poly_seq_scheme.ndb_seq_num 
_pdbx_poly_seq_scheme.pdb_seq_num 
_pdbx_poly_seq_scheme.auth_seq_num 
_pdbx_poly_seq_scheme.pdb_mon_id 
_pdbx_poly_seq_scheme.auth_mon_id 
_pdbx_poly_seq_scheme.pdb_strand_id 
_pdbx_poly_seq_scheme.pdb_ins_code 
_pdbx_poly_seq_scheme.hetero 
A 1 1   MSE 1   21  ?   ?   ?   A . n 
A 1 2   THR 2   22  ?   ?   ?   A . n 
A 1 3   LYS 3   23  23  LYS LYS A . n 
A 1 4   ALA 4   24  24  ALA ALA A . n 
A 1 5   ILE 5   25  25  ILE ILE A . n 
A 1 6   PRO 6   26  26  PRO PRO A . n 
A 1 7   TRP 7   27  27  TRP TRP A . n 
A 1 8   LYS 8   28  28  LYS LYS A . n 
A 1 9   ILE 9   29  29  ILE ILE A . n 
A 1 10  ASN 10  30  30  ASN ASN A . n 
A 1 11  TRP 11  31  31  TRP TRP A . n 
A 1 12  GLN 12  32  32  GLN GLN A . n 
A 1 13  THR 13  33  33  THR THR A . n 
A 1 14  MSE 14  34  34  MSE MSE A . n 
A 1 15  ALA 15  35  35  ALA ALA A . n 
A 1 16  PHE 16  36  36  PHE PHE A . n 
A 1 17  GLU 17  37  37  GLU GLU A . n 
A 1 18  TYR 18  38  38  TYR TYR A . n 
A 1 19  ILE 19  39  39  ILE ILE A . n 
A 1 20  GLY 20  40  40  GLY GLY A . n 
A 1 21  PRO 21  41  41  PRO PRO A . n 
A 1 22  GLN 22  42  42  GLN GLN A . n 
A 1 23  ILE 23  43  43  ILE ILE A . n 
A 1 24  GLU 24  44  44  GLU GLU A . n 
A 1 25  ALA 25  45  45  ALA ALA A . n 
A 1 26  LEU 26  46  46  LEU LEU A . n 
A 1 27  LEU 27  47  47  LEU LEU A . n 
A 1 28  GLY 28  48  48  GLY GLY A . n 
A 1 29  TRP 29  49  49  TRP TRP A . n 
A 1 30  PRO 30  50  50  PRO PRO A . n 
A 1 31  GLN 31  51  51  GLN GLN A . n 
A 1 32  GLY 32  52  52  GLY GLY A . n 
A 1 33  SER 33  53  53  SER SER A . n 
A 1 34  TRP 34  54  54  TRP TRP A . n 
A 1 35  LYS 35  55  55  LYS LYS A . n 
A 1 36  SER 36  56  56  SER SER A . n 
A 1 37  VAL 37  57  57  VAL VAL A . n 
A 1 38  GLU 38  58  58  GLU GLU A . n 
A 1 39  ASP 39  59  59  ASP ASP A . n 
A 1 40  TRP 40  60  60  TRP TRP A . n 
A 1 41  ALA 41  61  61  ALA ALA A . n 
A 1 42  THR 42  62  62  THR THR A . n 
A 1 43  ARG 43  63  63  ARG ARG A . n 
A 1 44  MSE 44  64  64  MSE MSE A . n 
A 1 45  HIS 45  65  65  HIS HIS A . n 
A 1 46  PRO 46  66  66  PRO PRO A . n 
A 1 47  GLU 47  67  67  GLU GLU A . n 
A 1 48  ASP 48  68  68  ASP ASP A . n 
A 1 49  GLN 49  69  69  GLN GLN A . n 
A 1 50  GLU 50  70  70  GLU GLU A . n 
A 1 51  TRP 51  71  71  TRP TRP A . n 
A 1 52  VAL 52  72  72  VAL VAL A . n 
A 1 53  VAL 53  73  73  VAL VAL A . n 
A 1 54  ASN 54  74  74  ASN ASN A . n 
A 1 55  PHE 55  75  75  PHE PHE A . n 
A 1 56  CYS 56  76  76  CYS CYS A . n 
A 1 57  VAL 57  77  77  VAL VAL A . n 
A 1 58  LYS 58  78  78  LYS LYS A . n 
A 1 59  GLN 59  79  79  GLN GLN A . n 
A 1 60  SER 60  80  80  SER SER A . n 
A 1 61  GLU 61  81  81  GLU GLU A . n 
A 1 62  CYS 62  82  82  CYS CYS A . n 
A 1 63  GLY 63  83  83  GLY GLY A . n 
A 1 64  VAL 64  84  84  VAL VAL A . n 
A 1 65  ASP 65  85  85  ASP ASP A . n 
A 1 66  HIS 66  86  86  HIS HIS A . n 
A 1 67  GLU 67  87  87  GLU GLU A . n 
A 1 68  ALA 68  88  88  ALA ALA A . n 
A 1 69  ASP 69  89  89  ASP ASP A . n 
A 1 70  TYR 70  90  90  TYR TYR A . n 
A 1 71  ARG 71  91  91  ARG ARG A . n 
A 1 72  ALA 72  92  92  ALA ALA A . n 
A 1 73  LEU 73  93  93  LEU LEU A . n 
A 1 74  HIS 74  94  94  HIS HIS A . n 
A 1 75  ARG 75  95  95  ARG ARG A . n 
A 1 76  ASP 76  96  96  ASP ASP A . n 
A 1 77  GLY 77  97  97  GLY GLY A . n 
A 1 78  HIS 78  98  98  HIS HIS A . n 
A 1 79  TYR 79  99  99  TYR TYR A . n 
A 1 80  VAL 80  100 100 VAL VAL A . n 
A 1 81  TRP 81  101 101 TRP TRP A . n 
A 1 82  ILE 82  102 102 ILE ILE A . n 
A 1 83  ARG 83  103 103 ARG ARG A . n 
A 1 84  ASP 84  104 104 ASP ASP A . n 
A 1 85  VAL 85  105 105 VAL VAL A . n 
A 1 86  VAL 86  106 106 VAL VAL A . n 
A 1 87  HIS 87  107 107 HIS HIS A . n 
A 1 88  VAL 88  108 108 VAL VAL A . n 
A 1 89  VAL 89  109 109 VAL VAL A . n 
A 1 90  ARG 90  110 110 ARG ARG A . n 
A 1 91  ASP 91  111 111 ASP ASP A . n 
A 1 92  ASP 92  112 112 ASP ASP A . n 
A 1 93  SER 93  113 113 SER SER A . n 
A 1 94  GLY 94  114 114 GLY GLY A . n 
A 1 95  GLU 95  115 115 GLU GLU A . n 
A 1 96  VAL 96  116 116 VAL VAL A . n 
A 1 97  GLU 97  117 117 GLU GLU A . n 
A 1 98  ALA 98  118 118 ALA ALA A . n 
A 1 99  LEU 99  119 119 LEU LEU A . n 
A 1 100 ILE 100 120 120 ILE ILE A . n 
A 1 101 GLY 101 121 121 GLY GLY A . n 
A 1 102 PHE 102 122 122 PHE PHE A . n 
A 1 103 MSE 103 123 123 MSE MSE A . n 
A 1 104 PHE 104 124 124 PHE PHE A . n 
A 1 105 ASP 105 125 125 ASP ASP A . n 
A 1 106 ILE 106 126 126 ILE ILE A . n 
A 1 107 SER 107 127 127 SER SER A . n 
A 1 108 LEU 108 128 128 LEU LEU A . n 
A 1 109 GLU 109 129 129 GLU GLU A . n 
A 1 110 HIS 110 130 130 HIS HIS A . n 
A 1 111 HIS 111 131 131 HIS HIS A . n 
A 1 112 HIS 112 132 ?   ?   ?   A . n 
A 1 113 HIS 113 133 ?   ?   ?   A . n 
A 1 114 HIS 114 134 ?   ?   ?   A . n 
A 1 115 HIS 115 135 ?   ?   ?   A . n 
# 
loop_
_pdbx_nonpoly_scheme.asym_id 
_pdbx_nonpoly_scheme.entity_id 
_pdbx_nonpoly_scheme.mon_id 
_pdbx_nonpoly_scheme.ndb_seq_num 
_pdbx_nonpoly_scheme.pdb_seq_num 
_pdbx_nonpoly_scheme.auth_seq_num 
_pdbx_nonpoly_scheme.pdb_mon_id 
_pdbx_nonpoly_scheme.auth_mon_id 
_pdbx_nonpoly_scheme.pdb_strand_id 
_pdbx_nonpoly_scheme.pdb_ins_code 
B 2 HOH 1  201 201 HOH HOH A . 
B 2 HOH 2  202 202 HOH HOH A . 
B 2 HOH 3  203 203 HOH HOH A . 
B 2 HOH 4  204 204 HOH HOH A . 
B 2 HOH 5  205 205 HOH HOH A . 
B 2 HOH 6  206 206 HOH HOH A . 
B 2 HOH 7  207 207 HOH HOH A . 
B 2 HOH 8  208 208 HOH HOH A . 
B 2 HOH 9  209 209 HOH HOH A . 
B 2 HOH 10 210 210 HOH HOH A . 
B 2 HOH 11 211 211 HOH HOH A . 
B 2 HOH 12 212 212 HOH HOH A . 
B 2 HOH 13 213 213 HOH HOH A . 
B 2 HOH 14 214 214 HOH HOH A . 
B 2 HOH 15 215 215 HOH HOH A . 
B 2 HOH 16 216 216 HOH HOH A . 
B 2 HOH 17 217 217 HOH HOH A . 
B 2 HOH 18 218 218 HOH HOH A . 
B 2 HOH 19 219 219 HOH HOH A . 
B 2 HOH 20 220 220 HOH HOH A . 
B 2 HOH 21 221 221 HOH HOH A . 
B 2 HOH 22 222 222 HOH HOH A . 
B 2 HOH 23 223 223 HOH HOH A . 
B 2 HOH 24 224 224 HOH HOH A . 
B 2 HOH 25 225 225 HOH HOH A . 
B 2 HOH 26 226 226 HOH HOH A . 
B 2 HOH 27 227 227 HOH HOH A . 
B 2 HOH 28 228 228 HOH HOH A . 
B 2 HOH 29 229 229 HOH HOH A . 
B 2 HOH 30 230 230 HOH HOH A . 
B 2 HOH 31 231 231 HOH HOH A . 
B 2 HOH 32 232 232 HOH HOH A . 
B 2 HOH 33 233 233 HOH HOH A . 
B 2 HOH 34 234 234 HOH HOH A . 
B 2 HOH 35 235 235 HOH HOH A . 
B 2 HOH 36 236 236 HOH HOH A . 
B 2 HOH 37 237 237 HOH HOH A . 
B 2 HOH 38 238 238 HOH HOH A . 
B 2 HOH 39 239 239 HOH HOH A . 
B 2 HOH 40 240 240 HOH HOH A . 
B 2 HOH 41 241 241 HOH HOH A . 
B 2 HOH 42 242 242 HOH HOH A . 
B 2 HOH 43 243 243 HOH HOH A . 
B 2 HOH 44 244 244 HOH HOH A . 
B 2 HOH 45 245 245 HOH HOH A . 
B 2 HOH 46 246 246 HOH HOH A . 
B 2 HOH 47 247 247 HOH HOH A . 
B 2 HOH 48 248 248 HOH HOH A . 
B 2 HOH 49 249 249 HOH HOH A . 
B 2 HOH 50 250 250 HOH HOH A . 
B 2 HOH 51 251 251 HOH HOH A . 
B 2 HOH 52 252 252 HOH HOH A . 
B 2 HOH 53 253 253 HOH HOH A . 
B 2 HOH 54 254 254 HOH HOH A . 
B 2 HOH 55 255 255 HOH HOH A . 
B 2 HOH 56 256 256 HOH HOH A . 
B 2 HOH 57 257 257 HOH HOH A . 
B 2 HOH 58 258 258 HOH HOH A . 
B 2 HOH 59 259 259 HOH HOH A . 
B 2 HOH 60 260 260 HOH HOH A . 
B 2 HOH 61 261 261 HOH HOH A . 
B 2 HOH 62 262 262 HOH HOH A . 
B 2 HOH 63 263 263 HOH HOH A . 
B 2 HOH 64 264 264 HOH HOH A . 
B 2 HOH 65 265 265 HOH HOH A . 
B 2 HOH 66 266 266 HOH HOH A . 
B 2 HOH 67 267 267 HOH HOH A . 
B 2 HOH 68 268 268 HOH HOH A . 
B 2 HOH 69 269 269 HOH HOH A . 
B 2 HOH 70 270 270 HOH HOH A . 
B 2 HOH 71 271 271 HOH HOH A . 
B 2 HOH 72 272 272 HOH HOH A . 
B 2 HOH 73 273 273 HOH HOH A . 
B 2 HOH 74 274 274 HOH HOH A . 
B 2 HOH 75 275 275 HOH HOH A . 
B 2 HOH 76 276 276 HOH HOH A . 
B 2 HOH 77 277 277 HOH HOH A . 
B 2 HOH 78 278 278 HOH HOH A . 
B 2 HOH 79 279 279 HOH HOH A . 
B 2 HOH 80 280 280 HOH HOH A . 
B 2 HOH 81 281 281 HOH HOH A . 
B 2 HOH 82 282 282 HOH HOH A . 
B 2 HOH 83 283 283 HOH HOH A . 
B 2 HOH 84 284 284 HOH HOH A . 
# 
loop_
_software.name 
_software.version 
_software.date 
_software.type 
_software.contact_author 
_software.contact_author_email 
_software.classification 
_software.location 
_software.language 
_software.citation_id 
_software.pdbx_ordinal 
CNS         1.2     ?                 ?       ?                 ?                        refinement        ? ?          ? 1 
PDB_EXTRACT 3.00    'March. 27, 2007' package PDB               sw-help@rcsb.rutgers.edu 'data extraction' 
http://pdb.rutgers.edu/software/ C++        ? 2 
ADSC        Quantum ?                 ?       ?                 ?                        'data collection' ? ?          ? 3 
HKL-2000    .       ?                 ?       ?                 ?                        'data reduction'  ? ?          ? 4 
HKL-2000    .       ?                 ?       ?                 ?                        'data scaling'    ? ?          ? 5 
SOLVE       .       ?                 ?       ?                 ?                        phasing           ? ?          ? 6 
REFMAC      .       ?                 program 'Murshudov, G.N.' ccp4@dl.ac.uk            refinement        
http://www.ccp4.ac.uk/main.html  Fortran_77 ? 7 
# 
_cell.entry_id           3H9W 
_cell.length_a           55.531 
_cell.length_b           55.531 
_cell.length_c           136.238 
_cell.angle_alpha        90.000 
_cell.angle_beta         90.000 
_cell.angle_gamma        120.000 
_cell.pdbx_unique_axis   ? 
_cell.Z_PDB              12 
_cell.length_a_esd       ? 
_cell.length_b_esd       ? 
_cell.length_c_esd       ? 
_cell.angle_alpha_esd    ? 
_cell.angle_beta_esd     ? 
_cell.angle_gamma_esd    ? 
# 
_symmetry.entry_id                         3H9W 
_symmetry.space_group_name_H-M             'P 65 2 2' 
_symmetry.Int_Tables_number                179 
_symmetry.pdbx_full_space_group_name_H-M   ? 
_symmetry.cell_setting                     ? 
_symmetry.space_group_name_Hall            ? 
# 
_exptl.crystals_number   1 
_exptl.entry_id          3H9W 
_exptl.method            'X-RAY DIFFRACTION' 
# 
_exptl_crystal.id                    1 
_exptl_crystal.density_Matthews      2.20 
_exptl_crystal.density_meas          ? 
_exptl_crystal.density_percent_sol   43.98 
_exptl_crystal.description           ? 
_exptl_crystal.F_000                 ? 
_exptl_crystal.preparation           ? 
# 
_exptl_crystal_grow.crystal_id      1 
_exptl_crystal_grow.method          'Microbatch under oil' 
_exptl_crystal_grow.pH              6.5 
_exptl_crystal_grow.temp            291 
_exptl_crystal_grow.pdbx_details    
;Protein solution: 100mM NaCl, 5mM DTT, 0.02% NaN3, 10mM Tris-HCl (pH 7.5) . Reservoir solution: 0.1M bis-tris (pH 6.5), 25% PEG3350, and 0.2M NaCl. , Microbatch under oil, temperature 291K
;
_exptl_crystal_grow.temp_details    ? 
_exptl_crystal_grow.pdbx_pH_range   ? 
# 
_diffrn.id                     1 
_diffrn.ambient_temp           100 
_diffrn.ambient_temp_details   ? 
_diffrn.crystal_id             1 
# 
_diffrn_detector.diffrn_id              1 
_diffrn_detector.detector               CCD 
_diffrn_detector.type                   'ADSC QUANTUM 4' 
_diffrn_detector.pdbx_collection_date   2009-04-12 
_diffrn_detector.details                mirrors 
# 
_diffrn_radiation.diffrn_id                        1 
_diffrn_radiation.pdbx_diffrn_protocol             'SINGLE WAVELENGTH' 
_diffrn_radiation.monochromator                    'Si 111 CHANNEL' 
_diffrn_radiation.wavelength_id                    1 
_diffrn_radiation.pdbx_monochromatic_or_laue_m_l   M 
_diffrn_radiation.pdbx_scattering_type             x-ray 
# 
_diffrn_radiation_wavelength.id           1 
_diffrn_radiation_wavelength.wavelength   0.97904 
_diffrn_radiation_wavelength.wt           1.0 
# 
_diffrn_source.diffrn_id                   1 
_diffrn_source.source                      SYNCHROTRON 
_diffrn_source.type                        'NSLS BEAMLINE X4A' 
_diffrn_source.pdbx_wavelength_list        0.97904 
_diffrn_source.pdbx_wavelength             ? 
_diffrn_source.pdbx_synchrotron_site       NSLS 
_diffrn_source.pdbx_synchrotron_beamline   X4A 
# 
_reflns.entry_id                     3H9W 
_reflns.B_iso_Wilson_estimate        15.600 
_reflns.observed_criterion_sigma_F   0 
_reflns.observed_criterion_sigma_I   0 
_reflns.d_resolution_high            1.90 
_reflns.d_resolution_low             50 
_reflns.number_all                   18593 
_reflns.number_obs                   18593 
_reflns.percent_possible_obs         100 
_reflns.pdbx_Rmerge_I_obs            0.073 
_reflns.pdbx_Rsym_value              0.054 
_reflns.pdbx_netI_over_sigmaI        33.77 
_reflns.pdbx_redundancy              11.2 
_reflns.R_free_details               ? 
_reflns.limit_h_max                  ? 
_reflns.limit_h_min                  ? 
_reflns.limit_k_max                  ? 
_reflns.limit_k_min                  ? 
_reflns.limit_l_max                  ? 
_reflns.limit_l_min                  ? 
_reflns.observed_criterion_F_max     ? 
_reflns.observed_criterion_F_min     ? 
_reflns.pdbx_chi_squared             ? 
_reflns.pdbx_scaling_rejects         ? 
_reflns.pdbx_ordinal                 1 
_reflns.pdbx_diffrn_id               1 
# 
_reflns_shell.d_res_high             1.90 
_reflns_shell.d_res_low              1.97 
_reflns_shell.percent_possible_obs   ? 
_reflns_shell.percent_possible_all   100 
_reflns_shell.Rmerge_I_obs           0.489 
_reflns_shell.meanI_over_sigI_obs    4.41 
_reflns_shell.pdbx_Rsym_value        0.345 
_reflns_shell.pdbx_redundancy        5.4 
_reflns_shell.number_unique_all      1865 
_reflns_shell.number_measured_all    ? 
_reflns_shell.number_measured_obs    ? 
_reflns_shell.number_unique_obs      ? 
_reflns_shell.pdbx_chi_squared       ? 
_reflns_shell.pdbx_ordinal           1 
_reflns_shell.pdbx_diffrn_id         1 
# 
_refine.entry_id                                 3H9W 
_refine.ls_d_res_high                            1.900 
_refine.ls_d_res_low                             19.640 
_refine.pdbx_ls_sigma_F                          2.00 
_refine.pdbx_data_cutoff_high_absF               94512.500 
_refine.pdbx_data_cutoff_low_absF                0.000 
_refine.ls_percent_reflns_obs                    90.300 
_refine.ls_number_reflns_obs                     16737 
_refine.pdbx_ls_cross_valid_method               THROUGHOUT 
_refine.pdbx_R_Free_selection_details            RANDOM 
_refine.ls_R_factor_R_work                       0.196 
_refine.ls_R_factor_R_free                       0.221 
_refine.ls_percent_reflns_R_free                 5.000 
_refine.ls_number_reflns_R_free                  837 
_refine.ls_R_factor_R_free_error                 0.008 
_refine.B_iso_mean                               30.800 
_refine.solvent_model_param_bsol                 58.674 
_refine.solvent_model_param_ksol                 0.400 
_refine.pdbx_isotropic_thermal_model             RESTRAINED 
_refine.aniso_B[1][1]                            5.710 
_refine.aniso_B[2][2]                            5.710 
_refine.aniso_B[3][3]                            -11.410 
_refine.aniso_B[1][2]                            0.000 
_refine.aniso_B[1][3]                            0.000 
_refine.aniso_B[2][3]                            0.000 
_refine.solvent_model_details                    'FLAT MODEL' 
_refine.pdbx_ls_sigma_I                          2.00 
_refine.ls_number_reflns_all                     18534 
_refine.ls_R_factor_all                          0.198 
_refine.ls_R_factor_obs                          0.97 
_refine.ls_redundancy_reflns_obs                 ? 
_refine.ls_number_parameters                     ? 
_refine.ls_number_restraints                     ? 
_refine.ls_R_factor_R_free_error_details         ? 
_refine.pdbx_method_to_determine_struct          SAD 
_refine.pdbx_starting_model                      ? 
_refine.pdbx_stereochem_target_val_spec_case     ? 
_refine.pdbx_stereochemistry_target_values       'Engh & Huber' 
_refine.occupancy_max                            ? 
_refine.occupancy_min                            ? 
_refine.details                                  ? 
_refine.B_iso_min                                ? 
_refine.B_iso_max                                ? 
_refine.correlation_coeff_Fo_to_Fc               ? 
_refine.correlation_coeff_Fo_to_Fc_free          ? 
_refine.pdbx_solvent_vdw_probe_radii             ? 
_refine.pdbx_solvent_ion_probe_radii             ? 
_refine.pdbx_solvent_shrinkage_radii             ? 
_refine.overall_SU_R_Cruickshank_DPI             ? 
_refine.overall_SU_R_free                        ? 
_refine.overall_SU_ML                            ? 
_refine.overall_SU_B                             ? 
_refine.pdbx_overall_ESU_R_Free                  ? 
_refine.pdbx_data_cutoff_high_rms_absF           ? 
_refine.pdbx_overall_ESU_R                       ? 
_refine.ls_wR_factor_R_free                      ? 
_refine.ls_wR_factor_R_work                      ? 
_refine.overall_FOM_free_R_set                   ? 
_refine.overall_FOM_work_R_set                   ? 
_refine.pdbx_overall_phase_error                 ? 
_refine.pdbx_refine_id                           'X-RAY DIFFRACTION' 
_refine.pdbx_diffrn_id                           1 
_refine.pdbx_TLS_residual_ADP_flag               ? 
_refine.pdbx_overall_SU_R_free_Cruickshank_DPI   ? 
_refine.pdbx_overall_SU_R_Blow_DPI               ? 
_refine.pdbx_overall_SU_R_free_Blow_DPI          ? 
# 
_refine_analyze.entry_id                        3H9W 
_refine_analyze.Luzzati_coordinate_error_obs    0.210 
_refine_analyze.Luzzati_sigma_a_obs             0.140 
_refine_analyze.Luzzati_d_res_low_obs           5.000 
_refine_analyze.Luzzati_coordinate_error_free   0.250 
_refine_analyze.Luzzati_sigma_a_free            0.150 
_refine_analyze.Luzzati_d_res_low_free          ? 
_refine_analyze.number_disordered_residues      ? 
_refine_analyze.occupancy_sum_non_hydrogen      ? 
_refine_analyze.occupancy_sum_hydrogen          ? 
_refine_analyze.pdbx_Luzzati_d_res_high_obs     ? 
_refine_analyze.pdbx_refine_id                  'X-RAY DIFFRACTION' 
# 
_refine_hist.pdbx_refine_id                   'X-RAY DIFFRACTION' 
_refine_hist.cycle_id                         LAST 
_refine_hist.pdbx_number_atoms_protein        906 
_refine_hist.pdbx_number_atoms_nucleic_acid   0 
_refine_hist.pdbx_number_atoms_ligand         0 
_refine_hist.number_atoms_solvent             84 
_refine_hist.number_atoms_total               990 
_refine_hist.d_res_high                       1.900 
_refine_hist.d_res_low                        19.640 
# 
loop_
_refine_ls_restr.type 
_refine_ls_restr.number 
_refine_ls_restr.dev_ideal 
_refine_ls_restr.dev_ideal_target 
_refine_ls_restr.weight 
_refine_ls_restr.pdbx_refine_id 
_refine_ls_restr.pdbx_restraint_function 
c_bond_d           ? 0.005  ? ? 'X-RAY DIFFRACTION' ? 
c_angle_deg        ? 1.200  ? ? 'X-RAY DIFFRACTION' ? 
c_dihedral_angle_d ? 23.500 ? ? 'X-RAY DIFFRACTION' ? 
c_improper_angle_d ? 0.620  ? ? 'X-RAY DIFFRACTION' ? 
# 
_refine_ls_shell.d_res_high                       1.900 
_refine_ls_shell.d_res_low                        1.970 
_refine_ls_shell.pdbx_total_number_of_bins_used   10 
_refine_ls_shell.percent_reflns_obs               67.400 
_refine_ls_shell.number_reflns_R_work             1193 
_refine_ls_shell.R_factor_all                     ? 
_refine_ls_shell.R_factor_R_work                  0.225 
_refine_ls_shell.R_factor_R_free                  0.216 
_refine_ls_shell.percent_reflns_R_free            4.300 
_refine_ls_shell.number_reflns_R_free             54 
_refine_ls_shell.R_factor_R_free_error            0.029 
_refine_ls_shell.number_reflns_all                ? 
_refine_ls_shell.number_reflns_obs                1247 
_refine_ls_shell.redundancy_reflns_obs            ? 
_refine_ls_shell.pdbx_refine_id                   'X-RAY DIFFRACTION' 
# 
_struct.entry_id                  3H9W 
_struct.title                     
;Crystal Structure of the N-terminal domain of Diguanylate cyclase with PAS/PAC sensor (Maqu_2914) from Marinobacter aquaeolei, Northeast Structural Genomics Consortium Target MqR66C
;
_struct.pdbx_model_details        ? 
_struct.pdbx_CASP_flag            ? 
_struct.pdbx_model_type_details   ? 
# 
_struct_keywords.entry_id        3H9W 
_struct_keywords.text            
;alpha-beta protein., Structural Genomics, PSI-2, Protein Structure Initiative, Northeast Structural Genomics Consortium, NESG, unknown function
;
_struct_keywords.pdbx_keywords   'structural genomics, unknown function' 
# 
loop_
_struct_asym.id 
_struct_asym.pdbx_blank_PDB_chainid_flag 
_struct_asym.pdbx_modified 
_struct_asym.entity_id 
_struct_asym.details 
A N N 1 ? 
B N N 2 ? 
# 
_struct_ref.id                         1 
_struct_ref.db_name                    UNP 
_struct_ref.db_code                    A1U4R9_MARAV 
_struct_ref.pdbx_db_accession          A1U4R9 
_struct_ref.entity_id                  1 
_struct_ref.pdbx_seq_one_letter_code   
;TKAIPWKINWQTMAFEYIGPQIEALLGWPQGSWKSVEDWATRMHPEDQEWVVNFCVKQSECGVDHEADYRALHRDGHYVW
IRDVVHVVRDDSGEVEALIGFMFDIS
;
_struct_ref.pdbx_align_begin           22 
_struct_ref.pdbx_db_isoform            ? 
# 
_struct_ref_seq.align_id                      1 
_struct_ref_seq.ref_id                        1 
_struct_ref_seq.pdbx_PDB_id_code              3H9W 
_struct_ref_seq.pdbx_strand_id                A 
_struct_ref_seq.seq_align_beg                 2 
_struct_ref_seq.pdbx_seq_align_beg_ins_code   ? 
_struct_ref_seq.seq_align_end                 107 
_struct_ref_seq.pdbx_seq_align_end_ins_code   ? 
_struct_ref_seq.pdbx_db_accession             A1U4R9 
_struct_ref_seq.db_align_beg                  22 
_struct_ref_seq.pdbx_db_align_beg_ins_code    ? 
_struct_ref_seq.db_align_end                  127 
_struct_ref_seq.pdbx_db_align_end_ins_code    ? 
_struct_ref_seq.pdbx_auth_seq_align_beg       22 
_struct_ref_seq.pdbx_auth_seq_align_end       127 
# 
loop_
_struct_ref_seq_dif.align_id 
_struct_ref_seq_dif.pdbx_pdb_id_code 
_struct_ref_seq_dif.mon_id 
_struct_ref_seq_dif.pdbx_pdb_strand_id 
_struct_ref_seq_dif.seq_num 
_struct_ref_seq_dif.pdbx_pdb_ins_code 
_struct_ref_seq_dif.pdbx_seq_db_name 
_struct_ref_seq_dif.pdbx_seq_db_accession_code 
_struct_ref_seq_dif.db_mon_id 
_struct_ref_seq_dif.pdbx_seq_db_seq_num 
_struct_ref_seq_dif.details 
_struct_ref_seq_dif.pdbx_auth_seq_num 
_struct_ref_seq_dif.pdbx_ordinal 
1 3H9W MSE A 1   ? UNP A1U4R9 ? ? 'expression tag' 21  1 
1 3H9W LEU A 108 ? UNP A1U4R9 ? ? 'expression tag' 128 2 
1 3H9W GLU A 109 ? UNP A1U4R9 ? ? 'expression tag' 129 3 
1 3H9W HIS A 110 ? UNP A1U4R9 ? ? 'expression tag' 130 4 
1 3H9W HIS A 111 ? UNP A1U4R9 ? ? 'expression tag' 131 5 
1 3H9W HIS A 112 ? UNP A1U4R9 ? ? 'expression tag' 132 6 
1 3H9W HIS A 113 ? UNP A1U4R9 ? ? 'expression tag' 133 7 
1 3H9W HIS A 114 ? UNP A1U4R9 ? ? 'expression tag' 134 8 
1 3H9W HIS A 115 ? UNP A1U4R9 ? ? 'expression tag' 135 9 
# 
_pdbx_struct_assembly.id                   1 
_pdbx_struct_assembly.details              author_and_software_defined_assembly 
_pdbx_struct_assembly.method_details       PISA 
_pdbx_struct_assembly.oligomeric_details   dimeric 
_pdbx_struct_assembly.oligomeric_count     2 
# 
loop_
_pdbx_struct_assembly_prop.biol_id 
_pdbx_struct_assembly_prop.type 
_pdbx_struct_assembly_prop.value 
_pdbx_struct_assembly_prop.details 
1 'ABSA (A^2)' 1050  ? 
1 MORE         -7    ? 
1 'SSA (A^2)'  11210 ? 
# 
_pdbx_struct_assembly_gen.assembly_id       1 
_pdbx_struct_assembly_gen.oper_expression   1,2 
_pdbx_struct_assembly_gen.asym_id_list      A,B 
# 
loop_
_pdbx_struct_oper_list.id 
_pdbx_struct_oper_list.type 
_pdbx_struct_oper_list.name 
_pdbx_struct_oper_list.symmetry_operation 
_pdbx_struct_oper_list.matrix[1][1] 
_pdbx_struct_oper_list.matrix[1][2] 
_pdbx_struct_oper_list.matrix[1][3] 
_pdbx_struct_oper_list.vector[1] 
_pdbx_struct_oper_list.matrix[2][1] 
_pdbx_struct_oper_list.matrix[2][2] 
_pdbx_struct_oper_list.matrix[2][3] 
_pdbx_struct_oper_list.vector[2] 
_pdbx_struct_oper_list.matrix[3][1] 
_pdbx_struct_oper_list.matrix[3][2] 
_pdbx_struct_oper_list.matrix[3][3] 
_pdbx_struct_oper_list.vector[3] 
1 'identity operation'         1_555  x,y,z            1.0000000000 0.0000000000 0.0000000000 0.0000000000 0.0000000000 1.0000000000  0.0000000000 0.0000000000   0.0000000000 0.0000000000 1.0000000000  0.0000000000  
2 'crystal symmetry operation' 10_666 -y+1,-x+1,-z+7/6 0.3731941384 0.7911045389 0.4846439349 6.9237497018 0.7911045389 -0.5442404144 0.2792059811 -18.5535989798 0.4846439349 0.2792059811 -0.8289537240 10.6680048775 
# 
_struct_biol.id   1 
# 
loop_
_struct_conf.conf_type_id 
_struct_conf.id 
_struct_conf.pdbx_PDB_helix_id 
_struct_conf.beg_label_comp_id 
_struct_conf.beg_label_asym_id 
_struct_conf.beg_label_seq_id 
_struct_conf.pdbx_beg_PDB_ins_code 
_struct_conf.end_label_comp_id 
_struct_conf.end_label_asym_id 
_struct_conf.end_label_seq_id 
_struct_conf.pdbx_end_PDB_ins_code 
_struct_conf.beg_auth_comp_id 
_struct_conf.beg_auth_asym_id 
_struct_conf.beg_auth_seq_id 
_struct_conf.end_auth_comp_id 
_struct_conf.end_auth_asym_id 
_struct_conf.end_auth_seq_id 
_struct_conf.pdbx_PDB_helix_class 
_struct_conf.details 
_struct_conf.pdbx_PDB_helix_length 
HELX_P HELX_P1 1 PRO A 21  ? GLY A 28  ? PRO A 41  GLY A 48  1 ? 8  
HELX_P HELX_P2 2 PRO A 30  ? TRP A 34  ? PRO A 50  TRP A 54  5 ? 5  
HELX_P HELX_P3 3 SER A 36  ? ARG A 43  ? SER A 56  ARG A 63  1 ? 8  
HELX_P HELX_P4 4 HIS A 45  ? CYS A 62  ? HIS A 65  CYS A 82  1 ? 18 
HELX_P HELX_P5 5 SER A 107 ? HIS A 111 ? SER A 127 HIS A 131 5 ? 5  
# 
_struct_conf_type.id          HELX_P 
_struct_conf_type.criteria    ? 
_struct_conf_type.reference   ? 
# 
loop_
_struct_conn.id 
_struct_conn.conn_type_id 
_struct_conn.pdbx_leaving_atom_flag 
_struct_conn.pdbx_PDB_id 
_struct_conn.ptnr1_label_asym_id 
_struct_conn.ptnr1_label_comp_id 
_struct_conn.ptnr1_label_seq_id 
_struct_conn.ptnr1_label_atom_id 
_struct_conn.pdbx_ptnr1_label_alt_id 
_struct_conn.pdbx_ptnr1_PDB_ins_code 
_struct_conn.pdbx_ptnr1_standard_comp_id 
_struct_conn.ptnr1_symmetry 
_struct_conn.ptnr2_label_asym_id 
_struct_conn.ptnr2_label_comp_id 
_struct_conn.ptnr2_label_seq_id 
_struct_conn.ptnr2_label_atom_id 
_struct_conn.pdbx_ptnr2_label_alt_id 
_struct_conn.pdbx_ptnr2_PDB_ins_code 
_struct_conn.ptnr1_auth_asym_id 
_struct_conn.ptnr1_auth_comp_id 
_struct_conn.ptnr1_auth_seq_id 
_struct_conn.ptnr2_auth_asym_id 
_struct_conn.ptnr2_auth_comp_id 
_struct_conn.ptnr2_auth_seq_id 
_struct_conn.ptnr2_symmetry 
_struct_conn.pdbx_ptnr3_label_atom_id 
_struct_conn.pdbx_ptnr3_label_seq_id 
_struct_conn.pdbx_ptnr3_label_comp_id 
_struct_conn.pdbx_ptnr3_label_asym_id 
_struct_conn.pdbx_ptnr3_label_alt_id 
_struct_conn.pdbx_ptnr3_PDB_ins_code 
_struct_conn.details 
_struct_conn.pdbx_dist_value 
_struct_conn.pdbx_value_order 
_struct_conn.pdbx_role 
covale1 covale both ? A THR 13  C ? ? ? 1_555 A MSE 14  N ? ? A THR 33  A MSE 34  1_555 ? ? ? ? ? ? ? 1.330 ? ? 
covale2 covale both ? A MSE 14  C ? ? ? 1_555 A ALA 15  N ? ? A MSE 34  A ALA 35  1_555 ? ? ? ? ? ? ? 1.327 ? ? 
covale3 covale both ? A ARG 43  C ? ? ? 1_555 A MSE 44  N ? ? A ARG 63  A MSE 64  1_555 ? ? ? ? ? ? ? 1.327 ? ? 
covale4 covale both ? A MSE 44  C ? ? ? 1_555 A HIS 45  N ? ? A MSE 64  A HIS 65  1_555 ? ? ? ? ? ? ? 1.326 ? ? 
covale5 covale both ? A PHE 102 C ? ? ? 1_555 A MSE 103 N ? ? A PHE 122 A MSE 123 1_555 ? ? ? ? ? ? ? 1.327 ? ? 
covale6 covale both ? A MSE 103 C ? ? ? 1_555 A PHE 104 N ? ? A MSE 123 A PHE 124 1_555 ? ? ? ? ? ? ? 1.328 ? ? 
# 
_struct_conn_type.id          covale 
_struct_conn_type.criteria    ? 
_struct_conn_type.reference   ? 
# 
loop_
_pdbx_modification_feature.ordinal 
_pdbx_modification_feature.label_comp_id 
_pdbx_modification_feature.label_asym_id 
_pdbx_modification_feature.label_seq_id 
_pdbx_modification_feature.label_alt_id 
_pdbx_modification_feature.modified_residue_label_comp_id 
_pdbx_modification_feature.modified_residue_label_asym_id 
_pdbx_modification_feature.modified_residue_label_seq_id 
_pdbx_modification_feature.modified_residue_label_alt_id 
_pdbx_modification_feature.auth_comp_id 
_pdbx_modification_feature.auth_asym_id 
_pdbx_modification_feature.auth_seq_id 
_pdbx_modification_feature.PDB_ins_code 
_pdbx_modification_feature.symmetry 
_pdbx_modification_feature.modified_residue_auth_comp_id 
_pdbx_modification_feature.modified_residue_auth_asym_id 
_pdbx_modification_feature.modified_residue_auth_seq_id 
_pdbx_modification_feature.modified_residue_PDB_ins_code 
_pdbx_modification_feature.modified_residue_symmetry 
_pdbx_modification_feature.comp_id_linking_atom 
_pdbx_modification_feature.modified_residue_id_linking_atom 
_pdbx_modification_feature.modified_residue_id 
_pdbx_modification_feature.ref_pcm_id 
_pdbx_modification_feature.ref_comp_id 
_pdbx_modification_feature.type 
_pdbx_modification_feature.category 
1 MSE A 14  ? . . . . MSE A 34  ? 1_555 . . . . . . . MET 1 MSE Selenomethionine 'Named protein modification' 
2 MSE A 44  ? . . . . MSE A 64  ? 1_555 . . . . . . . MET 1 MSE Selenomethionine 'Named protein modification' 
3 MSE A 103 ? . . . . MSE A 123 ? 1_555 . . . . . . . MET 1 MSE Selenomethionine 'Named protein modification' 
# 
_struct_sheet.id               A 
_struct_sheet.type             ? 
_struct_sheet.number_strands   5 
_struct_sheet.details          ? 
# 
loop_
_struct_sheet_order.sheet_id 
_struct_sheet_order.range_id_1 
_struct_sheet_order.range_id_2 
_struct_sheet_order.offset 
_struct_sheet_order.sense 
A 1 2 ? anti-parallel 
A 2 3 ? anti-parallel 
A 3 4 ? anti-parallel 
A 4 5 ? anti-parallel 
# 
loop_
_struct_sheet_range.sheet_id 
_struct_sheet_range.id 
_struct_sheet_range.beg_label_comp_id 
_struct_sheet_range.beg_label_asym_id 
_struct_sheet_range.beg_label_seq_id 
_struct_sheet_range.pdbx_beg_PDB_ins_code 
_struct_sheet_range.end_label_comp_id 
_struct_sheet_range.end_label_asym_id 
_struct_sheet_range.end_label_seq_id 
_struct_sheet_range.pdbx_end_PDB_ins_code 
_struct_sheet_range.beg_auth_comp_id 
_struct_sheet_range.beg_auth_asym_id 
_struct_sheet_range.beg_auth_seq_id 
_struct_sheet_range.end_auth_comp_id 
_struct_sheet_range.end_auth_asym_id 
_struct_sheet_range.end_auth_seq_id 
A 1 ALA A 15 ? ILE A 19  ? ALA A 35  ILE A 39  
A 2 ILE A 5  ? ASN A 10  ? ILE A 25  ASN A 30  
A 3 VAL A 96 ? ASP A 105 ? VAL A 116 ASP A 125 
A 4 TYR A 79 ? ARG A 90  ? TYR A 99  ARG A 110 
A 5 HIS A 66 ? LEU A 73  ? HIS A 86  LEU A 93  
# 
loop_
_pdbx_struct_sheet_hbond.sheet_id 
_pdbx_struct_sheet_hbond.range_id_1 
_pdbx_struct_sheet_hbond.range_id_2 
_pdbx_struct_sheet_hbond.range_1_label_atom_id 
_pdbx_struct_sheet_hbond.range_1_label_comp_id 
_pdbx_struct_sheet_hbond.range_1_label_asym_id 
_pdbx_struct_sheet_hbond.range_1_label_seq_id 
_pdbx_struct_sheet_hbond.range_1_PDB_ins_code 
_pdbx_struct_sheet_hbond.range_1_auth_atom_id 
_pdbx_struct_sheet_hbond.range_1_auth_comp_id 
_pdbx_struct_sheet_hbond.range_1_auth_asym_id 
_pdbx_struct_sheet_hbond.range_1_auth_seq_id 
_pdbx_struct_sheet_hbond.range_2_label_atom_id 
_pdbx_struct_sheet_hbond.range_2_label_comp_id 
_pdbx_struct_sheet_hbond.range_2_label_asym_id 
_pdbx_struct_sheet_hbond.range_2_label_seq_id 
_pdbx_struct_sheet_hbond.range_2_PDB_ins_code 
_pdbx_struct_sheet_hbond.range_2_auth_atom_id 
_pdbx_struct_sheet_hbond.range_2_auth_comp_id 
_pdbx_struct_sheet_hbond.range_2_auth_asym_id 
_pdbx_struct_sheet_hbond.range_2_auth_seq_id 
A 1 2 O ALA A 15 ? O ALA A 35  N ASN A 10 ? N ASN A 30  
A 2 3 N ILE A 9  ? N ILE A 29  O LEU A 99 ? O LEU A 119 
A 3 4 O GLU A 97 ? O GLU A 117 N VAL A 89 ? N VAL A 109 
A 4 5 O VAL A 80 ? O VAL A 100 N ALA A 72 ? N ALA A 92  
# 
_pdbx_entry_details.entry_id                   3H9W 
_pdbx_entry_details.compound_details           ? 
_pdbx_entry_details.source_details             ? 
_pdbx_entry_details.nonpolymer_details         ? 
_pdbx_entry_details.sequence_details           ? 
_pdbx_entry_details.has_ligand_of_interest     ? 
_pdbx_entry_details.has_protein_modification   Y 
# 
_pdbx_validate_torsion.id              1 
_pdbx_validate_torsion.PDB_model_num   1 
_pdbx_validate_torsion.auth_comp_id    TRP 
_pdbx_validate_torsion.auth_asym_id    A 
_pdbx_validate_torsion.auth_seq_id     71 
_pdbx_validate_torsion.PDB_ins_code    ? 
_pdbx_validate_torsion.label_alt_id    ? 
_pdbx_validate_torsion.phi             -144.57 
_pdbx_validate_torsion.psi             -34.25 
# 
_pdbx_SG_project.id                    1 
_pdbx_SG_project.project_name          'PSI, Protein Structure Initiative' 
_pdbx_SG_project.full_name_of_center   'Northeast Structural Genomics Consortium' 
_pdbx_SG_project.initial_of_center     NESG 
# 
loop_
_pdbx_struct_mod_residue.id 
_pdbx_struct_mod_residue.label_asym_id 
_pdbx_struct_mod_residue.label_comp_id 
_pdbx_struct_mod_residue.label_seq_id 
_pdbx_struct_mod_residue.auth_asym_id 
_pdbx_struct_mod_residue.auth_comp_id 
_pdbx_struct_mod_residue.auth_seq_id 
_pdbx_struct_mod_residue.PDB_ins_code 
_pdbx_struct_mod_residue.parent_comp_id 
_pdbx_struct_mod_residue.details 
1 A MSE 14  A MSE 34  ? MET SELENOMETHIONINE 
2 A MSE 44  A MSE 64  ? MET SELENOMETHIONINE 
3 A MSE 103 A MSE 123 ? MET SELENOMETHIONINE 
# 
loop_
_pdbx_unobs_or_zero_occ_residues.id 
_pdbx_unobs_or_zero_occ_residues.PDB_model_num 
_pdbx_unobs_or_zero_occ_residues.polymer_flag 
_pdbx_unobs_or_zero_occ_residues.occupancy_flag 
_pdbx_unobs_or_zero_occ_residues.auth_asym_id 
_pdbx_unobs_or_zero_occ_residues.auth_comp_id 
_pdbx_unobs_or_zero_occ_residues.auth_seq_id 
_pdbx_unobs_or_zero_occ_residues.PDB_ins_code 
_pdbx_unobs_or_zero_occ_residues.label_asym_id 
_pdbx_unobs_or_zero_occ_residues.label_comp_id 
_pdbx_unobs_or_zero_occ_residues.label_seq_id 
1 1 Y 1 A MSE 21  ? A MSE 1   
2 1 Y 1 A THR 22  ? A THR 2   
3 1 Y 1 A HIS 132 ? A HIS 112 
4 1 Y 1 A HIS 133 ? A HIS 113 
5 1 Y 1 A HIS 134 ? A HIS 114 
6 1 Y 1 A HIS 135 ? A HIS 115 
# 
loop_
_chem_comp_atom.comp_id 
_chem_comp_atom.atom_id 
_chem_comp_atom.type_symbol 
_chem_comp_atom.pdbx_aromatic_flag 
_chem_comp_atom.pdbx_stereo_config 
_chem_comp_atom.pdbx_ordinal 
ALA N    N  N N 1   
ALA CA   C  N S 2   
ALA C    C  N N 3   
ALA O    O  N N 4   
ALA CB   C  N N 5   
ALA OXT  O  N N 6   
ALA H    H  N N 7   
ALA H2   H  N N 8   
ALA HA   H  N N 9   
ALA HB1  H  N N 10  
ALA HB2  H  N N 11  
ALA HB3  H  N N 12  
ALA HXT  H  N N 13  
ARG N    N  N N 14  
ARG CA   C  N S 15  
ARG C    C  N N 16  
ARG O    O  N N 17  
ARG CB   C  N N 18  
ARG CG   C  N N 19  
ARG CD   C  N N 20  
ARG NE   N  N N 21  
ARG CZ   C  N N 22  
ARG NH1  N  N N 23  
ARG NH2  N  N N 24  
ARG OXT  O  N N 25  
ARG H    H  N N 26  
ARG H2   H  N N 27  
ARG HA   H  N N 28  
ARG HB2  H  N N 29  
ARG HB3  H  N N 30  
ARG HG2  H  N N 31  
ARG HG3  H  N N 32  
ARG HD2  H  N N 33  
ARG HD3  H  N N 34  
ARG HE   H  N N 35  
ARG HH11 H  N N 36  
ARG HH12 H  N N 37  
ARG HH21 H  N N 38  
ARG HH22 H  N N 39  
ARG HXT  H  N N 40  
ASN N    N  N N 41  
ASN CA   C  N S 42  
ASN C    C  N N 43  
ASN O    O  N N 44  
ASN CB   C  N N 45  
ASN CG   C  N N 46  
ASN OD1  O  N N 47  
ASN ND2  N  N N 48  
ASN OXT  O  N N 49  
ASN H    H  N N 50  
ASN H2   H  N N 51  
ASN HA   H  N N 52  
ASN HB2  H  N N 53  
ASN HB3  H  N N 54  
ASN HD21 H  N N 55  
ASN HD22 H  N N 56  
ASN HXT  H  N N 57  
ASP N    N  N N 58  
ASP CA   C  N S 59  
ASP C    C  N N 60  
ASP O    O  N N 61  
ASP CB   C  N N 62  
ASP CG   C  N N 63  
ASP OD1  O  N N 64  
ASP OD2  O  N N 65  
ASP OXT  O  N N 66  
ASP H    H  N N 67  
ASP H2   H  N N 68  
ASP HA   H  N N 69  
ASP HB2  H  N N 70  
ASP HB3  H  N N 71  
ASP HD2  H  N N 72  
ASP HXT  H  N N 73  
CYS N    N  N N 74  
CYS CA   C  N R 75  
CYS C    C  N N 76  
CYS O    O  N N 77  
CYS CB   C  N N 78  
CYS SG   S  N N 79  
CYS OXT  O  N N 80  
CYS H    H  N N 81  
CYS H2   H  N N 82  
CYS HA   H  N N 83  
CYS HB2  H  N N 84  
CYS HB3  H  N N 85  
CYS HG   H  N N 86  
CYS HXT  H  N N 87  
GLN N    N  N N 88  
GLN CA   C  N S 89  
GLN C    C  N N 90  
GLN O    O  N N 91  
GLN CB   C  N N 92  
GLN CG   C  N N 93  
GLN CD   C  N N 94  
GLN OE1  O  N N 95  
GLN NE2  N  N N 96  
GLN OXT  O  N N 97  
GLN H    H  N N 98  
GLN H2   H  N N 99  
GLN HA   H  N N 100 
GLN HB2  H  N N 101 
GLN HB3  H  N N 102 
GLN HG2  H  N N 103 
GLN HG3  H  N N 104 
GLN HE21 H  N N 105 
GLN HE22 H  N N 106 
GLN HXT  H  N N 107 
GLU N    N  N N 108 
GLU CA   C  N S 109 
GLU C    C  N N 110 
GLU O    O  N N 111 
GLU CB   C  N N 112 
GLU CG   C  N N 113 
GLU CD   C  N N 114 
GLU OE1  O  N N 115 
GLU OE2  O  N N 116 
GLU OXT  O  N N 117 
GLU H    H  N N 118 
GLU H2   H  N N 119 
GLU HA   H  N N 120 
GLU HB2  H  N N 121 
GLU HB3  H  N N 122 
GLU HG2  H  N N 123 
GLU HG3  H  N N 124 
GLU HE2  H  N N 125 
GLU HXT  H  N N 126 
GLY N    N  N N 127 
GLY CA   C  N N 128 
GLY C    C  N N 129 
GLY O    O  N N 130 
GLY OXT  O  N N 131 
GLY H    H  N N 132 
GLY H2   H  N N 133 
GLY HA2  H  N N 134 
GLY HA3  H  N N 135 
GLY HXT  H  N N 136 
HIS N    N  N N 137 
HIS CA   C  N S 138 
HIS C    C  N N 139 
HIS O    O  N N 140 
HIS CB   C  N N 141 
HIS CG   C  Y N 142 
HIS ND1  N  Y N 143 
HIS CD2  C  Y N 144 
HIS CE1  C  Y N 145 
HIS NE2  N  Y N 146 
HIS OXT  O  N N 147 
HIS H    H  N N 148 
HIS H2   H  N N 149 
HIS HA   H  N N 150 
HIS HB2  H  N N 151 
HIS HB3  H  N N 152 
HIS HD1  H  N N 153 
HIS HD2  H  N N 154 
HIS HE1  H  N N 155 
HIS HE2  H  N N 156 
HIS HXT  H  N N 157 
HOH O    O  N N 158 
HOH H1   H  N N 159 
HOH H2   H  N N 160 
ILE N    N  N N 161 
ILE CA   C  N S 162 
ILE C    C  N N 163 
ILE O    O  N N 164 
ILE CB   C  N S 165 
ILE CG1  C  N N 166 
ILE CG2  C  N N 167 
ILE CD1  C  N N 168 
ILE OXT  O  N N 169 
ILE H    H  N N 170 
ILE H2   H  N N 171 
ILE HA   H  N N 172 
ILE HB   H  N N 173 
ILE HG12 H  N N 174 
ILE HG13 H  N N 175 
ILE HG21 H  N N 176 
ILE HG22 H  N N 177 
ILE HG23 H  N N 178 
ILE HD11 H  N N 179 
ILE HD12 H  N N 180 
ILE HD13 H  N N 181 
ILE HXT  H  N N 182 
LEU N    N  N N 183 
LEU CA   C  N S 184 
LEU C    C  N N 185 
LEU O    O  N N 186 
LEU CB   C  N N 187 
LEU CG   C  N N 188 
LEU CD1  C  N N 189 
LEU CD2  C  N N 190 
LEU OXT  O  N N 191 
LEU H    H  N N 192 
LEU H2   H  N N 193 
LEU HA   H  N N 194 
LEU HB2  H  N N 195 
LEU HB3  H  N N 196 
LEU HG   H  N N 197 
LEU HD11 H  N N 198 
LEU HD12 H  N N 199 
LEU HD13 H  N N 200 
LEU HD21 H  N N 201 
LEU HD22 H  N N 202 
LEU HD23 H  N N 203 
LEU HXT  H  N N 204 
LYS N    N  N N 205 
LYS CA   C  N S 206 
LYS C    C  N N 207 
LYS O    O  N N 208 
LYS CB   C  N N 209 
LYS CG   C  N N 210 
LYS CD   C  N N 211 
LYS CE   C  N N 212 
LYS NZ   N  N N 213 
LYS OXT  O  N N 214 
LYS H    H  N N 215 
LYS H2   H  N N 216 
LYS HA   H  N N 217 
LYS HB2  H  N N 218 
LYS HB3  H  N N 219 
LYS HG2  H  N N 220 
LYS HG3  H  N N 221 
LYS HD2  H  N N 222 
LYS HD3  H  N N 223 
LYS HE2  H  N N 224 
LYS HE3  H  N N 225 
LYS HZ1  H  N N 226 
LYS HZ2  H  N N 227 
LYS HZ3  H  N N 228 
LYS HXT  H  N N 229 
MSE N    N  N N 230 
MSE CA   C  N S 231 
MSE C    C  N N 232 
MSE O    O  N N 233 
MSE OXT  O  N N 234 
MSE CB   C  N N 235 
MSE CG   C  N N 236 
MSE SE   SE N N 237 
MSE CE   C  N N 238 
MSE H    H  N N 239 
MSE H2   H  N N 240 
MSE HA   H  N N 241 
MSE HXT  H  N N 242 
MSE HB2  H  N N 243 
MSE HB3  H  N N 244 
MSE HG2  H  N N 245 
MSE HG3  H  N N 246 
MSE HE1  H  N N 247 
MSE HE2  H  N N 248 
MSE HE3  H  N N 249 
PHE N    N  N N 250 
PHE CA   C  N S 251 
PHE C    C  N N 252 
PHE O    O  N N 253 
PHE CB   C  N N 254 
PHE CG   C  Y N 255 
PHE CD1  C  Y N 256 
PHE CD2  C  Y N 257 
PHE CE1  C  Y N 258 
PHE CE2  C  Y N 259 
PHE CZ   C  Y N 260 
PHE OXT  O  N N 261 
PHE H    H  N N 262 
PHE H2   H  N N 263 
PHE HA   H  N N 264 
PHE HB2  H  N N 265 
PHE HB3  H  N N 266 
PHE HD1  H  N N 267 
PHE HD2  H  N N 268 
PHE HE1  H  N N 269 
PHE HE2  H  N N 270 
PHE HZ   H  N N 271 
PHE HXT  H  N N 272 
PRO N    N  N N 273 
PRO CA   C  N S 274 
PRO C    C  N N 275 
PRO O    O  N N 276 
PRO CB   C  N N 277 
PRO CG   C  N N 278 
PRO CD   C  N N 279 
PRO OXT  O  N N 280 
PRO H    H  N N 281 
PRO HA   H  N N 282 
PRO HB2  H  N N 283 
PRO HB3  H  N N 284 
PRO HG2  H  N N 285 
PRO HG3  H  N N 286 
PRO HD2  H  N N 287 
PRO HD3  H  N N 288 
PRO HXT  H  N N 289 
SER N    N  N N 290 
SER CA   C  N S 291 
SER C    C  N N 292 
SER O    O  N N 293 
SER CB   C  N N 294 
SER OG   O  N N 295 
SER OXT  O  N N 296 
SER H    H  N N 297 
SER H2   H  N N 298 
SER HA   H  N N 299 
SER HB2  H  N N 300 
SER HB3  H  N N 301 
SER HG   H  N N 302 
SER HXT  H  N N 303 
THR N    N  N N 304 
THR CA   C  N S 305 
THR C    C  N N 306 
THR O    O  N N 307 
THR CB   C  N R 308 
THR OG1  O  N N 309 
THR CG2  C  N N 310 
THR OXT  O  N N 311 
THR H    H  N N 312 
THR H2   H  N N 313 
THR HA   H  N N 314 
THR HB   H  N N 315 
THR HG1  H  N N 316 
THR HG21 H  N N 317 
THR HG22 H  N N 318 
THR HG23 H  N N 319 
THR HXT  H  N N 320 
TRP N    N  N N 321 
TRP CA   C  N S 322 
TRP C    C  N N 323 
TRP O    O  N N 324 
TRP CB   C  N N 325 
TRP CG   C  Y N 326 
TRP CD1  C  Y N 327 
TRP CD2  C  Y N 328 
TRP NE1  N  Y N 329 
TRP CE2  C  Y N 330 
TRP CE3  C  Y N 331 
TRP CZ2  C  Y N 332 
TRP CZ3  C  Y N 333 
TRP CH2  C  Y N 334 
TRP OXT  O  N N 335 
TRP H    H  N N 336 
TRP H2   H  N N 337 
TRP HA   H  N N 338 
TRP HB2  H  N N 339 
TRP HB3  H  N N 340 
TRP HD1  H  N N 341 
TRP HE1  H  N N 342 
TRP HE3  H  N N 343 
TRP HZ2  H  N N 344 
TRP HZ3  H  N N 345 
TRP HH2  H  N N 346 
TRP HXT  H  N N 347 
TYR N    N  N N 348 
TYR CA   C  N S 349 
TYR C    C  N N 350 
TYR O    O  N N 351 
TYR CB   C  N N 352 
TYR CG   C  Y N 353 
TYR CD1  C  Y N 354 
TYR CD2  C  Y N 355 
TYR CE1  C  Y N 356 
TYR CE2  C  Y N 357 
TYR CZ   C  Y N 358 
TYR OH   O  N N 359 
TYR OXT  O  N N 360 
TYR H    H  N N 361 
TYR H2   H  N N 362 
TYR HA   H  N N 363 
TYR HB2  H  N N 364 
TYR HB3  H  N N 365 
TYR HD1  H  N N 366 
TYR HD2  H  N N 367 
TYR HE1  H  N N 368 
TYR HE2  H  N N 369 
TYR HH   H  N N 370 
TYR HXT  H  N N 371 
VAL N    N  N N 372 
VAL CA   C  N S 373 
VAL C    C  N N 374 
VAL O    O  N N 375 
VAL CB   C  N N 376 
VAL CG1  C  N N 377 
VAL CG2  C  N N 378 
VAL OXT  O  N N 379 
VAL H    H  N N 380 
VAL H2   H  N N 381 
VAL HA   H  N N 382 
VAL HB   H  N N 383 
VAL HG11 H  N N 384 
VAL HG12 H  N N 385 
VAL HG13 H  N N 386 
VAL HG21 H  N N 387 
VAL HG22 H  N N 388 
VAL HG23 H  N N 389 
VAL HXT  H  N N 390 
# 
loop_
_chem_comp_bond.comp_id 
_chem_comp_bond.atom_id_1 
_chem_comp_bond.atom_id_2 
_chem_comp_bond.value_order 
_chem_comp_bond.pdbx_aromatic_flag 
_chem_comp_bond.pdbx_stereo_config 
_chem_comp_bond.pdbx_ordinal 
ALA N   CA   sing N N 1   
ALA N   H    sing N N 2   
ALA N   H2   sing N N 3   
ALA CA  C    sing N N 4   
ALA CA  CB   sing N N 5   
ALA CA  HA   sing N N 6   
ALA C   O    doub N N 7   
ALA C   OXT  sing N N 8   
ALA CB  HB1  sing N N 9   
ALA CB  HB2  sing N N 10  
ALA CB  HB3  sing N N 11  
ALA OXT HXT  sing N N 12  
ARG N   CA   sing N N 13  
ARG N   H    sing N N 14  
ARG N   H2   sing N N 15  
ARG CA  C    sing N N 16  
ARG CA  CB   sing N N 17  
ARG CA  HA   sing N N 18  
ARG C   O    doub N N 19  
ARG C   OXT  sing N N 20  
ARG CB  CG   sing N N 21  
ARG CB  HB2  sing N N 22  
ARG CB  HB3  sing N N 23  
ARG CG  CD   sing N N 24  
ARG CG  HG2  sing N N 25  
ARG CG  HG3  sing N N 26  
ARG CD  NE   sing N N 27  
ARG CD  HD2  sing N N 28  
ARG CD  HD3  sing N N 29  
ARG NE  CZ   sing N N 30  
ARG NE  HE   sing N N 31  
ARG CZ  NH1  sing N N 32  
ARG CZ  NH2  doub N N 33  
ARG NH1 HH11 sing N N 34  
ARG NH1 HH12 sing N N 35  
ARG NH2 HH21 sing N N 36  
ARG NH2 HH22 sing N N 37  
ARG OXT HXT  sing N N 38  
ASN N   CA   sing N N 39  
ASN N   H    sing N N 40  
ASN N   H2   sing N N 41  
ASN CA  C    sing N N 42  
ASN CA  CB   sing N N 43  
ASN CA  HA   sing N N 44  
ASN C   O    doub N N 45  
ASN C   OXT  sing N N 46  
ASN CB  CG   sing N N 47  
ASN CB  HB2  sing N N 48  
ASN CB  HB3  sing N N 49  
ASN CG  OD1  doub N N 50  
ASN CG  ND2  sing N N 51  
ASN ND2 HD21 sing N N 52  
ASN ND2 HD22 sing N N 53  
ASN OXT HXT  sing N N 54  
ASP N   CA   sing N N 55  
ASP N   H    sing N N 56  
ASP N   H2   sing N N 57  
ASP CA  C    sing N N 58  
ASP CA  CB   sing N N 59  
ASP CA  HA   sing N N 60  
ASP C   O    doub N N 61  
ASP C   OXT  sing N N 62  
ASP CB  CG   sing N N 63  
ASP CB  HB2  sing N N 64  
ASP CB  HB3  sing N N 65  
ASP CG  OD1  doub N N 66  
ASP CG  OD2  sing N N 67  
ASP OD2 HD2  sing N N 68  
ASP OXT HXT  sing N N 69  
CYS N   CA   sing N N 70  
CYS N   H    sing N N 71  
CYS N   H2   sing N N 72  
CYS CA  C    sing N N 73  
CYS CA  CB   sing N N 74  
CYS CA  HA   sing N N 75  
CYS C   O    doub N N 76  
CYS C   OXT  sing N N 77  
CYS CB  SG   sing N N 78  
CYS CB  HB2  sing N N 79  
CYS CB  HB3  sing N N 80  
CYS SG  HG   sing N N 81  
CYS OXT HXT  sing N N 82  
GLN N   CA   sing N N 83  
GLN N   H    sing N N 84  
GLN N   H2   sing N N 85  
GLN CA  C    sing N N 86  
GLN CA  CB   sing N N 87  
GLN CA  HA   sing N N 88  
GLN C   O    doub N N 89  
GLN C   OXT  sing N N 90  
GLN CB  CG   sing N N 91  
GLN CB  HB2  sing N N 92  
GLN CB  HB3  sing N N 93  
GLN CG  CD   sing N N 94  
GLN CG  HG2  sing N N 95  
GLN CG  HG3  sing N N 96  
GLN CD  OE1  doub N N 97  
GLN CD  NE2  sing N N 98  
GLN NE2 HE21 sing N N 99  
GLN NE2 HE22 sing N N 100 
GLN OXT HXT  sing N N 101 
GLU N   CA   sing N N 102 
GLU N   H    sing N N 103 
GLU N   H2   sing N N 104 
GLU CA  C    sing N N 105 
GLU CA  CB   sing N N 106 
GLU CA  HA   sing N N 107 
GLU C   O    doub N N 108 
GLU C   OXT  sing N N 109 
GLU CB  CG   sing N N 110 
GLU CB  HB2  sing N N 111 
GLU CB  HB3  sing N N 112 
GLU CG  CD   sing N N 113 
GLU CG  HG2  sing N N 114 
GLU CG  HG3  sing N N 115 
GLU CD  OE1  doub N N 116 
GLU CD  OE2  sing N N 117 
GLU OE2 HE2  sing N N 118 
GLU OXT HXT  sing N N 119 
GLY N   CA   sing N N 120 
GLY N   H    sing N N 121 
GLY N   H2   sing N N 122 
GLY CA  C    sing N N 123 
GLY CA  HA2  sing N N 124 
GLY CA  HA3  sing N N 125 
GLY C   O    doub N N 126 
GLY C   OXT  sing N N 127 
GLY OXT HXT  sing N N 128 
HIS N   CA   sing N N 129 
HIS N   H    sing N N 130 
HIS N   H2   sing N N 131 
HIS CA  C    sing N N 132 
HIS CA  CB   sing N N 133 
HIS CA  HA   sing N N 134 
HIS C   O    doub N N 135 
HIS C   OXT  sing N N 136 
HIS CB  CG   sing N N 137 
HIS CB  HB2  sing N N 138 
HIS CB  HB3  sing N N 139 
HIS CG  ND1  sing Y N 140 
HIS CG  CD2  doub Y N 141 
HIS ND1 CE1  doub Y N 142 
HIS ND1 HD1  sing N N 143 
HIS CD2 NE2  sing Y N 144 
HIS CD2 HD2  sing N N 145 
HIS CE1 NE2  sing Y N 146 
HIS CE1 HE1  sing N N 147 
HIS NE2 HE2  sing N N 148 
HIS OXT HXT  sing N N 149 
HOH O   H1   sing N N 150 
HOH O   H2   sing N N 151 
ILE N   CA   sing N N 152 
ILE N   H    sing N N 153 
ILE N   H2   sing N N 154 
ILE CA  C    sing N N 155 
ILE CA  CB   sing N N 156 
ILE CA  HA   sing N N 157 
ILE C   O    doub N N 158 
ILE C   OXT  sing N N 159 
ILE CB  CG1  sing N N 160 
ILE CB  CG2  sing N N 161 
ILE CB  HB   sing N N 162 
ILE CG1 CD1  sing N N 163 
ILE CG1 HG12 sing N N 164 
ILE CG1 HG13 sing N N 165 
ILE CG2 HG21 sing N N 166 
ILE CG2 HG22 sing N N 167 
ILE CG2 HG23 sing N N 168 
ILE CD1 HD11 sing N N 169 
ILE CD1 HD12 sing N N 170 
ILE CD1 HD13 sing N N 171 
ILE OXT HXT  sing N N 172 
LEU N   CA   sing N N 173 
LEU N   H    sing N N 174 
LEU N   H2   sing N N 175 
LEU CA  C    sing N N 176 
LEU CA  CB   sing N N 177 
LEU CA  HA   sing N N 178 
LEU C   O    doub N N 179 
LEU C   OXT  sing N N 180 
LEU CB  CG   sing N N 181 
LEU CB  HB2  sing N N 182 
LEU CB  HB3  sing N N 183 
LEU CG  CD1  sing N N 184 
LEU CG  CD2  sing N N 185 
LEU CG  HG   sing N N 186 
LEU CD1 HD11 sing N N 187 
LEU CD1 HD12 sing N N 188 
LEU CD1 HD13 sing N N 189 
LEU CD2 HD21 sing N N 190 
LEU CD2 HD22 sing N N 191 
LEU CD2 HD23 sing N N 192 
LEU OXT HXT  sing N N 193 
LYS N   CA   sing N N 194 
LYS N   H    sing N N 195 
LYS N   H2   sing N N 196 
LYS CA  C    sing N N 197 
LYS CA  CB   sing N N 198 
LYS CA  HA   sing N N 199 
LYS C   O    doub N N 200 
LYS C   OXT  sing N N 201 
LYS CB  CG   sing N N 202 
LYS CB  HB2  sing N N 203 
LYS CB  HB3  sing N N 204 
LYS CG  CD   sing N N 205 
LYS CG  HG2  sing N N 206 
LYS CG  HG3  sing N N 207 
LYS CD  CE   sing N N 208 
LYS CD  HD2  sing N N 209 
LYS CD  HD3  sing N N 210 
LYS CE  NZ   sing N N 211 
LYS CE  HE2  sing N N 212 
LYS CE  HE3  sing N N 213 
LYS NZ  HZ1  sing N N 214 
LYS NZ  HZ2  sing N N 215 
LYS NZ  HZ3  sing N N 216 
LYS OXT HXT  sing N N 217 
MSE N   CA   sing N N 218 
MSE N   H    sing N N 219 
MSE N   H2   sing N N 220 
MSE CA  C    sing N N 221 
MSE CA  CB   sing N N 222 
MSE CA  HA   sing N N 223 
MSE C   O    doub N N 224 
MSE C   OXT  sing N N 225 
MSE OXT HXT  sing N N 226 
MSE CB  CG   sing N N 227 
MSE CB  HB2  sing N N 228 
MSE CB  HB3  sing N N 229 
MSE CG  SE   sing N N 230 
MSE CG  HG2  sing N N 231 
MSE CG  HG3  sing N N 232 
MSE SE  CE   sing N N 233 
MSE CE  HE1  sing N N 234 
MSE CE  HE2  sing N N 235 
MSE CE  HE3  sing N N 236 
PHE N   CA   sing N N 237 
PHE N   H    sing N N 238 
PHE N   H2   sing N N 239 
PHE CA  C    sing N N 240 
PHE CA  CB   sing N N 241 
PHE CA  HA   sing N N 242 
PHE C   O    doub N N 243 
PHE C   OXT  sing N N 244 
PHE CB  CG   sing N N 245 
PHE CB  HB2  sing N N 246 
PHE CB  HB3  sing N N 247 
PHE CG  CD1  doub Y N 248 
PHE CG  CD2  sing Y N 249 
PHE CD1 CE1  sing Y N 250 
PHE CD1 HD1  sing N N 251 
PHE CD2 CE2  doub Y N 252 
PHE CD2 HD2  sing N N 253 
PHE CE1 CZ   doub Y N 254 
PHE CE1 HE1  sing N N 255 
PHE CE2 CZ   sing Y N 256 
PHE CE2 HE2  sing N N 257 
PHE CZ  HZ   sing N N 258 
PHE OXT HXT  sing N N 259 
PRO N   CA   sing N N 260 
PRO N   CD   sing N N 261 
PRO N   H    sing N N 262 
PRO CA  C    sing N N 263 
PRO CA  CB   sing N N 264 
PRO CA  HA   sing N N 265 
PRO C   O    doub N N 266 
PRO C   OXT  sing N N 267 
PRO CB  CG   sing N N 268 
PRO CB  HB2  sing N N 269 
PRO CB  HB3  sing N N 270 
PRO CG  CD   sing N N 271 
PRO CG  HG2  sing N N 272 
PRO CG  HG3  sing N N 273 
PRO CD  HD2  sing N N 274 
PRO CD  HD3  sing N N 275 
PRO OXT HXT  sing N N 276 
SER N   CA   sing N N 277 
SER N   H    sing N N 278 
SER N   H2   sing N N 279 
SER CA  C    sing N N 280 
SER CA  CB   sing N N 281 
SER CA  HA   sing N N 282 
SER C   O    doub N N 283 
SER C   OXT  sing N N 284 
SER CB  OG   sing N N 285 
SER CB  HB2  sing N N 286 
SER CB  HB3  sing N N 287 
SER OG  HG   sing N N 288 
SER OXT HXT  sing N N 289 
THR N   CA   sing N N 290 
THR N   H    sing N N 291 
THR N   H2   sing N N 292 
THR CA  C    sing N N 293 
THR CA  CB   sing N N 294 
THR CA  HA   sing N N 295 
THR C   O    doub N N 296 
THR C   OXT  sing N N 297 
THR CB  OG1  sing N N 298 
THR CB  CG2  sing N N 299 
THR CB  HB   sing N N 300 
THR OG1 HG1  sing N N 301 
THR CG2 HG21 sing N N 302 
THR CG2 HG22 sing N N 303 
THR CG2 HG23 sing N N 304 
THR OXT HXT  sing N N 305 
TRP N   CA   sing N N 306 
TRP N   H    sing N N 307 
TRP N   H2   sing N N 308 
TRP CA  C    sing N N 309 
TRP CA  CB   sing N N 310 
TRP CA  HA   sing N N 311 
TRP C   O    doub N N 312 
TRP C   OXT  sing N N 313 
TRP CB  CG   sing N N 314 
TRP CB  HB2  sing N N 315 
TRP CB  HB3  sing N N 316 
TRP CG  CD1  doub Y N 317 
TRP CG  CD2  sing Y N 318 
TRP CD1 NE1  sing Y N 319 
TRP CD1 HD1  sing N N 320 
TRP CD2 CE2  doub Y N 321 
TRP CD2 CE3  sing Y N 322 
TRP NE1 CE2  sing Y N 323 
TRP NE1 HE1  sing N N 324 
TRP CE2 CZ2  sing Y N 325 
TRP CE3 CZ3  doub Y N 326 
TRP CE3 HE3  sing N N 327 
TRP CZ2 CH2  doub Y N 328 
TRP CZ2 HZ2  sing N N 329 
TRP CZ3 CH2  sing Y N 330 
TRP CZ3 HZ3  sing N N 331 
TRP CH2 HH2  sing N N 332 
TRP OXT HXT  sing N N 333 
TYR N   CA   sing N N 334 
TYR N   H    sing N N 335 
TYR N   H2   sing N N 336 
TYR CA  C    sing N N 337 
TYR CA  CB   sing N N 338 
TYR CA  HA   sing N N 339 
TYR C   O    doub N N 340 
TYR C   OXT  sing N N 341 
TYR CB  CG   sing N N 342 
TYR CB  HB2  sing N N 343 
TYR CB  HB3  sing N N 344 
TYR CG  CD1  doub Y N 345 
TYR CG  CD2  sing Y N 346 
TYR CD1 CE1  sing Y N 347 
TYR CD1 HD1  sing N N 348 
TYR CD2 CE2  doub Y N 349 
TYR CD2 HD2  sing N N 350 
TYR CE1 CZ   doub Y N 351 
TYR CE1 HE1  sing N N 352 
TYR CE2 CZ   sing Y N 353 
TYR CE2 HE2  sing N N 354 
TYR CZ  OH   sing N N 355 
TYR OH  HH   sing N N 356 
TYR OXT HXT  sing N N 357 
VAL N   CA   sing N N 358 
VAL N   H    sing N N 359 
VAL N   H2   sing N N 360 
VAL CA  C    sing N N 361 
VAL CA  CB   sing N N 362 
VAL CA  HA   sing N N 363 
VAL C   O    doub N N 364 
VAL C   OXT  sing N N 365 
VAL CB  CG1  sing N N 366 
VAL CB  CG2  sing N N 367 
VAL CB  HB   sing N N 368 
VAL CG1 HG11 sing N N 369 
VAL CG1 HG12 sing N N 370 
VAL CG1 HG13 sing N N 371 
VAL CG2 HG21 sing N N 372 
VAL CG2 HG22 sing N N 373 
VAL CG2 HG23 sing N N 374 
VAL OXT HXT  sing N N 375 
# 
_atom_sites.entry_id                    3H9W 
_atom_sites.fract_transf_matrix[1][1]   -0.01151687 
_atom_sites.fract_transf_matrix[1][2]   0.00770839 
_atom_sites.fract_transf_matrix[1][3]   -0.01550252 
_atom_sites.fract_transf_matrix[2][1]   0.00571318 
_atom_sites.fract_transf_matrix[2][2]   0.01763476 
_atom_sites.fract_transf_matrix[2][3]   -0.00942153 
_atom_sites.fract_transf_matrix[3][1]   0.00393520 
_atom_sites.fract_transf_matrix[3][2]   -0.00386300 
_atom_sites.fract_transf_matrix[3][3]   -0.00484428 
_atom_sites.fract_transf_vector[1]      0.706293 
_atom_sites.fract_transf_vector[2]      0.681855 
_atom_sites.fract_transf_vector[3]      0.559706 
# 
loop_
_atom_type.symbol 
C  
N  
O  
S  
SE 
# 
loop_
_atom_site.group_PDB 
_atom_site.id 
_atom_site.type_symbol 
_atom_site.label_atom_id 
_atom_site.label_alt_id 
_atom_site.label_comp_id 
_atom_site.label_asym_id 
_atom_site.label_entity_id 
_atom_site.label_seq_id 
_atom_site.pdbx_PDB_ins_code 
_atom_site.Cartn_x 
_atom_site.Cartn_y 
_atom_site.Cartn_z 
_atom_site.occupancy 
_atom_site.B_iso_or_equiv 
_atom_site.pdbx_formal_charge 
_atom_site.auth_seq_id 
_atom_site.auth_comp_id 
_atom_site.auth_asym_id 
_atom_site.auth_atom_id 
_atom_site.pdbx_PDB_model_num 
ATOM   1   N  N   . LYS A 1 3   ? 2.957   -3.294  15.206  1.00 33.37 ? 23  LYS A N   1 
ATOM   2   C  CA  . LYS A 1 3   ? 3.361   -2.078  14.441  1.00 41.84 ? 23  LYS A CA  1 
ATOM   3   C  C   . LYS A 1 3   ? 3.060   -2.267  12.959  1.00 34.34 ? 23  LYS A C   1 
ATOM   4   O  O   . LYS A 1 3   ? 2.695   -1.316  12.266  1.00 40.89 ? 23  LYS A O   1 
ATOM   5   C  CB  . LYS A 1 3   ? 4.858   -1.795  14.636  1.00 41.69 ? 23  LYS A CB  1 
ATOM   6   C  CG  . LYS A 1 3   ? 5.782   -2.907  14.149  1.00 50.91 ? 23  LYS A CG  1 
ATOM   7   C  CD  . LYS A 1 3   ? 6.667   -2.436  12.997  1.00 51.30 ? 23  LYS A CD  1 
ATOM   8   C  CE  . LYS A 1 3   ? 7.640   -3.519  12.540  1.00 54.93 ? 23  LYS A CE  1 
ATOM   9   N  NZ  . LYS A 1 3   ? 6.954   -4.702  11.951  1.00 46.73 ? 23  LYS A NZ  1 
ATOM   10  N  N   . ALA A 1 4   ? 3.221   -3.495  12.475  1.00 30.69 ? 24  ALA A N   1 
ATOM   11  C  CA  . ALA A 1 4   ? 2.947   -3.800  11.073  1.00 25.90 ? 24  ALA A CA  1 
ATOM   12  C  C   . ALA A 1 4   ? 1.477   -3.521  10.793  1.00 25.12 ? 24  ALA A C   1 
ATOM   13  O  O   . ALA A 1 4   ? 0.620   -3.736  11.646  1.00 30.41 ? 24  ALA A O   1 
ATOM   14  C  CB  . ALA A 1 4   ? 3.264   -5.254  10.781  1.00 28.54 ? 24  ALA A CB  1 
ATOM   15  N  N   . ILE A 1 5   ? 1.187   -3.032  9.596   1.00 28.11 ? 25  ILE A N   1 
ATOM   16  C  CA  . ILE A 1 5   ? -0.180  -2.718  9.223   1.00 20.69 ? 25  ILE A CA  1 
ATOM   17  C  C   . ILE A 1 5   ? -0.646  -3.672  8.143   1.00 17.79 ? 25  ILE A C   1 
ATOM   18  O  O   . ILE A 1 5   ? -0.172  -3.614  7.007   1.00 18.90 ? 25  ILE A O   1 
ATOM   19  C  CB  . ILE A 1 5   ? -0.295  -1.281  8.681   1.00 21.31 ? 25  ILE A CB  1 
ATOM   20  C  CG1 . ILE A 1 5   ? 0.245   -0.295  9.720   1.00 31.22 ? 25  ILE A CG1 1 
ATOM   21  C  CG2 . ILE A 1 5   ? -1.748  -0.967  8.364   1.00 25.58 ? 25  ILE A CG2 1 
ATOM   22  C  CD1 . ILE A 1 5   ? 0.553   1.075   9.158   1.00 24.36 ? 25  ILE A CD1 1 
ATOM   23  N  N   . PRO A 1 6   ? -1.577  -4.574  8.484   1.00 19.79 ? 26  PRO A N   1 
ATOM   24  C  CA  . PRO A 1 6   ? -2.093  -5.536  7.513   1.00 17.92 ? 26  PRO A CA  1 
ATOM   25  C  C   . PRO A 1 6   ? -3.110  -4.882  6.586   1.00 19.42 ? 26  PRO A C   1 
ATOM   26  O  O   . PRO A 1 6   ? -3.812  -3.950  6.983   1.00 19.71 ? 26  PRO A O   1 
ATOM   27  C  CB  . PRO A 1 6   ? -2.721  -6.608  8.400   1.00 20.73 ? 26  PRO A CB  1 
ATOM   28  C  CG  . PRO A 1 6   ? -3.269  -5.793  9.542   1.00 22.08 ? 26  PRO A CG  1 
ATOM   29  C  CD  . PRO A 1 6   ? -2.130  -4.827  9.829   1.00 25.75 ? 26  PRO A CD  1 
ATOM   30  N  N   . TRP A 1 7   ? -3.170  -5.360  5.348   1.00 17.94 ? 27  TRP A N   1 
ATOM   31  C  CA  . TRP A 1 7   ? -4.126  -4.833  4.382   1.00 22.45 ? 27  TRP A CA  1 
ATOM   32  C  C   . TRP A 1 7   ? -4.350  -5.839  3.258   1.00 20.22 ? 27  TRP A C   1 
ATOM   33  O  O   . TRP A 1 7   ? -3.549  -6.758  3.056   1.00 22.00 ? 27  TRP A O   1 
ATOM   34  C  CB  . TRP A 1 7   ? -3.635  -3.507  3.792   1.00 19.85 ? 27  TRP A CB  1 
ATOM   35  C  CG  . TRP A 1 7   ? -2.325  -3.619  3.098   1.00 18.90 ? 27  TRP A CG  1 
ATOM   36  C  CD1 . TRP A 1 7   ? -1.087  -3.386  3.630   1.00 14.29 ? 27  TRP A CD1 1 
ATOM   37  C  CD2 . TRP A 1 7   ? -2.108  -4.063  1.752   1.00 27.05 ? 27  TRP A CD2 1 
ATOM   38  N  NE1 . TRP A 1 7   ? -0.110  -3.663  2.696   1.00 21.14 ? 27  TRP A NE1 1 
ATOM   39  C  CE2 . TRP A 1 7   ? -0.712  -4.080  1.536   1.00 18.00 ? 27  TRP A CE2 1 
ATOM   40  C  CE3 . TRP A 1 7   ? -2.962  -4.449  0.707   1.00 20.51 ? 27  TRP A CE3 1 
ATOM   41  C  CZ2 . TRP A 1 7   ? -0.150  -4.474  0.325   1.00 17.74 ? 27  TRP A CZ2 1 
ATOM   42  C  CZ3 . TRP A 1 7   ? -2.402  -4.840  -0.500  1.00 25.38 ? 27  TRP A CZ3 1 
ATOM   43  C  CH2 . TRP A 1 7   ? -1.004  -4.848  -0.681  1.00 25.27 ? 27  TRP A CH2 1 
ATOM   44  N  N   . LYS A 1 8   ? -5.444  -5.647  2.531   1.00 20.28 ? 28  LYS A N   1 
ATOM   45  C  CA  . LYS A 1 8   ? -5.805  -6.502  1.413   1.00 21.11 ? 28  LYS A CA  1 
ATOM   46  C  C   . LYS A 1 8   ? -6.573  -5.657  0.415   1.00 23.14 ? 28  LYS A C   1 
ATOM   47  O  O   . LYS A 1 8   ? -7.368  -4.792  0.802   1.00 22.99 ? 28  LYS A O   1 
ATOM   48  C  CB  . LYS A 1 8   ? -6.688  -7.666  1.864   1.00 29.36 ? 28  LYS A CB  1 
ATOM   49  C  CG  . LYS A 1 8   ? -7.076  -8.607  0.726   1.00 34.55 ? 28  LYS A CG  1 
ATOM   50  C  CD  . LYS A 1 8   ? -8.040  -9.686  1.196   1.00 39.86 ? 28  LYS A CD  1 
ATOM   51  C  CE  . LYS A 1 8   ? -8.351  -10.678 0.083   1.00 41.73 ? 28  LYS A CE  1 
ATOM   52  N  NZ  . LYS A 1 8   ? -9.282  -11.742 0.544   1.00 42.59 ? 28  LYS A NZ  1 
ATOM   53  N  N   . ILE A 1 9   ? -6.320  -5.907  -0.864  1.00 19.62 ? 29  ILE A N   1 
ATOM   54  C  CA  . ILE A 1 9   ? -6.968  -5.186  -1.954  1.00 24.24 ? 29  ILE A CA  1 
ATOM   55  C  C   . ILE A 1 9   ? -7.656  -6.149  -2.917  1.00 27.90 ? 29  ILE A C   1 
ATOM   56  O  O   . ILE A 1 9   ? -7.060  -7.136  -3.352  1.00 30.91 ? 29  ILE A O   1 
ATOM   57  C  CB  . ILE A 1 9   ? -5.943  -4.370  -2.778  1.00 25.99 ? 29  ILE A CB  1 
ATOM   58  C  CG1 . ILE A 1 9   ? -5.446  -3.169  -1.972  1.00 24.49 ? 29  ILE A CG1 1 
ATOM   59  C  CG2 . ILE A 1 9   ? -6.577  -3.913  -4.094  1.00 25.29 ? 29  ILE A CG2 1 
ATOM   60  C  CD1 . ILE A 1 9   ? -6.426  -2.034  -1.904  1.00 47.04 ? 29  ILE A CD1 1 
ATOM   61  N  N   . ASN A 1 10  ? -8.908  -5.858  -3.245  1.00 30.35 ? 30  ASN A N   1 
ATOM   62  C  CA  . ASN A 1 10  ? -9.665  -6.673  -4.191  1.00 28.47 ? 30  ASN A CA  1 
ATOM   63  C  C   . ASN A 1 10  ? -9.162  -6.233  -5.561  1.00 26.89 ? 30  ASN A C   1 
ATOM   64  O  O   . ASN A 1 10  ? -9.343  -5.086  -5.950  1.00 26.53 ? 30  ASN A O   1 
ATOM   65  C  CB  . ASN A 1 10  ? -11.166 -6.385  -4.048  1.00 32.31 ? 30  ASN A CB  1 
ATOM   66  C  CG  . ASN A 1 10  ? -12.010 -7.148  -5.052  1.00 42.94 ? 30  ASN A CG  1 
ATOM   67  O  OD1 . ASN A 1 10  ? -11.946 -6.897  -6.254  1.00 51.20 ? 30  ASN A OD1 1 
ATOM   68  N  ND2 . ASN A 1 10  ? -12.805 -8.088  -4.560  1.00 43.03 ? 30  ASN A ND2 1 
ATOM   69  N  N   . TRP A 1 11  ? -8.515  -7.144  -6.279  1.00 27.72 ? 31  TRP A N   1 
ATOM   70  C  CA  . TRP A 1 11  ? -7.950  -6.840  -7.583  1.00 33.08 ? 31  TRP A CA  1 
ATOM   71  C  C   . TRP A 1 11  ? -8.955  -6.308  -8.604  1.00 33.64 ? 31  TRP A C   1 
ATOM   72  O  O   . TRP A 1 11  ? -8.664  -5.359  -9.331  1.00 32.02 ? 31  TRP A O   1 
ATOM   73  C  CB  . TRP A 1 11  ? -7.250  -8.080  -8.143  1.00 32.81 ? 31  TRP A CB  1 
ATOM   74  C  CG  . TRP A 1 11  ? -6.600  -7.861  -9.475  1.00 40.44 ? 31  TRP A CG  1 
ATOM   75  C  CD1 . TRP A 1 11  ? -6.975  -8.404  -10.673 1.00 40.81 ? 31  TRP A CD1 1 
ATOM   76  C  CD2 . TRP A 1 11  ? -5.456  -7.042  -9.747  1.00 33.38 ? 31  TRP A CD2 1 
ATOM   77  N  NE1 . TRP A 1 11  ? -6.133  -7.974  -11.672 1.00 41.10 ? 31  TRP A NE1 1 
ATOM   78  C  CE2 . TRP A 1 11  ? -5.194  -7.135  -11.131 1.00 34.86 ? 31  TRP A CE2 1 
ATOM   79  C  CE3 . TRP A 1 11  ? -4.627  -6.235  -8.955  1.00 33.68 ? 31  TRP A CE3 1 
ATOM   80  C  CZ2 . TRP A 1 11  ? -4.136  -6.454  -11.742 1.00 36.27 ? 31  TRP A CZ2 1 
ATOM   81  C  CZ3 . TRP A 1 11  ? -3.575  -5.557  -9.562  1.00 29.26 ? 31  TRP A CZ3 1 
ATOM   82  C  CH2 . TRP A 1 11  ? -3.340  -5.671  -10.944 1.00 33.74 ? 31  TRP A CH2 1 
ATOM   83  N  N   . GLN A 1 12  ? -10.136 -6.912  -8.651  1.00 32.73 ? 32  GLN A N   1 
ATOM   84  C  CA  . GLN A 1 12  ? -11.162 -6.501  -9.607  1.00 36.61 ? 32  GLN A CA  1 
ATOM   85  C  C   . GLN A 1 12  ? -11.623 -5.058  -9.425  1.00 37.39 ? 32  GLN A C   1 
ATOM   86  O  O   . GLN A 1 12  ? -11.673 -4.293  -10.385 1.00 39.87 ? 32  GLN A O   1 
ATOM   87  C  CB  . GLN A 1 12  ? -12.368 -7.438  -9.514  1.00 42.25 ? 32  GLN A CB  1 
ATOM   88  C  CG  . GLN A 1 12  ? -13.257 -7.412  -10.743 1.00 58.20 ? 32  GLN A CG  1 
ATOM   89  C  CD  . GLN A 1 12  ? -12.470 -7.657  -12.020 1.00 59.69 ? 32  GLN A CD  1 
ATOM   90  O  OE1 . GLN A 1 12  ? -11.720 -8.631  -12.125 1.00 61.66 ? 32  GLN A OE1 1 
ATOM   91  N  NE2 . GLN A 1 12  ? -12.641 -6.776  -12.999 1.00 59.81 ? 32  GLN A NE2 1 
ATOM   92  N  N   . THR A 1 13  ? -11.956 -4.688  -8.194  1.00 35.05 ? 33  THR A N   1 
ATOM   93  C  CA  . THR A 1 13  ? -12.426 -3.337  -7.904  1.00 31.46 ? 33  THR A CA  1 
ATOM   94  C  C   . THR A 1 13  ? -11.299 -2.405  -7.463  1.00 38.26 ? 33  THR A C   1 
ATOM   95  O  O   . THR A 1 13  ? -11.462 -1.182  -7.446  1.00 33.89 ? 33  THR A O   1 
ATOM   96  C  CB  . THR A 1 13  ? -13.475 -3.359  -6.791  1.00 37.02 ? 33  THR A CB  1 
ATOM   97  O  OG1 . THR A 1 13  ? -12.870 -3.830  -5.582  1.00 36.05 ? 33  THR A OG1 1 
ATOM   98  C  CG2 . THR A 1 13  ? -14.623 -4.287  -7.160  1.00 37.42 ? 33  THR A CG2 1 
HETATM 99  N  N   . MSE A 1 14  ? -10.157 -2.990  -7.113  1.00 27.79 ? 34  MSE A N   1 
HETATM 100 C  CA  . MSE A 1 14  ? -9.003  -2.233  -6.646  1.00 26.95 ? 34  MSE A CA  1 
HETATM 101 C  C   . MSE A 1 14  ? -9.357  -1.460  -5.381  1.00 26.81 ? 34  MSE A C   1 
HETATM 102 O  O   . MSE A 1 14  ? -8.830  -0.377  -5.129  1.00 32.90 ? 34  MSE A O   1 
HETATM 103 C  CB  . MSE A 1 14  ? -8.508  -1.267  -7.725  1.00 27.86 ? 34  MSE A CB  1 
HETATM 104 C  CG  . MSE A 1 14  ? -7.878  -1.952  -8.928  1.00 39.75 ? 34  MSE A CG  1 
HETATM 105 SE SE  . MSE A 1 14  ? -6.417  -3.140  -8.455  1.00 48.17 ? 34  MSE A SE  1 
HETATM 106 C  CE  . MSE A 1 14  ? -4.968  -1.852  -8.477  1.00 42.14 ? 34  MSE A CE  1 
ATOM   107 N  N   . ALA A 1 15  ? -10.256 -2.024  -4.585  1.00 23.27 ? 35  ALA A N   1 
ATOM   108 C  CA  . ALA A 1 15  ? -10.665 -1.386  -3.344  1.00 23.00 ? 35  ALA A CA  1 
ATOM   109 C  C   . ALA A 1 15  ? -10.082 -2.145  -2.157  1.00 28.13 ? 35  ALA A C   1 
ATOM   110 O  O   . ALA A 1 15  ? -9.818  -3.344  -2.246  1.00 30.43 ? 35  ALA A O   1 
ATOM   111 C  CB  . ALA A 1 15  ? -12.184 -1.357  -3.247  1.00 31.94 ? 35  ALA A CB  1 
ATOM   112 N  N   . PHE A 1 16  ? -9.874  -1.443  -1.050  1.00 25.08 ? 36  PHE A N   1 
ATOM   113 C  CA  . PHE A 1 16  ? -9.338  -2.066  0.152   1.00 25.51 ? 36  PHE A CA  1 
ATOM   114 C  C   . PHE A 1 16  ? -10.411 -2.913  0.822   1.00 32.82 ? 36  PHE A C   1 
ATOM   115 O  O   . PHE A 1 16  ? -11.505 -2.427  1.112   1.00 32.22 ? 36  PHE A O   1 
ATOM   116 C  CB  . PHE A 1 16  ? -8.851  -1.003  1.139   1.00 24.24 ? 36  PHE A CB  1 
ATOM   117 C  CG  . PHE A 1 16  ? -7.435  -0.560  0.909   1.00 24.99 ? 36  PHE A CG  1 
ATOM   118 C  CD1 . PHE A 1 16  ? -6.369  -1.347  1.340   1.00 24.80 ? 36  PHE A CD1 1 
ATOM   119 C  CD2 . PHE A 1 16  ? -7.163  0.639   0.257   1.00 26.89 ? 36  PHE A CD2 1 
ATOM   120 C  CE1 . PHE A 1 16  ? -5.054  -0.944  1.130   1.00 25.19 ? 36  PHE A CE1 1 
ATOM   121 C  CE2 . PHE A 1 16  ? -5.849  1.053   0.041   1.00 28.85 ? 36  PHE A CE2 1 
ATOM   122 C  CZ  . PHE A 1 16  ? -4.792  0.261   0.475   1.00 23.45 ? 36  PHE A CZ  1 
ATOM   123 N  N   . GLU A 1 17  ? -10.096 -4.182  1.055   1.00 30.10 ? 37  GLU A N   1 
ATOM   124 C  CA  . GLU A 1 17  ? -11.022 -5.096  1.721   1.00 28.41 ? 37  GLU A CA  1 
ATOM   125 C  C   . GLU A 1 17  ? -10.915 -4.767  3.210   1.00 32.13 ? 37  GLU A C   1 
ATOM   126 O  O   . GLU A 1 17  ? -11.908 -4.746  3.944   1.00 28.01 ? 37  GLU A O   1 
ATOM   127 C  CB  . GLU A 1 17  ? -10.601 -6.541  1.458   1.00 36.57 ? 37  GLU A CB  1 
ATOM   128 C  CG  . GLU A 1 17  ? -11.718 -7.560  1.558   1.00 51.86 ? 37  GLU A CG  1 
ATOM   129 C  CD  . GLU A 1 17  ? -12.022 -8.217  0.222   1.00 57.50 ? 37  GLU A CD  1 
ATOM   130 O  OE1 . GLU A 1 17  ? -12.433 -7.501  -0.719  1.00 65.25 ? 37  GLU A OE1 1 
ATOM   131 O  OE2 . GLU A 1 17  ? -11.842 -9.448  0.108   1.00 62.85 ? 37  GLU A OE2 1 
ATOM   132 N  N   . TYR A 1 18  ? -9.691  -4.501  3.649   1.00 26.42 ? 38  TYR A N   1 
ATOM   133 C  CA  . TYR A 1 18  ? -9.442  -4.138  5.031   1.00 24.82 ? 38  TYR A CA  1 
ATOM   134 C  C   . TYR A 1 18  ? -8.036  -3.568  5.154   1.00 26.46 ? 38  TYR A C   1 
ATOM   135 O  O   . TYR A 1 18  ? -7.187  -3.782  4.286   1.00 22.16 ? 38  TYR A O   1 
ATOM   136 C  CB  . TYR A 1 18  ? -9.603  -5.358  5.959   1.00 29.82 ? 38  TYR A CB  1 
ATOM   137 C  CG  . TYR A 1 18  ? -8.591  -6.470  5.758   1.00 28.43 ? 38  TYR A CG  1 
ATOM   138 C  CD1 . TYR A 1 18  ? -7.285  -6.355  6.241   1.00 32.86 ? 38  TYR A CD1 1 
ATOM   139 C  CD2 . TYR A 1 18  ? -8.933  -7.631  5.064   1.00 28.60 ? 38  TYR A CD2 1 
ATOM   140 C  CE1 . TYR A 1 18  ? -6.346  -7.370  6.033   1.00 26.96 ? 38  TYR A CE1 1 
ATOM   141 C  CE2 . TYR A 1 18  ? -8.002  -8.649  4.850   1.00 26.27 ? 38  TYR A CE2 1 
ATOM   142 C  CZ  . TYR A 1 18  ? -6.715  -8.513  5.333   1.00 26.29 ? 38  TYR A CZ  1 
ATOM   143 O  OH  . TYR A 1 18  ? -5.789  -9.509  5.108   1.00 28.62 ? 38  TYR A OH  1 
ATOM   144 N  N   . ILE A 1 19  ? -7.821  -2.807  6.218   1.00 28.12 ? 39  ILE A N   1 
ATOM   145 C  CA  . ILE A 1 19  ? -6.522  -2.232  6.516   1.00 25.73 ? 39  ILE A CA  1 
ATOM   146 C  C   . ILE A 1 19  ? -6.497  -2.006  8.019   1.00 23.91 ? 39  ILE A C   1 
ATOM   147 O  O   . ILE A 1 19  ? -7.438  -1.456  8.588   1.00 30.55 ? 39  ILE A O   1 
ATOM   148 C  CB  . ILE A 1 19  ? -6.271  -0.908  5.734   1.00 20.95 ? 39  ILE A CB  1 
ATOM   149 C  CG1 . ILE A 1 19  ? -4.841  -0.427  5.996   1.00 22.73 ? 39  ILE A CG1 1 
ATOM   150 C  CG2 . ILE A 1 19  ? -7.292  0.148   6.123   1.00 26.88 ? 39  ILE A CG2 1 
ATOM   151 C  CD1 . ILE A 1 19  ? -4.389  0.673   5.047   1.00 19.77 ? 39  ILE A CD1 1 
ATOM   152 N  N   . GLY A 1 20  ? -5.429  -2.471  8.658   1.00 23.05 ? 40  GLY A N   1 
ATOM   153 C  CA  . GLY A 1 20  ? -5.299  -2.343  10.097  1.00 23.92 ? 40  GLY A CA  1 
ATOM   154 C  C   . GLY A 1 20  ? -5.492  -0.954  10.674  1.00 22.24 ? 40  GLY A C   1 
ATOM   155 O  O   . GLY A 1 20  ? -5.137  0.044   10.040  1.00 24.03 ? 40  GLY A O   1 
ATOM   156 N  N   . PRO A 1 21  ? -6.056  -0.857  11.887  1.00 23.70 ? 41  PRO A N   1 
ATOM   157 C  CA  . PRO A 1 21  ? -6.280  0.442   12.524  1.00 22.61 ? 41  PRO A CA  1 
ATOM   158 C  C   . PRO A 1 21  ? -4.988  1.195   12.816  1.00 23.73 ? 41  PRO A C   1 
ATOM   159 O  O   . PRO A 1 21  ? -5.002  2.407   13.001  1.00 26.72 ? 41  PRO A O   1 
ATOM   160 C  CB  . PRO A 1 21  ? -7.055  0.081   13.791  1.00 32.16 ? 41  PRO A CB  1 
ATOM   161 C  CG  . PRO A 1 21  ? -6.547  -1.304  14.113  1.00 32.49 ? 41  PRO A CG  1 
ATOM   162 C  CD  . PRO A 1 21  ? -6.529  -1.955  12.750  1.00 25.89 ? 41  PRO A CD  1 
ATOM   163 N  N   . GLN A 1 22  ? -3.866  0.482   12.842  1.00 32.22 ? 42  GLN A N   1 
ATOM   164 C  CA  . GLN A 1 22  ? -2.575  1.120   13.107  1.00 28.99 ? 42  GLN A CA  1 
ATOM   165 C  C   . GLN A 1 22  ? -2.237  2.144   12.012  1.00 28.45 ? 42  GLN A C   1 
ATOM   166 O  O   . GLN A 1 22  ? -1.367  2.998   12.200  1.00 21.86 ? 42  GLN A O   1 
ATOM   167 C  CB  . GLN A 1 22  ? -1.466  0.065   13.163  1.00 39.15 ? 42  GLN A CB  1 
ATOM   168 C  CG  . GLN A 1 22  ? -1.791  -1.158  14.025  1.00 49.00 ? 42  GLN A CG  1 
ATOM   169 C  CD  . GLN A 1 22  ? -2.266  -2.358  13.206  1.00 49.82 ? 42  GLN A CD  1 
ATOM   170 O  OE1 . GLN A 1 22  ? -3.270  -2.289  12.494  1.00 32.59 ? 42  GLN A OE1 1 
ATOM   171 N  NE2 . GLN A 1 22  ? -1.542  -3.469  13.317  1.00 55.78 ? 42  GLN A NE2 1 
ATOM   172 N  N   . ILE A 1 23  ? -2.921  2.056   10.870  1.00 21.62 ? 43  ILE A N   1 
ATOM   173 C  CA  . ILE A 1 23  ? -2.663  2.982   9.764   1.00 20.90 ? 43  ILE A CA  1 
ATOM   174 C  C   . ILE A 1 23  ? -3.043  4.408   10.159  1.00 27.44 ? 43  ILE A C   1 
ATOM   175 O  O   . ILE A 1 23  ? -2.492  5.383   9.634   1.00 27.21 ? 43  ILE A O   1 
ATOM   176 C  CB  . ILE A 1 23  ? -3.444  2.573   8.481   1.00 20.02 ? 43  ILE A CB  1 
ATOM   177 C  CG1 . ILE A 1 23  ? -2.941  3.374   7.268   1.00 21.11 ? 43  ILE A CG1 1 
ATOM   178 C  CG2 . ILE A 1 23  ? -4.928  2.831   8.666   1.00 22.20 ? 43  ILE A CG2 1 
ATOM   179 C  CD1 . ILE A 1 23  ? -1.484  3.084   6.884   1.00 25.18 ? 43  ILE A CD1 1 
ATOM   180 N  N   . GLU A 1 24  ? -3.980  4.527   11.094  1.00 24.32 ? 44  GLU A N   1 
ATOM   181 C  CA  . GLU A 1 24  ? -4.435  5.836   11.550  1.00 23.52 ? 44  GLU A CA  1 
ATOM   182 C  C   . GLU A 1 24  ? -3.406  6.457   12.490  1.00 28.19 ? 44  GLU A C   1 
ATOM   183 O  O   . GLU A 1 24  ? -3.078  7.644   12.379  1.00 23.72 ? 44  GLU A O   1 
ATOM   184 C  CB  . GLU A 1 24  ? -5.794  5.703   12.250  1.00 35.55 ? 44  GLU A CB  1 
ATOM   185 C  CG  . GLU A 1 24  ? -6.508  7.025   12.460  1.00 32.05 ? 44  GLU A CG  1 
ATOM   186 C  CD  . GLU A 1 24  ? -7.920  6.847   12.977  1.00 45.19 ? 44  GLU A CD  1 
ATOM   187 O  OE1 . GLU A 1 24  ? -8.644  5.979   12.441  1.00 37.08 ? 44  GLU A OE1 1 
ATOM   188 O  OE2 . GLU A 1 24  ? -8.313  7.582   13.909  1.00 44.81 ? 44  GLU A OE2 1 
ATOM   189 N  N   . ALA A 1 25  ? -2.880  5.657   13.410  1.00 25.12 ? 45  ALA A N   1 
ATOM   190 C  CA  . ALA A 1 25  ? -1.877  6.167   14.335  1.00 26.49 ? 45  ALA A CA  1 
ATOM   191 C  C   . ALA A 1 25  ? -0.621  6.560   13.562  1.00 25.00 ? 45  ALA A C   1 
ATOM   192 O  O   . ALA A 1 25  ? 0.023   7.561   13.877  1.00 26.84 ? 45  ALA A O   1 
ATOM   193 C  CB  . ALA A 1 25  ? -1.532  5.109   15.381  1.00 35.97 ? 45  ALA A CB  1 
ATOM   194 N  N   . LEU A 1 26  ? -0.284  5.773   12.540  1.00 21.09 ? 46  LEU A N   1 
ATOM   195 C  CA  . LEU A 1 26  ? 0.903   6.038   11.740  1.00 18.44 ? 46  LEU A CA  1 
ATOM   196 C  C   . LEU A 1 26  ? 0.758   7.210   10.765  1.00 20.21 ? 46  LEU A C   1 
ATOM   197 O  O   . LEU A 1 26  ? 1.598   8.113   10.743  1.00 21.61 ? 46  LEU A O   1 
ATOM   198 C  CB  . LEU A 1 26  ? 1.307   4.787   10.950  1.00 20.58 ? 46  LEU A CB  1 
ATOM   199 C  CG  . LEU A 1 26  ? 2.591   4.933   10.112  1.00 24.09 ? 46  LEU A CG  1 
ATOM   200 C  CD1 . LEU A 1 26  ? 3.770   5.165   11.048  1.00 23.13 ? 46  LEU A CD1 1 
ATOM   201 C  CD2 . LEU A 1 26  ? 2.823   3.687   9.271   1.00 24.92 ? 46  LEU A CD2 1 
ATOM   202 N  N   . LEU A 1 27  ? -0.295  7.197   9.954   1.00 18.63 ? 47  LEU A N   1 
ATOM   203 C  CA  . LEU A 1 27  ? -0.483  8.259   8.959   1.00 18.52 ? 47  LEU A CA  1 
ATOM   204 C  C   . LEU A 1 27  ? -1.572  9.297   9.242   1.00 24.16 ? 47  LEU A C   1 
ATOM   205 O  O   . LEU A 1 27  ? -1.797  10.202  8.431   1.00 19.11 ? 47  LEU A O   1 
ATOM   206 C  CB  . LEU A 1 27  ? -0.708  7.625   7.583   1.00 18.73 ? 47  LEU A CB  1 
ATOM   207 C  CG  . LEU A 1 27  ? 0.453   6.743   7.102   1.00 23.50 ? 47  LEU A CG  1 
ATOM   208 C  CD1 . LEU A 1 27  ? 0.125   6.174   5.727   1.00 19.21 ? 47  LEU A CD1 1 
ATOM   209 C  CD2 . LEU A 1 27  ? 1.738   7.560   7.041   1.00 20.79 ? 47  LEU A CD2 1 
ATOM   210 N  N   . GLY A 1 28  ? -2.250  9.161   10.378  1.00 18.14 ? 48  GLY A N   1 
ATOM   211 C  CA  . GLY A 1 28  ? -3.270  10.124  10.759  1.00 21.57 ? 48  GLY A CA  1 
ATOM   212 C  C   . GLY A 1 28  ? -4.638  10.098  10.093  1.00 22.71 ? 48  GLY A C   1 
ATOM   213 O  O   . GLY A 1 28  ? -5.640  10.413  10.737  1.00 24.05 ? 48  GLY A O   1 
ATOM   214 N  N   . TRP A 1 29  ? -4.707  9.745   8.816   1.00 21.20 ? 49  TRP A N   1 
ATOM   215 C  CA  . TRP A 1 29  ? -6.001  9.723   8.141   1.00 19.62 ? 49  TRP A CA  1 
ATOM   216 C  C   . TRP A 1 29  ? -6.902  8.711   8.839   1.00 20.87 ? 49  TRP A C   1 
ATOM   217 O  O   . TRP A 1 29  ? -6.426  7.693   9.332   1.00 21.95 ? 49  TRP A O   1 
ATOM   218 C  CB  . TRP A 1 29  ? -5.846  9.310   6.670   1.00 18.77 ? 49  TRP A CB  1 
ATOM   219 C  CG  . TRP A 1 29  ? -4.740  10.000  5.916   1.00 22.36 ? 49  TRP A CG  1 
ATOM   220 C  CD1 . TRP A 1 29  ? -3.450  9.579   5.787   1.00 24.44 ? 49  TRP A CD1 1 
ATOM   221 C  CD2 . TRP A 1 29  ? -4.845  11.215  5.156   1.00 25.69 ? 49  TRP A CD2 1 
ATOM   222 N  NE1 . TRP A 1 29  ? -2.744  10.454  4.983   1.00 24.74 ? 49  TRP A NE1 1 
ATOM   223 C  CE2 . TRP A 1 29  ? -3.577  11.466  4.586   1.00 16.82 ? 49  TRP A CE2 1 
ATOM   224 C  CE3 . TRP A 1 29  ? -5.890  12.114  4.902   1.00 29.20 ? 49  TRP A CE3 1 
ATOM   225 C  CZ2 . TRP A 1 29  ? -3.323  12.578  3.776   1.00 28.85 ? 49  TRP A CZ2 1 
ATOM   226 C  CZ3 . TRP A 1 29  ? -5.641  13.223  4.094   1.00 30.97 ? 49  TRP A CZ3 1 
ATOM   227 C  CH2 . TRP A 1 29  ? -4.363  13.443  3.540   1.00 25.16 ? 49  TRP A CH2 1 
ATOM   228 N  N   . PRO A 1 30  ? -8.217  8.983   8.899   1.00 25.74 ? 50  PRO A N   1 
ATOM   229 C  CA  . PRO A 1 30  ? -9.122  8.031   9.552   1.00 24.94 ? 50  PRO A CA  1 
ATOM   230 C  C   . PRO A 1 30  ? -8.974  6.670   8.875   1.00 21.38 ? 50  PRO A C   1 
ATOM   231 O  O   . PRO A 1 30  ? -8.863  6.594   7.654   1.00 24.89 ? 50  PRO A O   1 
ATOM   232 C  CB  . PRO A 1 30  ? -10.503 8.642   9.308   1.00 26.45 ? 50  PRO A CB  1 
ATOM   233 C  CG  . PRO A 1 30  ? -10.216 10.111  9.254   1.00 31.31 ? 50  PRO A CG  1 
ATOM   234 C  CD  . PRO A 1 30  ? -8.950  10.173  8.430   1.00 24.38 ? 50  PRO A CD  1 
ATOM   235 N  N   . GLN A 1 31  ? -8.961  5.605   9.664   1.00 20.19 ? 51  GLN A N   1 
ATOM   236 C  CA  . GLN A 1 31  ? -8.830  4.268   9.111   1.00 29.04 ? 51  GLN A CA  1 
ATOM   237 C  C   . GLN A 1 31  ? -9.858  4.032   8.009   1.00 26.39 ? 51  GLN A C   1 
ATOM   238 O  O   . GLN A 1 31  ? -9.544  3.473   6.955   1.00 25.31 ? 51  GLN A O   1 
ATOM   239 C  CB  . GLN A 1 31  ? -8.997  3.223   10.219  1.00 22.19 ? 51  GLN A CB  1 
ATOM   240 C  CG  . GLN A 1 31  ? -9.091  1.784   9.728   1.00 31.20 ? 51  GLN A CG  1 
ATOM   241 C  CD  . GLN A 1 31  ? -9.305  0.798   10.861  1.00 37.09 ? 51  GLN A CD  1 
ATOM   242 O  OE1 . GLN A 1 31  ? -9.821  1.156   11.919  1.00 39.01 ? 51  GLN A OE1 1 
ATOM   243 N  NE2 . GLN A 1 31  ? -8.919  -0.456  10.640  1.00 32.00 ? 51  GLN A NE2 1 
ATOM   244 N  N   . GLY A 1 32  ? -11.087 4.480   8.242   1.00 27.66 ? 52  GLY A N   1 
ATOM   245 C  CA  . GLY A 1 32  ? -12.135 4.281   7.255   1.00 26.20 ? 52  GLY A CA  1 
ATOM   246 C  C   . GLY A 1 32  ? -11.961 5.043   5.952   1.00 24.25 ? 52  GLY A C   1 
ATOM   247 O  O   . GLY A 1 32  ? -12.694 4.797   4.991   1.00 26.34 ? 52  GLY A O   1 
ATOM   248 N  N   . SER A 1 33  ? -10.996 5.962   5.910   1.00 18.55 ? 53  SER A N   1 
ATOM   249 C  CA  . SER A 1 33  ? -10.746 6.772   4.715   1.00 20.72 ? 53  SER A CA  1 
ATOM   250 C  C   . SER A 1 33  ? -9.964  6.030   3.631   1.00 25.82 ? 53  SER A C   1 
ATOM   251 O  O   . SER A 1 33  ? -9.893  6.482   2.487   1.00 22.46 ? 53  SER A O   1 
ATOM   252 C  CB  . SER A 1 33  ? -9.980  8.043   5.085   1.00 21.86 ? 53  SER A CB  1 
ATOM   253 O  OG  . SER A 1 33  ? -8.621  7.736   5.362   1.00 27.19 ? 53  SER A OG  1 
ATOM   254 N  N   . TRP A 1 34  ? -9.362  4.905   3.991   1.00 21.46 ? 54  TRP A N   1 
ATOM   255 C  CA  . TRP A 1 34  ? -8.605  4.125   3.021   1.00 19.48 ? 54  TRP A CA  1 
ATOM   256 C  C   . TRP A 1 34  ? -9.576  3.247   2.246   1.00 22.37 ? 54  TRP A C   1 
ATOM   257 O  O   . TRP A 1 34  ? -9.801  2.093   2.600   1.00 25.14 ? 54  TRP A O   1 
ATOM   258 C  CB  . TRP A 1 34  ? -7.554  3.278   3.739   1.00 17.50 ? 54  TRP A CB  1 
ATOM   259 C  CG  . TRP A 1 34  ? -6.480  4.110   4.367   1.00 19.98 ? 54  TRP A CG  1 
ATOM   260 C  CD1 . TRP A 1 34  ? -6.543  4.778   5.557   1.00 22.99 ? 54  TRP A CD1 1 
ATOM   261 C  CD2 . TRP A 1 34  ? -5.198  4.409   3.806   1.00 19.04 ? 54  TRP A CD2 1 
ATOM   262 N  NE1 . TRP A 1 34  ? -5.373  5.478   5.774   1.00 19.76 ? 54  TRP A NE1 1 
ATOM   263 C  CE2 . TRP A 1 34  ? -4.531  5.266   4.713   1.00 23.42 ? 54  TRP A CE2 1 
ATOM   264 C  CE3 . TRP A 1 34  ? -4.547  4.039   2.621   1.00 21.40 ? 54  TRP A CE3 1 
ATOM   265 C  CZ2 . TRP A 1 34  ? -3.235  5.753   4.472   1.00 19.88 ? 54  TRP A CZ2 1 
ATOM   266 C  CZ3 . TRP A 1 34  ? -3.262  4.520   2.382   1.00 23.43 ? 54  TRP A CZ3 1 
ATOM   267 C  CH2 . TRP A 1 34  ? -2.621  5.372   3.305   1.00 18.59 ? 54  TRP A CH2 1 
ATOM   268 N  N   . LYS A 1 35  ? -10.147 3.814   1.185   1.00 24.73 ? 55  LYS A N   1 
ATOM   269 C  CA  . LYS A 1 35  ? -11.133 3.126   0.353   1.00 24.20 ? 55  LYS A CA  1 
ATOM   270 C  C   . LYS A 1 35  ? -10.580 2.322   -0.822  1.00 22.90 ? 55  LYS A C   1 
ATOM   271 O  O   . LYS A 1 35  ? -11.052 1.217   -1.092  1.00 27.69 ? 55  LYS A O   1 
ATOM   272 C  CB  . LYS A 1 35  ? -12.154 4.145   -0.169  1.00 24.61 ? 55  LYS A CB  1 
ATOM   273 C  CG  . LYS A 1 35  ? -13.044 4.740   0.913   1.00 26.47 ? 55  LYS A CG  1 
ATOM   274 C  CD  . LYS A 1 35  ? -14.032 3.704   1.427   1.00 23.00 ? 55  LYS A CD  1 
ATOM   275 C  CE  . LYS A 1 35  ? -14.960 4.290   2.472   1.00 23.61 ? 55  LYS A CE  1 
ATOM   276 N  NZ  . LYS A 1 35  ? -15.860 3.255   3.043   1.00 28.52 ? 55  LYS A NZ  1 
ATOM   277 N  N   . SER A 1 36  ? -9.597  2.870   -1.530  1.00 23.84 ? 56  SER A N   1 
ATOM   278 C  CA  . SER A 1 36  ? -9.025  2.166   -2.675  1.00 25.99 ? 56  SER A CA  1 
ATOM   279 C  C   . SER A 1 36  ? -7.565  2.509   -2.928  1.00 23.11 ? 56  SER A C   1 
ATOM   280 O  O   . SER A 1 36  ? -6.964  3.334   -2.234  1.00 22.11 ? 56  SER A O   1 
ATOM   281 C  CB  . SER A 1 36  ? -9.808  2.487   -3.950  1.00 30.64 ? 56  SER A CB  1 
ATOM   282 O  OG  . SER A 1 36  ? -9.523  3.806   -4.391  1.00 31.29 ? 56  SER A OG  1 
ATOM   283 N  N   . VAL A 1 37  ? -7.014  1.880   -3.959  1.00 21.83 ? 57  VAL A N   1 
ATOM   284 C  CA  . VAL A 1 37  ? -5.631  2.096   -4.347  1.00 20.38 ? 57  VAL A CA  1 
ATOM   285 C  C   . VAL A 1 37  ? -5.379  3.567   -4.639  1.00 20.65 ? 57  VAL A C   1 
ATOM   286 O  O   . VAL A 1 37  ? -4.271  4.076   -4.439  1.00 22.36 ? 57  VAL A O   1 
ATOM   287 C  CB  . VAL A 1 37  ? -5.275  1.258   -5.588  1.00 28.07 ? 57  VAL A CB  1 
ATOM   288 C  CG1 . VAL A 1 37  ? -5.342  -0.222  -5.238  1.00 31.19 ? 57  VAL A CG1 1 
ATOM   289 C  CG2 . VAL A 1 37  ? -6.243  1.570   -6.722  1.00 30.67 ? 57  VAL A CG2 1 
ATOM   290 N  N   . GLU A 1 38  ? -6.414  4.255   -5.111  1.00 28.68 ? 58  GLU A N   1 
ATOM   291 C  CA  . GLU A 1 38  ? -6.302  5.673   -5.428  1.00 24.37 ? 58  GLU A CA  1 
ATOM   292 C  C   . GLU A 1 38  ? -5.894  6.459   -4.186  1.00 25.66 ? 58  GLU A C   1 
ATOM   293 O  O   . GLU A 1 38  ? -5.104  7.404   -4.265  1.00 26.33 ? 58  GLU A O   1 
ATOM   294 C  CB  . GLU A 1 38  ? -7.645  6.189   -5.966  1.00 33.59 ? 58  GLU A CB  1 
ATOM   295 C  CG  . GLU A 1 38  ? -7.603  7.603   -6.527  1.00 49.80 ? 58  GLU A CG  1 
ATOM   296 C  CD  . GLU A 1 38  ? -8.932  8.020   -7.149  1.00 57.09 ? 58  GLU A CD  1 
ATOM   297 O  OE1 . GLU A 1 38  ? -9.910  8.225   -6.398  1.00 61.34 ? 58  GLU A OE1 1 
ATOM   298 O  OE2 . GLU A 1 38  ? -8.995  8.132   -8.390  1.00 58.84 ? 58  GLU A OE2 1 
ATOM   299 N  N   . ASP A 1 39  ? -6.433  6.067   -3.036  1.00 25.35 ? 59  ASP A N   1 
ATOM   300 C  CA  . ASP A 1 39  ? -6.108  6.743   -1.777  1.00 28.82 ? 59  ASP A CA  1 
ATOM   301 C  C   . ASP A 1 39  ? -4.644  6.489   -1.423  1.00 27.60 ? 59  ASP A C   1 
ATOM   302 O  O   . ASP A 1 39  ? -3.929  7.383   -0.969  1.00 24.11 ? 59  ASP A O   1 
ATOM   303 C  CB  . ASP A 1 39  ? -7.007  6.229   -0.650  1.00 26.88 ? 59  ASP A CB  1 
ATOM   304 C  CG  . ASP A 1 39  ? -8.476  6.531   -0.892  1.00 30.65 ? 59  ASP A CG  1 
ATOM   305 O  OD1 . ASP A 1 39  ? -8.814  7.719   -1.071  1.00 32.79 ? 59  ASP A OD1 1 
ATOM   306 O  OD2 . ASP A 1 39  ? -9.289  5.582   -0.890  1.00 29.65 ? 59  ASP A OD2 1 
ATOM   307 N  N   . TRP A 1 40  ? -4.214  5.252   -1.629  1.00 22.25 ? 60  TRP A N   1 
ATOM   308 C  CA  . TRP A 1 40  ? -2.839  4.845   -1.360  1.00 23.15 ? 60  TRP A CA  1 
ATOM   309 C  C   . TRP A 1 40  ? -1.886  5.636   -2.257  1.00 23.18 ? 60  TRP A C   1 
ATOM   310 O  O   . TRP A 1 40  ? -0.854  6.135   -1.802  1.00 20.34 ? 60  TRP A O   1 
ATOM   311 C  CB  . TRP A 1 40  ? -2.715  3.344   -1.632  1.00 22.90 ? 60  TRP A CB  1 
ATOM   312 C  CG  . TRP A 1 40  ? -1.319  2.816   -1.692  1.00 22.78 ? 60  TRP A CG  1 
ATOM   313 C  CD1 . TRP A 1 40  ? -0.480  2.570   -0.642  1.00 23.89 ? 60  TRP A CD1 1 
ATOM   314 C  CD2 . TRP A 1 40  ? -0.606  2.441   -2.872  1.00 21.04 ? 60  TRP A CD2 1 
ATOM   315 N  NE1 . TRP A 1 40  ? 0.714   2.061   -1.098  1.00 23.19 ? 60  TRP A NE1 1 
ATOM   316 C  CE2 . TRP A 1 40  ? 0.665   1.975   -2.465  1.00 25.52 ? 60  TRP A CE2 1 
ATOM   317 C  CE3 . TRP A 1 40  ? -0.917  2.455   -4.239  1.00 24.58 ? 60  TRP A CE3 1 
ATOM   318 C  CZ2 . TRP A 1 40  ? 1.626   1.527   -3.375  1.00 24.87 ? 60  TRP A CZ2 1 
ATOM   319 C  CZ3 . TRP A 1 40  ? 0.041   2.007   -5.147  1.00 29.96 ? 60  TRP A CZ3 1 
ATOM   320 C  CH2 . TRP A 1 40  ? 1.297   1.551   -4.708  1.00 25.16 ? 60  TRP A CH2 1 
ATOM   321 N  N   . ALA A 1 41  ? -2.243  5.750   -3.533  1.00 21.36 ? 61  ALA A N   1 
ATOM   322 C  CA  . ALA A 1 41  ? -1.426  6.475   -4.509  1.00 25.17 ? 61  ALA A CA  1 
ATOM   323 C  C   . ALA A 1 41  ? -1.366  7.978   -4.239  1.00 26.82 ? 61  ALA A C   1 
ATOM   324 O  O   . ALA A 1 41  ? -0.337  8.622   -4.464  1.00 26.80 ? 61  ALA A O   1 
ATOM   325 C  CB  . ALA A 1 41  ? -1.966  6.221   -5.923  1.00 24.10 ? 61  ALA A CB  1 
ATOM   326 N  N   . THR A 1 42  ? -2.470  8.538   -3.762  1.00 27.81 ? 62  THR A N   1 
ATOM   327 C  CA  . THR A 1 42  ? -2.526  9.966   -3.475  1.00 26.48 ? 62  THR A CA  1 
ATOM   328 C  C   . THR A 1 42  ? -1.730  10.355  -2.235  1.00 27.43 ? 62  THR A C   1 
ATOM   329 O  O   . THR A 1 42  ? -1.038  11.369  -2.227  1.00 26.21 ? 62  THR A O   1 
ATOM   330 C  CB  . THR A 1 42  ? -3.989  10.422  -3.305  1.00 32.56 ? 62  THR A CB  1 
ATOM   331 O  OG1 . THR A 1 42  ? -4.663  10.316  -4.567  1.00 26.62 ? 62  THR A OG1 1 
ATOM   332 C  CG2 . THR A 1 42  ? -4.058  11.863  -2.814  1.00 33.31 ? 62  THR A CG2 1 
ATOM   333 N  N   . ARG A 1 43  ? -1.824  9.536   -1.194  1.00 26.57 ? 63  ARG A N   1 
ATOM   334 C  CA  . ARG A 1 43  ? -1.141  9.801   0.070   1.00 22.19 ? 63  ARG A CA  1 
ATOM   335 C  C   . ARG A 1 43  ? 0.310   9.342   0.017   1.00 26.23 ? 63  ARG A C   1 
ATOM   336 O  O   . ARG A 1 43  ? 0.758   8.518   0.819   1.00 23.22 ? 63  ARG A O   1 
ATOM   337 C  CB  . ARG A 1 43  ? -1.903  9.095   1.188   1.00 21.02 ? 63  ARG A CB  1 
ATOM   338 C  CG  . ARG A 1 43  ? -3.328  9.613   1.282   1.00 19.82 ? 63  ARG A CG  1 
ATOM   339 C  CD  . ARG A 1 43  ? -4.235  8.748   2.144   1.00 27.08 ? 63  ARG A CD  1 
ATOM   340 N  NE  . ARG A 1 43  ? -5.597  9.276   2.108   1.00 25.08 ? 63  ARG A NE  1 
ATOM   341 C  CZ  . ARG A 1 43  ? -6.629  8.742   2.749   1.00 30.69 ? 63  ARG A CZ  1 
ATOM   342 N  NH1 . ARG A 1 43  ? -6.467  7.651   3.489   1.00 22.90 ? 63  ARG A NH1 1 
ATOM   343 N  NH2 . ARG A 1 43  ? -7.828  9.306   2.650   1.00 35.27 ? 63  ARG A NH2 1 
HETATM 344 N  N   . MSE A 1 44  ? 1.050   9.914   -0.924  1.00 24.14 ? 64  MSE A N   1 
HETATM 345 C  CA  . MSE A 1 44  ? 2.436   9.550   -1.138  1.00 22.71 ? 64  MSE A CA  1 
HETATM 346 C  C   . MSE A 1 44  ? 3.225   10.760  -1.632  1.00 25.09 ? 64  MSE A C   1 
HETATM 347 O  O   . MSE A 1 44  ? 2.665   11.675  -2.234  1.00 26.87 ? 64  MSE A O   1 
HETATM 348 C  CB  . MSE A 1 44  ? 2.476   8.430   -2.179  1.00 26.04 ? 64  MSE A CB  1 
HETATM 349 C  CG  . MSE A 1 44  ? 3.802   7.741   -2.358  1.00 26.46 ? 64  MSE A CG  1 
HETATM 350 SE SE  . MSE A 1 44  ? 3.643   6.428   -3.763  1.00 35.28 ? 64  MSE A SE  1 
HETATM 351 C  CE  . MSE A 1 44  ? 2.477   5.153   -2.862  1.00 26.77 ? 64  MSE A CE  1 
ATOM   352 N  N   . HIS A 1 45  ? 4.525   10.758  -1.367  1.00 22.89 ? 65  HIS A N   1 
ATOM   353 C  CA  . HIS A 1 45  ? 5.411   11.843  -1.790  1.00 28.66 ? 65  HIS A CA  1 
ATOM   354 C  C   . HIS A 1 45  ? 5.365   11.945  -3.319  1.00 31.24 ? 65  HIS A C   1 
ATOM   355 O  O   . HIS A 1 45  ? 5.319   10.928  -4.013  1.00 25.18 ? 65  HIS A O   1 
ATOM   356 C  CB  . HIS A 1 45  ? 6.828   11.535  -1.313  1.00 25.27 ? 65  HIS A CB  1 
ATOM   357 C  CG  . HIS A 1 45  ? 7.787   12.669  -1.481  1.00 29.79 ? 65  HIS A CG  1 
ATOM   358 N  ND1 . HIS A 1 45  ? 8.218   13.104  -2.715  1.00 27.12 ? 65  HIS A ND1 1 
ATOM   359 C  CD2 . HIS A 1 45  ? 8.404   13.454  -0.567  1.00 28.50 ? 65  HIS A CD2 1 
ATOM   360 C  CE1 . HIS A 1 45  ? 9.061   14.108  -2.555  1.00 36.15 ? 65  HIS A CE1 1 
ATOM   361 N  NE2 . HIS A 1 45  ? 9.192   14.341  -1.261  1.00 31.91 ? 65  HIS A NE2 1 
ATOM   362 N  N   . PRO A 1 46  ? 5.370   13.178  -3.867  1.00 30.19 ? 66  PRO A N   1 
ATOM   363 C  CA  . PRO A 1 46  ? 5.323   13.362  -5.322  1.00 27.02 ? 66  PRO A CA  1 
ATOM   364 C  C   . PRO A 1 46  ? 6.423   12.670  -6.129  1.00 27.70 ? 66  PRO A C   1 
ATOM   365 O  O   . PRO A 1 46  ? 6.170   12.193  -7.233  1.00 33.22 ? 66  PRO A O   1 
ATOM   366 C  CB  . PRO A 1 46  ? 5.348   14.892  -5.484  1.00 34.36 ? 66  PRO A CB  1 
ATOM   367 C  CG  . PRO A 1 46  ? 6.061   15.363  -4.251  1.00 36.58 ? 66  PRO A CG  1 
ATOM   368 C  CD  . PRO A 1 46  ? 5.457   14.479  -3.179  1.00 32.96 ? 66  PRO A CD  1 
ATOM   369 N  N   . GLU A 1 47  ? 7.636   12.608  -5.588  1.00 25.39 ? 67  GLU A N   1 
ATOM   370 C  CA  . GLU A 1 47  ? 8.731   11.967  -6.305  1.00 26.39 ? 67  GLU A CA  1 
ATOM   371 C  C   . GLU A 1 47  ? 8.633   10.445  -6.239  1.00 26.81 ? 67  GLU A C   1 
ATOM   372 O  O   . GLU A 1 47  ? 9.289   9.738   -7.004  1.00 25.46 ? 67  GLU A O   1 
ATOM   373 C  CB  . GLU A 1 47  ? 10.088  12.430  -5.758  1.00 28.03 ? 67  GLU A CB  1 
ATOM   374 C  CG  . GLU A 1 47  ? 10.321  13.940  -5.885  1.00 32.72 ? 67  GLU A CG  1 
ATOM   375 C  CD  . GLU A 1 47  ? 11.763  14.346  -5.639  1.00 35.90 ? 67  GLU A CD  1 
ATOM   376 O  OE1 . GLU A 1 47  ? 12.480  13.624  -4.911  1.00 51.51 ? 67  GLU A OE1 1 
ATOM   377 O  OE2 . GLU A 1 47  ? 12.181  15.401  -6.159  1.00 41.60 ? 67  GLU A OE2 1 
ATOM   378 N  N   . ASP A 1 48  ? 7.818   9.941   -5.318  1.00 27.01 ? 68  ASP A N   1 
ATOM   379 C  CA  . ASP A 1 48  ? 7.645   8.503   -5.191  1.00 19.78 ? 68  ASP A CA  1 
ATOM   380 C  C   . ASP A 1 48  ? 6.455   8.053   -6.026  1.00 25.18 ? 68  ASP A C   1 
ATOM   381 O  O   . ASP A 1 48  ? 6.455   6.953   -6.590  1.00 23.30 ? 68  ASP A O   1 
ATOM   382 C  CB  . ASP A 1 48  ? 7.479   8.103   -3.720  1.00 18.24 ? 68  ASP A CB  1 
ATOM   383 C  CG  . ASP A 1 48  ? 8.797   8.075   -2.984  1.00 23.61 ? 68  ASP A CG  1 
ATOM   384 O  OD1 . ASP A 1 48  ? 9.807   7.659   -3.603  1.00 27.93 ? 68  ASP A OD1 1 
ATOM   385 O  OD2 . ASP A 1 48  ? 8.842   8.442   -1.791  1.00 25.97 ? 68  ASP A OD2 1 
ATOM   386 N  N   . GLN A 1 49  ? 5.441   8.904   -6.124  1.00 25.18 ? 69  GLN A N   1 
ATOM   387 C  CA  . GLN A 1 49  ? 4.272   8.565   -6.925  1.00 22.28 ? 69  GLN A CA  1 
ATOM   388 C  C   . GLN A 1 49  ? 4.769   8.353   -8.348  1.00 21.07 ? 69  GLN A C   1 
ATOM   389 O  O   . GLN A 1 49  ? 4.171   7.612   -9.114  1.00 29.42 ? 69  GLN A O   1 
ATOM   390 C  CB  . GLN A 1 49  ? 3.258   9.710   -6.912  1.00 25.01 ? 69  GLN A CB  1 
ATOM   391 C  CG  . GLN A 1 49  ? 2.757   10.109  -5.537  1.00 28.00 ? 69  GLN A CG  1 
ATOM   392 C  CD  . GLN A 1 49  ? 1.884   11.349  -5.594  1.00 42.99 ? 69  GLN A CD  1 
ATOM   393 O  OE1 . GLN A 1 49  ? 2.292   12.380  -6.132  1.00 39.46 ? 69  GLN A OE1 1 
ATOM   394 N  NE2 . GLN A 1 49  ? 0.681   11.259  -5.040  1.00 35.65 ? 69  GLN A NE2 1 
ATOM   395 N  N   . GLU A 1 50  ? 5.882   9.009   -8.673  1.00 33.89 ? 70  GLU A N   1 
ATOM   396 C  CA  . GLU A 1 50  ? 6.497   8.940   -10.000 1.00 42.37 ? 70  GLU A CA  1 
ATOM   397 C  C   . GLU A 1 50  ? 7.011   7.563   -10.417 1.00 47.50 ? 70  GLU A C   1 
ATOM   398 O  O   . GLU A 1 50  ? 7.343   7.355   -11.589 1.00 50.45 ? 70  GLU A O   1 
ATOM   399 C  CB  . GLU A 1 50  ? 7.651   9.950   -10.095 1.00 41.49 ? 70  GLU A CB  1 
ATOM   400 C  CG  . GLU A 1 50  ? 7.229   11.357  -10.518 1.00 46.44 ? 70  GLU A CG  1 
ATOM   401 C  CD  . GLU A 1 50  ? 8.354   12.384  -10.422 1.00 47.39 ? 70  GLU A CD  1 
ATOM   402 O  OE1 . GLU A 1 50  ? 9.512   12.058  -10.766 1.00 40.62 ? 70  GLU A OE1 1 
ATOM   403 O  OE2 . GLU A 1 50  ? 8.074   13.531  -10.015 1.00 54.96 ? 70  GLU A OE2 1 
ATOM   404 N  N   . TRP A 1 51  ? 7.075   6.616   -9.483  1.00 40.64 ? 71  TRP A N   1 
ATOM   405 C  CA  . TRP A 1 51  ? 7.579   5.292   -9.832  1.00 30.00 ? 71  TRP A CA  1 
ATOM   406 C  C   . TRP A 1 51  ? 6.905   4.129   -9.117  1.00 24.39 ? 71  TRP A C   1 
ATOM   407 O  O   . TRP A 1 51  ? 6.745   3.052   -9.690  1.00 19.80 ? 71  TRP A O   1 
ATOM   408 C  CB  . TRP A 1 51  ? 9.089   5.228   -9.577  1.00 31.27 ? 71  TRP A CB  1 
ATOM   409 C  CG  . TRP A 1 51  ? 9.483   5.182   -8.126  1.00 20.74 ? 71  TRP A CG  1 
ATOM   410 C  CD1 . TRP A 1 51  ? 9.780   6.242   -7.311  1.00 19.91 ? 71  TRP A CD1 1 
ATOM   411 C  CD2 . TRP A 1 51  ? 9.631   4.004   -7.321  1.00 20.91 ? 71  TRP A CD2 1 
ATOM   412 N  NE1 . TRP A 1 51  ? 10.112  5.791   -6.048  1.00 23.36 ? 71  TRP A NE1 1 
ATOM   413 C  CE2 . TRP A 1 51  ? 10.028  4.423   -6.029  1.00 24.91 ? 71  TRP A CE2 1 
ATOM   414 C  CE3 . TRP A 1 51  ? 9.470   2.634   -7.569  1.00 18.94 ? 71  TRP A CE3 1 
ATOM   415 C  CZ2 . TRP A 1 51  ? 10.261  3.519   -4.987  1.00 19.97 ? 71  TRP A CZ2 1 
ATOM   416 C  CZ3 . TRP A 1 51  ? 9.703   1.734   -6.530  1.00 19.85 ? 71  TRP A CZ3 1 
ATOM   417 C  CH2 . TRP A 1 51  ? 10.096  2.183   -5.254  1.00 21.70 ? 71  TRP A CH2 1 
ATOM   418 N  N   . VAL A 1 52  ? 6.511   4.349   -7.868  1.00 22.27 ? 72  VAL A N   1 
ATOM   419 C  CA  . VAL A 1 52  ? 5.886   3.298   -7.068  1.00 21.94 ? 72  VAL A CA  1 
ATOM   420 C  C   . VAL A 1 52  ? 4.599   2.742   -7.675  1.00 22.19 ? 72  VAL A C   1 
ATOM   421 O  O   . VAL A 1 52  ? 4.408   1.529   -7.746  1.00 23.35 ? 72  VAL A O   1 
ATOM   422 C  CB  . VAL A 1 52  ? 5.589   3.801   -5.639  1.00 21.22 ? 72  VAL A CB  1 
ATOM   423 C  CG1 . VAL A 1 52  ? 4.810   2.739   -4.859  1.00 20.60 ? 72  VAL A CG1 1 
ATOM   424 C  CG2 . VAL A 1 52  ? 6.900   4.123   -4.923  1.00 13.62 ? 72  VAL A CG2 1 
ATOM   425 N  N   . VAL A 1 53  ? 3.714   3.628   -8.108  1.00 24.35 ? 73  VAL A N   1 
ATOM   426 C  CA  . VAL A 1 53  ? 2.460   3.194   -8.695  1.00 20.76 ? 73  VAL A CA  1 
ATOM   427 C  C   . VAL A 1 53  ? 2.695   2.303   -9.915  1.00 20.71 ? 73  VAL A C   1 
ATOM   428 O  O   . VAL A 1 53  ? 2.155   1.199   -9.998  1.00 24.87 ? 73  VAL A O   1 
ATOM   429 C  CB  . VAL A 1 53  ? 1.594   4.414   -9.084  1.00 30.59 ? 73  VAL A CB  1 
ATOM   430 C  CG1 . VAL A 1 53  ? 0.251   3.952   -9.637  1.00 38.81 ? 73  VAL A CG1 1 
ATOM   431 C  CG2 . VAL A 1 53  ? 1.386   5.299   -7.865  1.00 28.92 ? 73  VAL A CG2 1 
ATOM   432 N  N   . ASN A 1 54  ? 3.516   2.763   -10.855 1.00 22.63 ? 74  ASN A N   1 
ATOM   433 C  CA  . ASN A 1 54  ? 3.791   1.975   -12.057 1.00 24.84 ? 74  ASN A CA  1 
ATOM   434 C  C   . ASN A 1 54  ? 4.462   0.642   -11.741 1.00 26.49 ? 74  ASN A C   1 
ATOM   435 O  O   . ASN A 1 54  ? 4.131   -0.385  -12.334 1.00 24.06 ? 74  ASN A O   1 
ATOM   436 C  CB  . ASN A 1 54  ? 4.671   2.765   -13.033 1.00 33.47 ? 74  ASN A CB  1 
ATOM   437 C  CG  . ASN A 1 54  ? 3.973   3.992   -13.583 1.00 47.52 ? 74  ASN A CG  1 
ATOM   438 O  OD1 . ASN A 1 54  ? 2.778   3.955   -13.890 1.00 45.63 ? 74  ASN A OD1 1 
ATOM   439 N  ND2 . ASN A 1 54  ? 4.720   5.085   -13.727 1.00 49.82 ? 74  ASN A ND2 1 
ATOM   440 N  N   . PHE A 1 55  ? 5.412   0.664   -10.814 1.00 24.16 ? 75  PHE A N   1 
ATOM   441 C  CA  . PHE A 1 55  ? 6.112   -0.549  -10.425 1.00 22.80 ? 75  PHE A CA  1 
ATOM   442 C  C   . PHE A 1 55  ? 5.118   -1.558  -9.837  1.00 23.92 ? 75  PHE A C   1 
ATOM   443 O  O   . PHE A 1 55  ? 5.027   -2.693  -10.303 1.00 27.56 ? 75  PHE A O   1 
ATOM   444 C  CB  . PHE A 1 55  ? 7.211   -0.218  -9.400  1.00 22.47 ? 75  PHE A CB  1 
ATOM   445 C  CG  . PHE A 1 55  ? 7.892   -1.430  -8.829  1.00 21.22 ? 75  PHE A CG  1 
ATOM   446 C  CD1 . PHE A 1 55  ? 8.732   -2.215  -9.615  1.00 25.84 ? 75  PHE A CD1 1 
ATOM   447 C  CD2 . PHE A 1 55  ? 7.645   -1.821  -7.523  1.00 21.63 ? 75  PHE A CD2 1 
ATOM   448 C  CE1 . PHE A 1 55  ? 9.306   -3.378  -9.106  1.00 29.37 ? 75  PHE A CE1 1 
ATOM   449 C  CE2 . PHE A 1 55  ? 8.214   -2.981  -7.003  1.00 25.30 ? 75  PHE A CE2 1 
ATOM   450 C  CZ  . PHE A 1 55  ? 9.043   -3.759  -7.795  1.00 25.62 ? 75  PHE A CZ  1 
ATOM   451 N  N   . CYS A 1 56  ? 4.350   -1.144  -8.835  1.00 21.88 ? 76  CYS A N   1 
ATOM   452 C  CA  . CYS A 1 56  ? 3.399   -2.066  -8.218  1.00 21.04 ? 76  CYS A CA  1 
ATOM   453 C  C   . CYS A 1 56  ? 2.359   -2.609  -9.193  1.00 29.65 ? 76  CYS A C   1 
ATOM   454 O  O   . CYS A 1 56  ? 2.004   -3.786  -9.136  1.00 26.73 ? 76  CYS A O   1 
ATOM   455 C  CB  . CYS A 1 56  ? 2.719   -1.404  -7.016  1.00 25.95 ? 76  CYS A CB  1 
ATOM   456 S  SG  . CYS A 1 56  ? 3.856   -1.139  -5.627  1.00 25.47 ? 76  CYS A SG  1 
ATOM   457 N  N   . VAL A 1 57  ? 1.872   -1.756  -10.084 1.00 29.75 ? 77  VAL A N   1 
ATOM   458 C  CA  . VAL A 1 57  ? 0.896   -2.182  -11.075 1.00 31.59 ? 77  VAL A CA  1 
ATOM   459 C  C   . VAL A 1 57  ? 1.487   -3.270  -11.969 1.00 31.69 ? 77  VAL A C   1 
ATOM   460 O  O   . VAL A 1 57  ? 0.889   -4.330  -12.161 1.00 34.32 ? 77  VAL A O   1 
ATOM   461 C  CB  . VAL A 1 57  ? 0.462   -0.996  -11.956 1.00 36.69 ? 77  VAL A CB  1 
ATOM   462 C  CG1 . VAL A 1 57  ? -0.336  -1.494  -13.151 1.00 48.57 ? 77  VAL A CG1 1 
ATOM   463 C  CG2 . VAL A 1 57  ? -0.375  -0.036  -11.138 1.00 40.11 ? 77  VAL A CG2 1 
ATOM   464 N  N   . LYS A 1 58  ? 2.671   -3.004  -12.506 1.00 32.13 ? 78  LYS A N   1 
ATOM   465 C  CA  . LYS A 1 58  ? 3.348   -3.949  -13.389 1.00 33.86 ? 78  LYS A CA  1 
ATOM   466 C  C   . LYS A 1 58  ? 3.595   -5.297  -12.716 1.00 32.81 ? 78  LYS A C   1 
ATOM   467 O  O   . LYS A 1 58  ? 3.329   -6.346  -13.298 1.00 33.66 ? 78  LYS A O   1 
ATOM   468 C  CB  . LYS A 1 58  ? 4.681   -3.362  -13.858 1.00 31.89 ? 78  LYS A CB  1 
ATOM   469 C  CG  . LYS A 1 58  ? 5.438   -4.231  -14.861 1.00 46.04 ? 78  LYS A CG  1 
ATOM   470 C  CD  . LYS A 1 58  ? 4.669   -4.382  -16.169 1.00 58.50 ? 78  LYS A CD  1 
ATOM   471 C  CE  . LYS A 1 58  ? 5.467   -5.182  -17.189 1.00 54.13 ? 78  LYS A CE  1 
ATOM   472 N  NZ  . LYS A 1 58  ? 5.787   -6.545  -16.678 1.00 59.57 ? 78  LYS A NZ  1 
ATOM   473 N  N   . GLN A 1 59  ? 4.110   -5.272  -11.491 1.00 26.60 ? 79  GLN A N   1 
ATOM   474 C  CA  . GLN A 1 59  ? 4.388   -6.508  -10.774 1.00 23.50 ? 79  GLN A CA  1 
ATOM   475 C  C   . GLN A 1 59  ? 3.122   -7.272  -10.416 1.00 29.06 ? 79  GLN A C   1 
ATOM   476 O  O   . GLN A 1 59  ? 3.082   -8.502  -10.513 1.00 32.49 ? 79  GLN A O   1 
ATOM   477 C  CB  . GLN A 1 59  ? 5.206   -6.212  -9.513  1.00 23.43 ? 79  GLN A CB  1 
ATOM   478 C  CG  . GLN A 1 59  ? 6.565   -5.598  -9.819  1.00 25.55 ? 79  GLN A CG  1 
ATOM   479 C  CD  . GLN A 1 59  ? 7.401   -6.474  -10.734 1.00 31.15 ? 79  GLN A CD  1 
ATOM   480 O  OE1 . GLN A 1 59  ? 7.792   -7.580  -10.367 1.00 35.74 ? 79  GLN A OE1 1 
ATOM   481 N  NE2 . GLN A 1 59  ? 7.668   -5.986  -11.939 1.00 34.48 ? 79  GLN A NE2 1 
ATOM   482 N  N   . SER A 1 60  ? 2.089   -6.546  -10.002 1.00 28.81 ? 80  SER A N   1 
ATOM   483 C  CA  . SER A 1 60  ? 0.820   -7.169  -9.642  1.00 30.40 ? 80  SER A CA  1 
ATOM   484 C  C   . SER A 1 60  ? 0.187   -7.866  -10.847 1.00 30.09 ? 80  SER A C   1 
ATOM   485 O  O   . SER A 1 60  ? -0.238  -9.017  -10.753 1.00 31.98 ? 80  SER A O   1 
ATOM   486 C  CB  . SER A 1 60  ? -0.146  -6.119  -9.089  1.00 31.46 ? 80  SER A CB  1 
ATOM   487 O  OG  . SER A 1 60  ? 0.334   -5.585  -7.864  1.00 32.18 ? 80  SER A OG  1 
ATOM   488 N  N   . GLU A 1 61  ? 0.132   -7.168  -11.976 1.00 32.61 ? 81  GLU A N   1 
ATOM   489 C  CA  . GLU A 1 61  ? -0.447  -7.729  -13.191 1.00 40.88 ? 81  GLU A CA  1 
ATOM   490 C  C   . GLU A 1 61  ? 0.291   -8.997  -13.612 1.00 42.80 ? 81  GLU A C   1 
ATOM   491 O  O   . GLU A 1 61  ? -0.303  -9.906  -14.187 1.00 41.44 ? 81  GLU A O   1 
ATOM   492 C  CB  . GLU A 1 61  ? -0.392  -6.708  -14.328 1.00 41.20 ? 81  GLU A CB  1 
ATOM   493 C  CG  . GLU A 1 61  ? -1.134  -5.412  -14.048 1.00 44.97 ? 81  GLU A CG  1 
ATOM   494 C  CD  . GLU A 1 61  ? -1.117  -4.472  -15.237 1.00 55.11 ? 81  GLU A CD  1 
ATOM   495 O  OE1 . GLU A 1 61  ? -0.036  -4.301  -15.843 1.00 51.68 ? 81  GLU A OE1 1 
ATOM   496 O  OE2 . GLU A 1 61  ? -2.179  -3.897  -15.561 1.00 57.65 ? 81  GLU A OE2 1 
ATOM   497 N  N   . CYS A 1 62  ? 1.588   -9.056  -13.325 1.00 38.90 ? 82  CYS A N   1 
ATOM   498 C  CA  . CYS A 1 62  ? 2.384   -10.225 -13.678 1.00 35.40 ? 82  CYS A CA  1 
ATOM   499 C  C   . CYS A 1 62  ? 2.314   -11.299 -12.598 1.00 37.84 ? 82  CYS A C   1 
ATOM   500 O  O   . CYS A 1 62  ? 2.930   -12.357 -12.729 1.00 40.33 ? 82  CYS A O   1 
ATOM   501 C  CB  . CYS A 1 62  ? 3.842   -9.828  -13.909 1.00 41.92 ? 82  CYS A CB  1 
ATOM   502 S  SG  . CYS A 1 62  ? 4.102   -8.777  -15.362 1.00 54.10 ? 82  CYS A SG  1 
ATOM   503 N  N   . GLY A 1 63  ? 1.559   -11.024 -11.538 1.00 35.82 ? 83  GLY A N   1 
ATOM   504 C  CA  . GLY A 1 63  ? 1.418   -11.978 -10.450 1.00 32.80 ? 83  GLY A CA  1 
ATOM   505 C  C   . GLY A 1 63  ? 2.702   -12.202 -9.672  1.00 34.77 ? 83  GLY A C   1 
ATOM   506 O  O   . GLY A 1 63  ? 2.883   -13.242 -9.038  1.00 32.08 ? 83  GLY A O   1 
ATOM   507 N  N   . VAL A 1 64  ? 3.595   -11.220 -9.708  1.00 32.43 ? 84  VAL A N   1 
ATOM   508 C  CA  . VAL A 1 64  ? 4.874   -11.325 -9.014  1.00 30.90 ? 84  VAL A CA  1 
ATOM   509 C  C   . VAL A 1 64  ? 4.890   -10.548 -7.695  1.00 36.65 ? 84  VAL A C   1 
ATOM   510 O  O   . VAL A 1 64  ? 4.625   -9.349  -7.679  1.00 32.77 ? 84  VAL A O   1 
ATOM   511 C  CB  . VAL A 1 64  ? 6.015   -10.804 -9.914  1.00 30.31 ? 84  VAL A CB  1 
ATOM   512 C  CG1 . VAL A 1 64  ? 7.340   -10.858 -9.170  1.00 43.32 ? 84  VAL A CG1 1 
ATOM   513 C  CG2 . VAL A 1 64  ? 6.086   -11.636 -11.193 1.00 38.09 ? 84  VAL A CG2 1 
ATOM   514 N  N   . ASP A 1 65  ? 5.197   -11.227 -6.593  1.00 31.66 ? 85  ASP A N   1 
ATOM   515 C  CA  . ASP A 1 65  ? 5.252   -10.553 -5.296  1.00 32.10 ? 85  ASP A CA  1 
ATOM   516 C  C   . ASP A 1 65  ? 6.291   -9.464  -5.380  1.00 27.59 ? 85  ASP A C   1 
ATOM   517 O  O   . ASP A 1 65  ? 7.290   -9.608  -6.074  1.00 31.04 ? 85  ASP A O   1 
ATOM   518 C  CB  . ASP A 1 65  ? 5.639   -11.526 -4.190  1.00 31.12 ? 85  ASP A CB  1 
ATOM   519 C  CG  . ASP A 1 65  ? 4.523   -12.470 -3.845  1.00 29.27 ? 85  ASP A CG  1 
ATOM   520 O  OD1 . ASP A 1 65  ? 3.541   -12.533 -4.619  1.00 24.09 ? 85  ASP A OD1 1 
ATOM   521 O  OD2 . ASP A 1 65  ? 4.632   -13.143 -2.806  1.00 25.97 ? 85  ASP A OD2 1 
ATOM   522 N  N   . HIS A 1 66  ? 6.063   -8.369  -4.670  1.00 24.43 ? 86  HIS A N   1 
ATOM   523 C  CA  . HIS A 1 66  ? 7.006   -7.266  -4.715  1.00 23.94 ? 86  HIS A CA  1 
ATOM   524 C  C   . HIS A 1 66  ? 6.935   -6.442  -3.446  1.00 26.24 ? 86  HIS A C   1 
ATOM   525 O  O   . HIS A 1 66  ? 6.093   -6.681  -2.580  1.00 22.14 ? 86  HIS A O   1 
ATOM   526 C  CB  . HIS A 1 66  ? 6.685   -6.377  -5.920  1.00 22.13 ? 86  HIS A CB  1 
ATOM   527 C  CG  . HIS A 1 66  ? 5.245   -5.974  -5.995  1.00 21.05 ? 86  HIS A CG  1 
ATOM   528 N  ND1 . HIS A 1 66  ? 4.247   -6.852  -6.362  1.00 22.81 ? 86  HIS A ND1 1 
ATOM   529 C  CD2 . HIS A 1 66  ? 4.626   -4.808  -5.694  1.00 23.68 ? 86  HIS A CD2 1 
ATOM   530 C  CE1 . HIS A 1 66  ? 3.077   -6.244  -6.281  1.00 22.28 ? 86  HIS A CE1 1 
ATOM   531 N  NE2 . HIS A 1 66  ? 3.279   -5.002  -5.878  1.00 26.51 ? 86  HIS A NE2 1 
ATOM   532 N  N   . GLU A 1 67  ? 7.831   -5.467  -3.344  1.00 21.34 ? 87  GLU A N   1 
ATOM   533 C  CA  . GLU A 1 67  ? 7.865   -4.574  -2.195  1.00 20.65 ? 87  GLU A CA  1 
ATOM   534 C  C   . GLU A 1 67  ? 8.463   -3.255  -2.660  1.00 18.91 ? 87  GLU A C   1 
ATOM   535 O  O   . GLU A 1 67  ? 9.244   -3.229  -3.607  1.00 19.58 ? 87  GLU A O   1 
ATOM   536 C  CB  . GLU A 1 67  ? 8.720   -5.165  -1.069  1.00 23.48 ? 87  GLU A CB  1 
ATOM   537 C  CG  . GLU A 1 67  ? 10.202  -5.219  -1.374  1.00 29.51 ? 87  GLU A CG  1 
ATOM   538 C  CD  . GLU A 1 67  ? 11.022  -5.661  -0.172  1.00 42.57 ? 87  GLU A CD  1 
ATOM   539 O  OE1 . GLU A 1 67  ? 10.862  -6.819  0.257   1.00 33.08 ? 87  GLU A OE1 1 
ATOM   540 O  OE2 . GLU A 1 67  ? 11.821  -4.846  0.341   1.00 45.71 ? 87  GLU A OE2 1 
ATOM   541 N  N   . ALA A 1 68  ? 8.078   -2.164  -2.006  1.00 19.08 ? 88  ALA A N   1 
ATOM   542 C  CA  . ALA A 1 68  ? 8.578   -0.841  -2.356  1.00 17.73 ? 88  ALA A CA  1 
ATOM   543 C  C   . ALA A 1 68  ? 8.721   0.030   -1.121  1.00 22.10 ? 88  ALA A C   1 
ATOM   544 O  O   . ALA A 1 68  ? 7.929   -0.065  -0.182  1.00 24.38 ? 88  ALA A O   1 
ATOM   545 C  CB  . ALA A 1 68  ? 7.628   -0.160  -3.357  1.00 22.23 ? 88  ALA A CB  1 
ATOM   546 N  N   . ASP A 1 69  ? 9.751   0.869   -1.128  1.00 20.56 ? 89  ASP A N   1 
ATOM   547 C  CA  . ASP A 1 69  ? 10.011  1.791   -0.034  1.00 20.30 ? 89  ASP A CA  1 
ATOM   548 C  C   . ASP A 1 69  ? 9.666   3.180   -0.546  1.00 20.84 ? 89  ASP A C   1 
ATOM   549 O  O   . ASP A 1 69  ? 10.124  3.581   -1.614  1.00 21.34 ? 89  ASP A O   1 
ATOM   550 C  CB  . ASP A 1 69  ? 11.493  1.761   0.361   1.00 23.82 ? 89  ASP A CB  1 
ATOM   551 C  CG  . ASP A 1 69  ? 11.892  0.481   1.064   1.00 29.46 ? 89  ASP A CG  1 
ATOM   552 O  OD1 . ASP A 1 69  ? 11.115  -0.496  1.019   1.00 27.66 ? 89  ASP A OD1 1 
ATOM   553 O  OD2 . ASP A 1 69  ? 12.990  0.455   1.661   1.00 23.61 ? 89  ASP A OD2 1 
ATOM   554 N  N   . TYR A 1 70  ? 8.852   3.910   0.206   1.00 21.40 ? 90  TYR A N   1 
ATOM   555 C  CA  . TYR A 1 70  ? 8.477   5.253   -0.207  1.00 23.67 ? 90  TYR A CA  1 
ATOM   556 C  C   . TYR A 1 70  ? 8.039   6.111   0.970   1.00 26.45 ? 90  TYR A C   1 
ATOM   557 O  O   . TYR A 1 70  ? 7.824   5.622   2.089   1.00 18.82 ? 90  TYR A O   1 
ATOM   558 C  CB  . TYR A 1 70  ? 7.344   5.200   -1.245  1.00 20.40 ? 90  TYR A CB  1 
ATOM   559 C  CG  . TYR A 1 70  ? 6.135   4.448   -0.757  1.00 18.59 ? 90  TYR A CG  1 
ATOM   560 C  CD1 . TYR A 1 70  ? 5.988   3.083   -1.009  1.00 17.18 ? 90  TYR A CD1 1 
ATOM   561 C  CD2 . TYR A 1 70  ? 5.168   5.082   0.024   1.00 19.57 ? 90  TYR A CD2 1 
ATOM   562 C  CE1 . TYR A 1 70  ? 4.912   2.368   -0.488  1.00 17.10 ? 90  TYR A CE1 1 
ATOM   563 C  CE2 . TYR A 1 70  ? 4.084   4.371   0.546   1.00 15.98 ? 90  TYR A CE2 1 
ATOM   564 C  CZ  . TYR A 1 70  ? 3.970   3.013   0.288   1.00 16.13 ? 90  TYR A CZ  1 
ATOM   565 O  OH  . TYR A 1 70  ? 2.925   2.301   0.840   1.00 20.13 ? 90  TYR A OH  1 
ATOM   566 N  N   . ARG A 1 71  ? 7.918   7.405   0.700   1.00 17.98 ? 91  ARG A N   1 
ATOM   567 C  CA  . ARG A 1 71  ? 7.498   8.366   1.696   1.00 21.45 ? 91  ARG A CA  1 
ATOM   568 C  C   . ARG A 1 71  ? 5.988   8.510   1.615   1.00 25.98 ? 91  ARG A C   1 
ATOM   569 O  O   . ARG A 1 71  ? 5.448   8.994   0.613   1.00 26.65 ? 91  ARG A O   1 
ATOM   570 C  CB  . ARG A 1 71  ? 8.187   9.713   1.433   1.00 28.75 ? 91  ARG A CB  1 
ATOM   571 C  CG  . ARG A 1 71  ? 9.685   9.681   1.723   1.00 21.40 ? 91  ARG A CG  1 
ATOM   572 C  CD  . ARG A 1 71  ? 10.472  10.642  0.848   1.00 31.75 ? 91  ARG A CD  1 
ATOM   573 N  NE  . ARG A 1 71  ? 10.531  10.205  -0.552  1.00 24.37 ? 91  ARG A NE  1 
ATOM   574 C  CZ  . ARG A 1 71  ? 11.194  10.857  -1.504  1.00 34.64 ? 91  ARG A CZ  1 
ATOM   575 N  NH1 . ARG A 1 71  ? 11.855  11.971  -1.208  1.00 26.37 ? 91  ARG A NH1 1 
ATOM   576 N  NH2 . ARG A 1 71  ? 11.188  10.408  -2.749  1.00 28.37 ? 91  ARG A NH2 1 
ATOM   577 N  N   . ALA A 1 72  ? 5.305   8.058   2.661   1.00 20.82 ? 92  ALA A N   1 
ATOM   578 C  CA  . ALA A 1 72  ? 3.853   8.145   2.720   1.00 24.39 ? 92  ALA A CA  1 
ATOM   579 C  C   . ALA A 1 72  ? 3.496   9.503   3.294   1.00 18.81 ? 92  ALA A C   1 
ATOM   580 O  O   . ALA A 1 72  ? 4.231   10.054  4.114   1.00 24.07 ? 92  ALA A O   1 
ATOM   581 C  CB  . ALA A 1 72  ? 3.287   7.030   3.618   1.00 23.15 ? 92  ALA A CB  1 
ATOM   582 N  N   . LEU A 1 73  ? 2.365   10.036  2.864   1.00 19.98 ? 93  LEU A N   1 
ATOM   583 C  CA  . LEU A 1 73  ? 1.909   11.342  3.319   1.00 20.41 ? 93  LEU A CA  1 
ATOM   584 C  C   . LEU A 1 73  ? 1.014   11.238  4.543   1.00 22.64 ? 93  LEU A C   1 
ATOM   585 O  O   . LEU A 1 73  ? -0.030  10.587  4.505   1.00 22.48 ? 93  LEU A O   1 
ATOM   586 C  CB  . LEU A 1 73  ? 1.141   12.036  2.187   1.00 21.45 ? 93  LEU A CB  1 
ATOM   587 C  CG  . LEU A 1 73  ? 0.564   13.417  2.487   1.00 24.44 ? 93  LEU A CG  1 
ATOM   588 C  CD1 . LEU A 1 73  ? 1.698   14.393  2.791   1.00 29.28 ? 93  LEU A CD1 1 
ATOM   589 C  CD2 . LEU A 1 73  ? -0.248  13.896  1.299   1.00 27.52 ? 93  LEU A CD2 1 
ATOM   590 N  N   . HIS A 1 74  ? 1.430   11.875  5.630   1.00 24.36 ? 94  HIS A N   1 
ATOM   591 C  CA  . HIS A 1 74  ? 0.648   11.889  6.857   1.00 20.02 ? 94  HIS A CA  1 
ATOM   592 C  C   . HIS A 1 74  ? -0.423  12.957  6.648   1.00 26.74 ? 94  HIS A C   1 
ATOM   593 O  O   . HIS A 1 74  ? -0.211  13.896  5.874   1.00 22.29 ? 94  HIS A O   1 
ATOM   594 C  CB  . HIS A 1 74  ? 1.550   12.262  8.038   1.00 23.56 ? 94  HIS A CB  1 
ATOM   595 C  CG  . HIS A 1 74  ? 0.878   12.165  9.369   1.00 23.80 ? 94  HIS A CG  1 
ATOM   596 N  ND1 . HIS A 1 74  ? -0.097  13.048  9.777   1.00 26.12 ? 94  HIS A ND1 1 
ATOM   597 C  CD2 . HIS A 1 74  ? 1.043   11.287  10.385  1.00 21.76 ? 94  HIS A CD2 1 
ATOM   598 C  CE1 . HIS A 1 74  ? -0.505  12.719  10.991  1.00 18.95 ? 94  HIS A CE1 1 
ATOM   599 N  NE2 . HIS A 1 74  ? 0.171   11.654  11.382  1.00 19.91 ? 94  HIS A NE2 1 
ATOM   600 N  N   . ARG A 1 75  ? -1.573  12.834  7.305   1.00 20.50 ? 95  ARG A N   1 
ATOM   601 C  CA  . ARG A 1 75  ? -2.605  13.848  7.106   1.00 24.59 ? 95  ARG A CA  1 
ATOM   602 C  C   . ARG A 1 75  ? -2.121  15.244  7.489   1.00 23.57 ? 95  ARG A C   1 
ATOM   603 O  O   . ARG A 1 75  ? -2.546  16.231  6.886   1.00 27.77 ? 95  ARG A O   1 
ATOM   604 C  CB  . ARG A 1 75  ? -3.892  13.512  7.885   1.00 24.94 ? 95  ARG A CB  1 
ATOM   605 C  CG  . ARG A 1 75  ? -3.725  13.359  9.381   1.00 39.00 ? 95  ARG A CG  1 
ATOM   606 C  CD  . ARG A 1 75  ? -5.051  13.633  10.067  1.00 44.80 ? 95  ARG A CD  1 
ATOM   607 N  NE  . ARG A 1 75  ? -5.531  14.954  9.686   1.00 47.24 ? 95  ARG A NE  1 
ATOM   608 C  CZ  . ARG A 1 75  ? -4.925  16.089  10.019  1.00 41.86 ? 95  ARG A CZ  1 
ATOM   609 N  NH1 . ARG A 1 75  ? -5.423  17.252  9.617   1.00 45.07 ? 95  ARG A NH1 1 
ATOM   610 N  NH2 . ARG A 1 75  ? -3.836  16.066  10.773  1.00 30.78 ? 95  ARG A NH2 1 
ATOM   611 N  N   . ASP A 1 76  ? -1.230  15.341  8.476   1.00 24.14 ? 96  ASP A N   1 
ATOM   612 C  CA  . ASP A 1 76  ? -0.747  16.661  8.882   1.00 24.72 ? 96  ASP A CA  1 
ATOM   613 C  C   . ASP A 1 76  ? 0.269   17.271  7.915   1.00 30.60 ? 96  ASP A C   1 
ATOM   614 O  O   . ASP A 1 76  ? 0.800   18.356  8.159   1.00 28.01 ? 96  ASP A O   1 
ATOM   615 C  CB  . ASP A 1 76  ? -0.183  16.656  10.320  1.00 21.39 ? 96  ASP A CB  1 
ATOM   616 C  CG  . ASP A 1 76  ? 1.124   15.897  10.460  1.00 26.83 ? 96  ASP A CG  1 
ATOM   617 O  OD1 . ASP A 1 76  ? 1.858   15.737  9.467   1.00 27.81 ? 96  ASP A OD1 1 
ATOM   618 O  OD2 . ASP A 1 76  ? 1.428   15.471  11.598  1.00 29.66 ? 96  ASP A OD2 1 
ATOM   619 N  N   . GLY A 1 77  ? 0.538   16.577  6.816   1.00 28.27 ? 97  GLY A N   1 
ATOM   620 C  CA  . GLY A 1 77  ? 1.456   17.118  5.830   1.00 28.78 ? 97  GLY A CA  1 
ATOM   621 C  C   . GLY A 1 77  ? 2.876   16.597  5.787   1.00 27.58 ? 97  GLY A C   1 
ATOM   622 O  O   . GLY A 1 77  ? 3.533   16.732  4.755   1.00 29.29 ? 97  GLY A O   1 
ATOM   623 N  N   . HIS A 1 78  ? 3.376   16.018  6.877   1.00 24.15 ? 98  HIS A N   1 
ATOM   624 C  CA  . HIS A 1 78  ? 4.737   15.506  6.841   1.00 23.45 ? 98  HIS A CA  1 
ATOM   625 C  C   . HIS A 1 78  ? 4.774   14.105  6.236   1.00 23.68 ? 98  HIS A C   1 
ATOM   626 O  O   . HIS A 1 78  ? 3.738   13.451  6.085   1.00 23.12 ? 98  HIS A O   1 
ATOM   627 C  CB  . HIS A 1 78  ? 5.384   15.529  8.238   1.00 27.96 ? 98  HIS A CB  1 
ATOM   628 C  CG  . HIS A 1 78  ? 5.019   14.374  9.120   1.00 19.77 ? 98  HIS A CG  1 
ATOM   629 N  ND1 . HIS A 1 78  ? 3.821   14.297  9.798   1.00 27.58 ? 98  HIS A ND1 1 
ATOM   630 C  CD2 . HIS A 1 78  ? 5.725   13.275  9.476   1.00 27.87 ? 98  HIS A CD2 1 
ATOM   631 C  CE1 . HIS A 1 78  ? 3.806   13.198  10.536  1.00 28.14 ? 98  HIS A CE1 1 
ATOM   632 N  NE2 . HIS A 1 78  ? 4.949   12.561  10.359  1.00 29.72 ? 98  HIS A NE2 1 
ATOM   633 N  N   . TYR A 1 79  ? 5.973   13.656  5.884   1.00 23.34 ? 99  TYR A N   1 
ATOM   634 C  CA  . TYR A 1 79  ? 6.162   12.352  5.262   1.00 21.93 ? 99  TYR A CA  1 
ATOM   635 C  C   . TYR A 1 79  ? 6.712   11.292  6.203   1.00 25.31 ? 99  TYR A C   1 
ATOM   636 O  O   . TYR A 1 79  ? 7.546   11.583  7.062   1.00 19.49 ? 99  TYR A O   1 
ATOM   637 C  CB  . TYR A 1 79  ? 7.093   12.504  4.059   1.00 23.44 ? 99  TYR A CB  1 
ATOM   638 C  CG  . TYR A 1 79  ? 6.443   13.248  2.920   1.00 27.82 ? 99  TYR A CG  1 
ATOM   639 C  CD1 . TYR A 1 79  ? 5.412   12.665  2.198   1.00 30.04 ? 99  TYR A CD1 1 
ATOM   640 C  CD2 . TYR A 1 79  ? 6.825   14.549  2.592   1.00 34.45 ? 99  TYR A CD2 1 
ATOM   641 C  CE1 . TYR A 1 79  ? 4.771   13.349  1.183   1.00 41.65 ? 99  TYR A CE1 1 
ATOM   642 C  CE2 . TYR A 1 79  ? 6.186   15.245  1.568   1.00 32.41 ? 99  TYR A CE2 1 
ATOM   643 C  CZ  . TYR A 1 79  ? 5.160   14.635  0.873   1.00 28.96 ? 99  TYR A CZ  1 
ATOM   644 O  OH  . TYR A 1 79  ? 4.500   15.297  -0.133  1.00 47.04 ? 99  TYR A OH  1 
ATOM   645 N  N   . VAL A 1 80  ? 6.238   10.060  6.028   1.00 19.13 ? 100 VAL A N   1 
ATOM   646 C  CA  . VAL A 1 80  ? 6.686   8.931   6.834   1.00 16.36 ? 100 VAL A CA  1 
ATOM   647 C  C   . VAL A 1 80  ? 7.175   7.827   5.895   1.00 18.90 ? 100 VAL A C   1 
ATOM   648 O  O   . VAL A 1 80  ? 6.455   7.407   4.989   1.00 18.89 ? 100 VAL A O   1 
ATOM   649 C  CB  . VAL A 1 80  ? 5.540   8.356   7.704   1.00 23.56 ? 100 VAL A CB  1 
ATOM   650 C  CG1 . VAL A 1 80  ? 6.051   7.173   8.540   1.00 21.14 ? 100 VAL A CG1 1 
ATOM   651 C  CG2 . VAL A 1 80  ? 4.978   9.440   8.601   1.00 24.64 ? 100 VAL A CG2 1 
ATOM   652 N  N   . TRP A 1 81  ? 8.404   7.372   6.116   1.00 16.69 ? 101 TRP A N   1 
ATOM   653 C  CA  . TRP A 1 81  ? 8.992   6.318   5.309   1.00 18.97 ? 101 TRP A CA  1 
ATOM   654 C  C   . TRP A 1 81  ? 8.320   4.987   5.591   1.00 24.70 ? 101 TRP A C   1 
ATOM   655 O  O   . TRP A 1 81  ? 8.319   4.504   6.726   1.00 23.06 ? 101 TRP A O   1 
ATOM   656 C  CB  . TRP A 1 81  ? 10.486  6.194   5.595   1.00 21.59 ? 101 TRP A CB  1 
ATOM   657 C  CG  . TRP A 1 81  ? 11.309  7.140   4.789   1.00 24.89 ? 101 TRP A CG  1 
ATOM   658 C  CD1 . TRP A 1 81  ? 11.884  8.307   5.212   1.00 25.33 ? 101 TRP A CD1 1 
ATOM   659 C  CD2 . TRP A 1 81  ? 11.644  7.007   3.404   1.00 22.84 ? 101 TRP A CD2 1 
ATOM   660 N  NE1 . TRP A 1 81  ? 12.564  8.903   4.176   1.00 20.23 ? 101 TRP A NE1 1 
ATOM   661 C  CE2 . TRP A 1 81  ? 12.432  8.127   3.053   1.00 26.03 ? 101 TRP A CE2 1 
ATOM   662 C  CE3 . TRP A 1 81  ? 11.356  6.045   2.421   1.00 21.01 ? 101 TRP A CE3 1 
ATOM   663 C  CZ2 . TRP A 1 81  ? 12.936  8.316   1.759   1.00 28.39 ? 101 TRP A CZ2 1 
ATOM   664 C  CZ3 . TRP A 1 81  ? 11.856  6.233   1.133   1.00 25.49 ? 101 TRP A CZ3 1 
ATOM   665 C  CH2 . TRP A 1 81  ? 12.640  7.361   0.816   1.00 27.14 ? 101 TRP A CH2 1 
ATOM   666 N  N   . ILE A 1 82  ? 7.771   4.392   4.542   1.00 19.28 ? 102 ILE A N   1 
ATOM   667 C  CA  . ILE A 1 82  ? 7.070   3.126   4.653   1.00 20.93 ? 102 ILE A CA  1 
ATOM   668 C  C   . ILE A 1 82  ? 7.561   2.095   3.643   1.00 15.42 ? 102 ILE A C   1 
ATOM   669 O  O   . ILE A 1 82  ? 8.003   2.434   2.545   1.00 19.26 ? 102 ILE A O   1 
ATOM   670 C  CB  . ILE A 1 82  ? 5.541   3.349   4.458   1.00 18.65 ? 102 ILE A CB  1 
ATOM   671 C  CG1 . ILE A 1 82  ? 4.943   3.909   5.752   1.00 22.46 ? 102 ILE A CG1 1 
ATOM   672 C  CG2 . ILE A 1 82  ? 4.854   2.052   4.031   1.00 21.33 ? 102 ILE A CG2 1 
ATOM   673 C  CD1 . ILE A 1 82  ? 3.438   4.032   5.745   1.00 28.81 ? 102 ILE A CD1 1 
ATOM   674 N  N   . ARG A 1 83  ? 7.504   0.832   4.048   1.00 17.95 ? 103 ARG A N   1 
ATOM   675 C  CA  . ARG A 1 83  ? 7.865   -0.278  3.185   1.00 16.51 ? 103 ARG A CA  1 
ATOM   676 C  C   . ARG A 1 83  ? 6.557   -1.034  3.009   1.00 18.18 ? 103 ARG A C   1 
ATOM   677 O  O   . ARG A 1 83  ? 5.942   -1.453  3.987   1.00 19.85 ? 103 ARG A O   1 
ATOM   678 C  CB  . ARG A 1 83  ? 8.903   -1.199  3.841   1.00 19.36 ? 103 ARG A CB  1 
ATOM   679 C  CG  . ARG A 1 83  ? 9.180   -2.497  3.047   1.00 25.00 ? 103 ARG A CG  1 
ATOM   680 C  CD  . ARG A 1 83  ? 10.486  -3.156  3.495   1.00 33.00 ? 103 ARG A CD  1 
ATOM   681 N  NE  . ARG A 1 83  ? 11.594  -2.230  3.272   1.00 24.05 ? 103 ARG A NE  1 
ATOM   682 C  CZ  . ARG A 1 83  ? 12.551  -1.954  4.151   1.00 28.52 ? 103 ARG A CZ  1 
ATOM   683 N  NH1 . ARG A 1 83  ? 12.569  -2.543  5.341   1.00 26.37 ? 103 ARG A NH1 1 
ATOM   684 N  NH2 . ARG A 1 83  ? 13.467  -1.043  3.847   1.00 23.97 ? 103 ARG A NH2 1 
ATOM   685 N  N   . ASP A 1 84  ? 6.126   -1.181  1.764   1.00 18.02 ? 104 ASP A N   1 
ATOM   686 C  CA  . ASP A 1 84  ? 4.894   -1.892  1.462   1.00 19.98 ? 104 ASP A CA  1 
ATOM   687 C  C   . ASP A 1 84  ? 5.345   -3.228  0.863   1.00 24.64 ? 104 ASP A C   1 
ATOM   688 O  O   . ASP A 1 84  ? 6.119   -3.253  -0.098  1.00 20.29 ? 104 ASP A O   1 
ATOM   689 C  CB  . ASP A 1 84  ? 4.075   -1.068  0.459   1.00 18.95 ? 104 ASP A CB  1 
ATOM   690 C  CG  . ASP A 1 84  ? 2.652   -1.566  0.296   1.00 23.61 ? 104 ASP A CG  1 
ATOM   691 O  OD1 . ASP A 1 84  ? 2.222   -2.454  1.058   1.00 24.29 ? 104 ASP A OD1 1 
ATOM   692 O  OD2 . ASP A 1 84  ? 1.952   -1.050  -0.604  1.00 23.02 ? 104 ASP A OD2 1 
ATOM   693 N  N   . VAL A 1 85  ? 4.886   -4.328  1.458   1.00 21.14 ? 105 VAL A N   1 
ATOM   694 C  CA  . VAL A 1 85  ? 5.235   -5.676  1.014   1.00 21.99 ? 105 VAL A CA  1 
ATOM   695 C  C   . VAL A 1 85  ? 3.971   -6.336  0.516   1.00 17.34 ? 105 VAL A C   1 
ATOM   696 O  O   . VAL A 1 85  ? 2.984   -6.425  1.245   1.00 16.36 ? 105 VAL A O   1 
ATOM   697 C  CB  . VAL A 1 85  ? 5.825   -6.511  2.162   1.00 26.68 ? 105 VAL A CB  1 
ATOM   698 C  CG1 . VAL A 1 85  ? 6.223   -7.892  1.649   1.00 25.69 ? 105 VAL A CG1 1 
ATOM   699 C  CG2 . VAL A 1 85  ? 7.039   -5.798  2.741   1.00 25.20 ? 105 VAL A CG2 1 
ATOM   700 N  N   . VAL A 1 86  ? 4.023   -6.814  -0.723  1.00 22.30 ? 106 VAL A N   1 
ATOM   701 C  CA  . VAL A 1 86  ? 2.854   -7.381  -1.374  1.00 21.12 ? 106 VAL A CA  1 
ATOM   702 C  C   . VAL A 1 86  ? 2.945   -8.804  -1.886  1.00 20.51 ? 106 VAL A C   1 
ATOM   703 O  O   . VAL A 1 86  ? 3.882   -9.169  -2.597  1.00 18.21 ? 106 VAL A O   1 
ATOM   704 C  CB  . VAL A 1 86  ? 2.451   -6.513  -2.588  1.00 20.49 ? 106 VAL A CB  1 
ATOM   705 C  CG1 . VAL A 1 86  ? 1.123   -6.992  -3.148  1.00 24.19 ? 106 VAL A CG1 1 
ATOM   706 C  CG2 . VAL A 1 86  ? 2.370   -5.047  -2.169  1.00 22.19 ? 106 VAL A CG2 1 
ATOM   707 N  N   . HIS A 1 87  ? 1.941   -9.597  -1.528  1.00 24.30 ? 107 HIS A N   1 
ATOM   708 C  CA  . HIS A 1 87  ? 1.839   -10.965 -2.002  1.00 19.93 ? 107 HIS A CA  1 
ATOM   709 C  C   . HIS A 1 87  ? 0.641   -10.963 -2.949  1.00 18.57 ? 107 HIS A C   1 
ATOM   710 O  O   . HIS A 1 87  ? -0.415  -10.434 -2.603  1.00 22.05 ? 107 HIS A O   1 
ATOM   711 C  CB  . HIS A 1 87  ? 1.573   -11.935 -0.858  1.00 19.24 ? 107 HIS A CB  1 
ATOM   712 C  CG  . HIS A 1 87  ? 1.258   -13.322 -1.326  1.00 23.99 ? 107 HIS A CG  1 
ATOM   713 N  ND1 . HIS A 1 87  ? 0.052   -13.937 -1.073  1.00 29.85 ? 107 HIS A ND1 1 
ATOM   714 C  CD2 . HIS A 1 87  ? 1.971   -14.190 -2.082  1.00 28.28 ? 107 HIS A CD2 1 
ATOM   715 C  CE1 . HIS A 1 87  ? 0.033   -15.123 -1.656  1.00 23.97 ? 107 HIS A CE1 1 
ATOM   716 N  NE2 . HIS A 1 87  ? 1.185   -15.301 -2.274  1.00 26.89 ? 107 HIS A NE2 1 
ATOM   717 N  N   . VAL A 1 88  ? 0.806   -11.538 -4.138  1.00 22.33 ? 108 VAL A N   1 
ATOM   718 C  CA  . VAL A 1 88  ? -0.275  -11.590 -5.126  1.00 22.27 ? 108 VAL A CA  1 
ATOM   719 C  C   . VAL A 1 88  ? -0.996  -12.931 -5.052  1.00 28.32 ? 108 VAL A C   1 
ATOM   720 O  O   . VAL A 1 88  ? -0.368  -13.980 -5.143  1.00 27.88 ? 108 VAL A O   1 
ATOM   721 C  CB  . VAL A 1 88  ? 0.261   -11.419 -6.558  1.00 26.21 ? 108 VAL A CB  1 
ATOM   722 C  CG1 . VAL A 1 88  ? -0.899  -11.300 -7.533  1.00 29.06 ? 108 VAL A CG1 1 
ATOM   723 C  CG2 . VAL A 1 88  ? 1.162   -10.197 -6.640  1.00 29.01 ? 108 VAL A CG2 1 
ATOM   724 N  N   . VAL A 1 89  ? -2.314  -12.882 -4.890  1.00 30.83 ? 109 VAL A N   1 
ATOM   725 C  CA  . VAL A 1 89  ? -3.137  -14.086 -4.797  1.00 34.77 ? 109 VAL A CA  1 
ATOM   726 C  C   . VAL A 1 89  ? -3.900  -14.331 -6.098  1.00 35.15 ? 109 VAL A C   1 
ATOM   727 O  O   . VAL A 1 89  ? -4.504  -13.411 -6.652  1.00 31.89 ? 109 VAL A O   1 
ATOM   728 C  CB  . VAL A 1 89  ? -4.165  -13.966 -3.657  1.00 38.54 ? 109 VAL A CB  1 
ATOM   729 C  CG1 . VAL A 1 89  ? -4.936  -15.273 -3.500  1.00 31.72 ? 109 VAL A CG1 1 
ATOM   730 C  CG2 . VAL A 1 89  ? -3.463  -13.592 -2.364  1.00 30.00 ? 109 VAL A CG2 1 
ATOM   731 N  N   . ARG A 1 90  ? -3.871  -15.572 -6.576  1.00 38.95 ? 110 ARG A N   1 
ATOM   732 C  CA  . ARG A 1 90  ? -4.567  -15.948 -7.806  1.00 39.34 ? 110 ARG A CA  1 
ATOM   733 C  C   . ARG A 1 90  ? -5.754  -16.843 -7.474  1.00 42.71 ? 110 ARG A C   1 
ATOM   734 O  O   . ARG A 1 90  ? -5.714  -17.593 -6.499  1.00 40.81 ? 110 ARG A O   1 
ATOM   735 C  CB  . ARG A 1 90  ? -3.614  -16.689 -8.747  1.00 35.72 ? 110 ARG A CB  1 
ATOM   736 C  CG  . ARG A 1 90  ? -2.470  -15.835 -9.241  1.00 42.54 ? 110 ARG A CG  1 
ATOM   737 C  CD  . ARG A 1 90  ? -1.544  -16.595 -10.171 1.00 42.95 ? 110 ARG A CD  1 
ATOM   738 N  NE  . ARG A 1 90  ? -0.544  -15.701 -10.737 1.00 46.01 ? 110 ARG A NE  1 
ATOM   739 C  CZ  . ARG A 1 90  ? 0.384   -16.064 -11.615 1.00 62.77 ? 110 ARG A CZ  1 
ATOM   740 N  NH1 . ARG A 1 90  ? 0.450   -17.320 -12.039 1.00 65.17 ? 110 ARG A NH1 1 
ATOM   741 N  NH2 . ARG A 1 90  ? 1.242   -15.162 -12.080 1.00 65.61 ? 110 ARG A NH2 1 
ATOM   742 N  N   . ASP A 1 91  ? -6.808  -16.759 -8.283  1.00 43.89 ? 111 ASP A N   1 
ATOM   743 C  CA  . ASP A 1 91  ? -8.005  -17.566 -8.066  1.00 41.71 ? 111 ASP A CA  1 
ATOM   744 C  C   . ASP A 1 91  ? -7.856  -18.950 -8.682  1.00 38.35 ? 111 ASP A C   1 
ATOM   745 O  O   . ASP A 1 91  ? -6.819  -19.273 -9.262  1.00 36.83 ? 111 ASP A O   1 
ATOM   746 C  CB  . ASP A 1 91  ? -9.244  -16.879 -8.655  1.00 41.59 ? 111 ASP A CB  1 
ATOM   747 C  CG  . ASP A 1 91  ? -9.140  -16.663 -10.154 1.00 34.67 ? 111 ASP A CG  1 
ATOM   748 O  OD1 . ASP A 1 91  ? -8.544  -17.517 -10.841 1.00 38.23 ? 111 ASP A OD1 1 
ATOM   749 O  OD2 . ASP A 1 91  ? -9.667  -15.643 -10.646 1.00 41.36 ? 111 ASP A OD2 1 
ATOM   750 N  N   . ASP A 1 92  ? -8.907  -19.758 -8.569  1.00 46.65 ? 112 ASP A N   1 
ATOM   751 C  CA  . ASP A 1 92  ? -8.899  -21.120 -9.098  1.00 48.62 ? 112 ASP A CA  1 
ATOM   752 C  C   . ASP A 1 92  ? -8.598  -21.232 -10.586 1.00 47.92 ? 112 ASP A C   1 
ATOM   753 O  O   . ASP A 1 92  ? -8.113  -22.266 -11.041 1.00 50.04 ? 112 ASP A O   1 
ATOM   754 C  CB  . ASP A 1 92  ? -10.232 -21.812 -8.802  1.00 50.26 ? 112 ASP A CB  1 
ATOM   755 C  CG  . ASP A 1 92  ? -10.449 -22.046 -7.321  1.00 58.02 ? 112 ASP A CG  1 
ATOM   756 O  OD1 . ASP A 1 92  ? -9.467  -22.384 -6.624  1.00 56.20 ? 112 ASP A OD1 1 
ATOM   757 O  OD2 . ASP A 1 92  ? -11.598 -21.904 -6.855  1.00 68.59 ? 112 ASP A OD2 1 
ATOM   758 N  N   . SER A 1 93  ? -8.885  -20.182 -11.349 1.00 41.56 ? 113 SER A N   1 
ATOM   759 C  CA  . SER A 1 93  ? -8.620  -20.217 -12.782 1.00 45.56 ? 113 SER A CA  1 
ATOM   760 C  C   . SER A 1 93  ? -7.228  -19.687 -13.114 1.00 45.46 ? 113 SER A C   1 
ATOM   761 O  O   . SER A 1 93  ? -6.842  -19.604 -14.281 1.00 47.92 ? 113 SER A O   1 
ATOM   762 C  CB  . SER A 1 93  ? -9.682  -19.420 -13.544 1.00 47.70 ? 113 SER A CB  1 
ATOM   763 O  OG  . SER A 1 93  ? -9.718  -18.073 -13.119 1.00 60.26 ? 113 SER A OG  1 
ATOM   764 N  N   . GLY A 1 94  ? -6.475  -19.326 -12.079 1.00 41.76 ? 114 GLY A N   1 
ATOM   765 C  CA  . GLY A 1 94  ? -5.127  -18.830 -12.287 1.00 40.70 ? 114 GLY A CA  1 
ATOM   766 C  C   . GLY A 1 94  ? -5.003  -17.339 -12.533 1.00 40.34 ? 114 GLY A C   1 
ATOM   767 O  O   . GLY A 1 94  ? -3.922  -16.856 -12.867 1.00 45.20 ? 114 GLY A O   1 
ATOM   768 N  N   . GLU A 1 95  ? -6.098  -16.605 -12.372 1.00 35.52 ? 115 GLU A N   1 
ATOM   769 C  CA  . GLU A 1 95  ? -6.064  -15.165 -12.586 1.00 43.23 ? 115 GLU A CA  1 
ATOM   770 C  C   . GLU A 1 95  ? -5.887  -14.404 -11.277 1.00 37.13 ? 115 GLU A C   1 
ATOM   771 O  O   . GLU A 1 95  ? -6.330  -14.857 -10.219 1.00 36.37 ? 115 GLU A O   1 
ATOM   772 C  CB  . GLU A 1 95  ? -7.344  -14.700 -13.281 1.00 43.84 ? 115 GLU A CB  1 
ATOM   773 C  CG  . GLU A 1 95  ? -7.603  -15.382 -14.615 1.00 55.32 ? 115 GLU A CG  1 
ATOM   774 C  CD  . GLU A 1 95  ? -8.125  -14.420 -15.667 1.00 62.60 ? 115 GLU A CD  1 
ATOM   775 O  OE1 . GLU A 1 95  ? -8.540  -14.886 -16.752 1.00 61.99 ? 115 GLU A OE1 1 
ATOM   776 O  OE2 . GLU A 1 95  ? -8.111  -13.196 -15.414 1.00 65.86 ? 115 GLU A OE2 1 
ATOM   777 N  N   . VAL A 1 96  ? -5.229  -13.251 -11.355 1.00 33.96 ? 116 VAL A N   1 
ATOM   778 C  CA  . VAL A 1 96  ? -4.995  -12.412 -10.181 1.00 35.62 ? 116 VAL A CA  1 
ATOM   779 C  C   . VAL A 1 96  ? -6.336  -12.073 -9.539  1.00 36.66 ? 116 VAL A C   1 
ATOM   780 O  O   . VAL A 1 96  ? -7.239  -11.557 -10.196 1.00 37.04 ? 116 VAL A O   1 
ATOM   781 C  CB  . VAL A 1 96  ? -4.267  -11.108 -10.571 1.00 35.72 ? 116 VAL A CB  1 
ATOM   782 C  CG1 . VAL A 1 96  ? -4.085  -10.223 -9.345  1.00 35.40 ? 116 VAL A CG1 1 
ATOM   783 C  CG2 . VAL A 1 96  ? -2.915  -11.440 -11.191 1.00 30.29 ? 116 VAL A CG2 1 
ATOM   784 N  N   . GLU A 1 97  ? -6.458  -12.359 -8.249  1.00 35.20 ? 117 GLU A N   1 
ATOM   785 C  CA  . GLU A 1 97  ? -7.699  -12.121 -7.531  1.00 36.40 ? 117 GLU A CA  1 
ATOM   786 C  C   . GLU A 1 97  ? -7.594  -11.046 -6.454  1.00 36.83 ? 117 GLU A C   1 
ATOM   787 O  O   . GLU A 1 97  ? -8.536  -10.289 -6.223  1.00 34.47 ? 117 GLU A O   1 
ATOM   788 C  CB  . GLU A 1 97  ? -8.166  -13.437 -6.911  1.00 39.95 ? 117 GLU A CB  1 
ATOM   789 C  CG  . GLU A 1 97  ? -9.414  -13.354 -6.062  1.00 52.60 ? 117 GLU A CG  1 
ATOM   790 C  CD  . GLU A 1 97  ? -9.884  -14.726 -5.630  1.00 59.64 ? 117 GLU A CD  1 
ATOM   791 O  OE1 . GLU A 1 97  ? -9.064  -15.476 -5.057  1.00 55.92 ? 117 GLU A OE1 1 
ATOM   792 O  OE2 . GLU A 1 97  ? -11.068 -15.055 -5.863  1.00 62.78 ? 117 GLU A OE2 1 
ATOM   793 N  N   . ALA A 1 98  ? -6.448  -10.975 -5.791  1.00 31.05 ? 118 ALA A N   1 
ATOM   794 C  CA  . ALA A 1 98  ? -6.283  -9.985  -4.749  1.00 31.36 ? 118 ALA A CA  1 
ATOM   795 C  C   . ALA A 1 98  ? -4.830  -9.756  -4.410  1.00 23.50 ? 118 ALA A C   1 
ATOM   796 O  O   . ALA A 1 98  ? -3.946  -10.482 -4.867  1.00 27.28 ? 118 ALA A O   1 
ATOM   797 C  CB  . ALA A 1 98  ? -7.044  -10.408 -3.505  1.00 24.99 ? 118 ALA A CB  1 
ATOM   798 N  N   . LEU A 1 99  ? -4.599  -8.723  -3.609  1.00 23.83 ? 119 LEU A N   1 
ATOM   799 C  CA  . LEU A 1 99  ? -3.269  -8.361  -3.144  1.00 19.41 ? 119 LEU A CA  1 
ATOM   800 C  C   . LEU A 1 99  ? -3.378  -8.318  -1.623  1.00 19.93 ? 119 LEU A C   1 
ATOM   801 O  O   . LEU A 1 99  ? -4.298  -7.707  -1.083  1.00 26.84 ? 119 LEU A O   1 
ATOM   802 C  CB  . LEU A 1 99  ? -2.881  -6.980  -3.680  1.00 21.17 ? 119 LEU A CB  1 
ATOM   803 C  CG  . LEU A 1 99  ? -2.895  -6.797  -5.199  1.00 25.29 ? 119 LEU A CG  1 
ATOM   804 C  CD1 . LEU A 1 99  ? -2.609  -5.337  -5.542  1.00 24.92 ? 119 LEU A CD1 1 
ATOM   805 C  CD2 . LEU A 1 99  ? -1.860  -7.713  -5.848  1.00 18.55 ? 119 LEU A CD2 1 
ATOM   806 N  N   . ILE A 1 100 ? -2.450  -8.973  -0.936  1.00 21.27 ? 120 ILE A N   1 
ATOM   807 C  CA  . ILE A 1 100 ? -2.461  -9.014  0.523   1.00 24.91 ? 120 ILE A CA  1 
ATOM   808 C  C   . ILE A 1 100 ? -1.056  -8.727  1.032   1.00 21.76 ? 120 ILE A C   1 
ATOM   809 O  O   . ILE A 1 100 ? -0.079  -9.222  0.476   1.00 23.49 ? 120 ILE A O   1 
ATOM   810 C  CB  . ILE A 1 100 ? -2.865  -10.410 1.045   1.00 31.53 ? 120 ILE A CB  1 
ATOM   811 C  CG1 . ILE A 1 100 ? -1.823  -11.440 0.598   1.00 33.87 ? 120 ILE A CG1 1 
ATOM   812 C  CG2 . ILE A 1 100 ? -4.221  -10.801 0.492   1.00 44.28 ? 120 ILE A CG2 1 
ATOM   813 C  CD1 . ILE A 1 100 ? -1.826  -12.724 1.404   1.00 46.74 ? 120 ILE A CD1 1 
ATOM   814 N  N   . GLY A 1 101 ? -0.945  -7.946  2.094   1.00 22.02 ? 121 GLY A N   1 
ATOM   815 C  CA  . GLY A 1 101 ? 0.379   -7.664  2.599   1.00 22.79 ? 121 GLY A CA  1 
ATOM   816 C  C   . GLY A 1 101 ? 0.403   -6.838  3.857   1.00 22.80 ? 121 GLY A C   1 
ATOM   817 O  O   . GLY A 1 101 ? -0.567  -6.800  4.616   1.00 22.48 ? 121 GLY A O   1 
ATOM   818 N  N   . PHE A 1 102 ? 1.527   -6.166  4.068   1.00 15.51 ? 122 PHE A N   1 
ATOM   819 C  CA  . PHE A 1 102 ? 1.710   -5.330  5.244   1.00 14.99 ? 122 PHE A CA  1 
ATOM   820 C  C   . PHE A 1 102 ? 2.439   -4.048  4.873   1.00 15.34 ? 122 PHE A C   1 
ATOM   821 O  O   . PHE A 1 102 ? 3.230   -4.025  3.936   1.00 18.47 ? 122 PHE A O   1 
ATOM   822 C  CB  . PHE A 1 102 ? 2.585   -6.042  6.284   1.00 17.77 ? 122 PHE A CB  1 
ATOM   823 C  CG  . PHE A 1 102 ? 1.948   -7.233  6.937   1.00 20.04 ? 122 PHE A CG  1 
ATOM   824 C  CD1 . PHE A 1 102 ? 1.067   -7.074  7.991   1.00 24.18 ? 122 PHE A CD1 1 
ATOM   825 C  CD2 . PHE A 1 102 ? 2.269   -8.521  6.522   1.00 32.08 ? 122 PHE A CD2 1 
ATOM   826 C  CE1 . PHE A 1 102 ? 0.511   -8.188  8.636   1.00 30.46 ? 122 PHE A CE1 1 
ATOM   827 C  CE2 . PHE A 1 102 ? 1.720   -9.642  7.156   1.00 29.46 ? 122 PHE A CE2 1 
ATOM   828 C  CZ  . PHE A 1 102 ? 0.841   -9.466  8.214   1.00 29.32 ? 122 PHE A CZ  1 
HETATM 829 N  N   . MSE A 1 103 ? 2.166   -2.991  5.629   1.00 18.35 ? 123 MSE A N   1 
HETATM 830 C  CA  . MSE A 1 103 ? 2.862   -1.723  5.466   1.00 18.07 ? 123 MSE A CA  1 
HETATM 831 C  C   . MSE A 1 103 ? 3.652   -1.603  6.758   1.00 20.97 ? 123 MSE A C   1 
HETATM 832 O  O   . MSE A 1 103 ? 3.128   -1.867  7.840   1.00 21.36 ? 123 MSE A O   1 
HETATM 833 C  CB  . MSE A 1 103 ? 1.887   -0.556  5.334   1.00 14.71 ? 123 MSE A CB  1 
HETATM 834 C  CG  . MSE A 1 103 ? 1.435   -0.301  3.917   1.00 26.14 ? 123 MSE A CG  1 
HETATM 835 SE SE  . MSE A 1 103 ? -0.100  0.863   3.883   1.00 33.51 ? 123 MSE A SE  1 
HETATM 836 C  CE  . MSE A 1 103 ? -0.931  0.123   2.314   1.00 22.45 ? 123 MSE A CE  1 
ATOM   837 N  N   . PHE A 1 104 ? 4.916   -1.215  6.634   1.00 18.35 ? 124 PHE A N   1 
ATOM   838 C  CA  . PHE A 1 104 ? 5.803   -1.087  7.785   1.00 17.71 ? 124 PHE A CA  1 
ATOM   839 C  C   . PHE A 1 104 ? 6.403   0.307   7.871   1.00 22.60 ? 124 PHE A C   1 
ATOM   840 O  O   . PHE A 1 104 ? 6.812   0.874   6.857   1.00 19.68 ? 124 PHE A O   1 
ATOM   841 C  CB  . PHE A 1 104 ? 6.964   -2.073  7.651   1.00 19.39 ? 124 PHE A CB  1 
ATOM   842 C  CG  . PHE A 1 104 ? 6.548   -3.512  7.604   1.00 25.25 ? 124 PHE A CG  1 
ATOM   843 C  CD1 . PHE A 1 104 ? 6.289   -4.211  8.778   1.00 30.08 ? 124 PHE A CD1 1 
ATOM   844 C  CD2 . PHE A 1 104 ? 6.432   -4.178  6.385   1.00 23.66 ? 124 PHE A CD2 1 
ATOM   845 C  CE1 . PHE A 1 104 ? 5.924   -5.556  8.739   1.00 25.67 ? 124 PHE A CE1 1 
ATOM   846 C  CE2 . PHE A 1 104 ? 6.067   -5.524  6.335   1.00 21.80 ? 124 PHE A CE2 1 
ATOM   847 C  CZ  . PHE A 1 104 ? 5.813   -6.212  7.515   1.00 23.31 ? 124 PHE A CZ  1 
ATOM   848 N  N   . ASP A 1 105 ? 6.468   0.841   9.085   1.00 21.75 ? 125 ASP A N   1 
ATOM   849 C  CA  . ASP A 1 105 ? 7.070   2.147   9.330   1.00 27.53 ? 125 ASP A CA  1 
ATOM   850 C  C   . ASP A 1 105 ? 8.573   1.869   9.342   1.00 28.65 ? 125 ASP A C   1 
ATOM   851 O  O   . ASP A 1 105 ? 9.053   1.109   10.187  1.00 22.10 ? 125 ASP A O   1 
ATOM   852 C  CB  . ASP A 1 105 ? 6.612   2.669   10.701  1.00 23.54 ? 125 ASP A CB  1 
ATOM   853 C  CG  . ASP A 1 105 ? 7.353   3.916   11.149  1.00 25.71 ? 125 ASP A CG  1 
ATOM   854 O  OD1 . ASP A 1 105 ? 8.224   4.420   10.409  1.00 23.46 ? 125 ASP A OD1 1 
ATOM   855 O  OD2 . ASP A 1 105 ? 7.054   4.405   12.264  1.00 28.20 ? 125 ASP A OD2 1 
ATOM   856 N  N   . ILE A 1 106 ? 9.312   2.444   8.397   1.00 27.34 ? 126 ILE A N   1 
ATOM   857 C  CA  . ILE A 1 106 ? 10.756  2.225   8.367   1.00 17.85 ? 126 ILE A CA  1 
ATOM   858 C  C   . ILE A 1 106 ? 11.520  3.514   8.623   1.00 24.08 ? 126 ILE A C   1 
ATOM   859 O  O   . ILE A 1 106 ? 12.604  3.736   8.083   1.00 26.68 ? 126 ILE A O   1 
ATOM   860 C  CB  . ILE A 1 106 ? 11.228  1.608   7.033   1.00 19.31 ? 126 ILE A CB  1 
ATOM   861 C  CG1 . ILE A 1 106 ? 10.811  2.479   5.851   1.00 16.35 ? 126 ILE A CG1 1 
ATOM   862 C  CG2 . ILE A 1 106 ? 10.660  0.210   6.890   1.00 22.11 ? 126 ILE A CG2 1 
ATOM   863 C  CD1 . ILE A 1 106 ? 11.490  2.059   4.549   1.00 18.98 ? 126 ILE A CD1 1 
ATOM   864 N  N   . SER A 1 107 ? 10.934  4.349   9.473   1.00 23.65 ? 127 SER A N   1 
ATOM   865 C  CA  . SER A 1 107 ? 11.511  5.625   9.870   1.00 27.91 ? 127 SER A CA  1 
ATOM   866 C  C   . SER A 1 107 ? 12.924  5.465   10.417  1.00 28.33 ? 127 SER A C   1 
ATOM   867 O  O   . SER A 1 107 ? 13.813  6.257   10.106  1.00 32.29 ? 127 SER A O   1 
ATOM   868 C  CB  . SER A 1 107 ? 10.636  6.275   10.947  1.00 26.02 ? 127 SER A CB  1 
ATOM   869 O  OG  . SER A 1 107 ? 9.428   6.751   10.401  1.00 34.69 ? 127 SER A OG  1 
ATOM   870 N  N   . LEU A 1 108 ? 13.120  4.441   11.241  1.00 33.22 ? 128 LEU A N   1 
ATOM   871 C  CA  . LEU A 1 108 ? 14.415  4.177   11.856  1.00 34.87 ? 128 LEU A CA  1 
ATOM   872 C  C   . LEU A 1 108 ? 15.520  3.928   10.840  1.00 37.54 ? 128 LEU A C   1 
ATOM   873 O  O   . LEU A 1 108 ? 16.693  4.190   11.114  1.00 35.37 ? 128 LEU A O   1 
ATOM   874 C  CB  . LEU A 1 108 ? 14.306  2.979   12.799  1.00 38.91 ? 128 LEU A CB  1 
ATOM   875 C  CG  . LEU A 1 108 ? 13.401  3.198   14.013  1.00 45.40 ? 128 LEU A CG  1 
ATOM   876 C  CD1 . LEU A 1 108 ? 13.153  1.872   14.717  1.00 51.04 ? 128 LEU A CD1 1 
ATOM   877 C  CD2 . LEU A 1 108 ? 14.054  4.201   14.957  1.00 47.20 ? 128 LEU A CD2 1 
ATOM   878 N  N   . GLU A 1 109 ? 15.149  3.419   9.672   1.00 31.93 ? 129 GLU A N   1 
ATOM   879 C  CA  . GLU A 1 109 ? 16.124  3.146   8.625   1.00 29.49 ? 129 GLU A CA  1 
ATOM   880 C  C   . GLU A 1 109 ? 16.519  4.419   7.891   1.00 33.04 ? 129 GLU A C   1 
ATOM   881 O  O   . GLU A 1 109 ? 17.434  4.411   7.068   1.00 33.66 ? 129 GLU A O   1 
ATOM   882 C  CB  . GLU A 1 109 ? 15.561  2.141   7.619   1.00 31.62 ? 129 GLU A CB  1 
ATOM   883 C  CG  . GLU A 1 109 ? 15.484  0.720   8.130   1.00 32.55 ? 129 GLU A CG  1 
ATOM   884 C  CD  . GLU A 1 109 ? 14.962  -0.238  7.075   1.00 31.47 ? 129 GLU A CD  1 
ATOM   885 O  OE1 . GLU A 1 109 ? 15.294  -0.053  5.884   1.00 31.96 ? 129 GLU A OE1 1 
ATOM   886 O  OE2 . GLU A 1 109 ? 14.235  -1.183  7.437   1.00 37.43 ? 129 GLU A OE2 1 
ATOM   887 N  N   . HIS A 1 110 ? 15.829  5.513   8.192   1.00 29.48 ? 130 HIS A N   1 
ATOM   888 C  CA  . HIS A 1 110 ? 16.107  6.781   7.541   1.00 39.92 ? 130 HIS A CA  1 
ATOM   889 C  C   . HIS A 1 110 ? 16.489  7.901   8.506   1.00 38.42 ? 130 HIS A C   1 
ATOM   890 O  O   . HIS A 1 110 ? 16.254  9.076   8.230   1.00 44.01 ? 130 HIS A O   1 
ATOM   891 C  CB  . HIS A 1 110 ? 14.902  7.196   6.688   1.00 33.63 ? 130 HIS A CB  1 
ATOM   892 C  CG  . HIS A 1 110 ? 14.709  6.341   5.474   1.00 31.33 ? 130 HIS A CG  1 
ATOM   893 N  ND1 . HIS A 1 110 ? 15.305  6.624   4.264   1.00 31.97 ? 130 HIS A ND1 1 
ATOM   894 C  CD2 . HIS A 1 110 ? 14.042  5.175   5.303   1.00 29.36 ? 130 HIS A CD2 1 
ATOM   895 C  CE1 . HIS A 1 110 ? 15.015  5.666   3.400   1.00 32.52 ? 130 HIS A CE1 1 
ATOM   896 N  NE2 . HIS A 1 110 ? 14.251  4.776   4.005   1.00 24.17 ? 130 HIS A NE2 1 
ATOM   897 N  N   . HIS A 1 111 ? 17.079  7.534   9.639   1.00 38.84 ? 131 HIS A N   1 
ATOM   898 C  CA  . HIS A 1 111 ? 17.511  8.529   10.616  1.00 48.24 ? 131 HIS A CA  1 
ATOM   899 C  C   . HIS A 1 111 ? 19.008  8.767   10.470  1.00 53.79 ? 131 HIS A C   1 
ATOM   900 O  O   . HIS A 1 111 ? 19.817  7.861   10.701  1.00 56.70 ? 131 HIS A O   1 
ATOM   901 C  CB  . HIS A 1 111 ? 17.211  8.069   12.047  1.00 47.01 ? 131 HIS A CB  1 
ATOM   902 C  CG  . HIS A 1 111 ? 15.756  8.083   12.398  1.00 51.79 ? 131 HIS A CG  1 
ATOM   903 N  ND1 . HIS A 1 111 ? 14.829  8.834   11.706  1.00 52.48 ? 131 HIS A ND1 1 
ATOM   904 C  CD2 . HIS A 1 111 ? 15.072  7.467   13.391  1.00 54.93 ? 131 HIS A CD2 1 
ATOM   905 C  CE1 . HIS A 1 111 ? 13.638  8.679   12.257  1.00 56.59 ? 131 HIS A CE1 1 
ATOM   906 N  NE2 . HIS A 1 111 ? 13.758  7.853   13.282  1.00 61.43 ? 131 HIS A NE2 1 
HETATM 907 O  O   . HOH B 2 .   ? 4.825   5.709   -10.818 1.00 25.81 ? 201 HOH A O   1 
HETATM 908 O  O   . HOH B 2 .   ? -4.281  6.733   8.058   1.00 20.64 ? 202 HOH A O   1 
HETATM 909 O  O   . HOH B 2 .   ? 1.279   3.830   2.235   1.00 19.39 ? 203 HOH A O   1 
HETATM 910 O  O   . HOH B 2 .   ? 0.122   5.760   0.831   1.00 22.04 ? 204 HOH A O   1 
HETATM 911 O  O   . HOH B 2 .   ? -10.951 8.214   0.506   1.00 31.98 ? 205 HOH A O   1 
HETATM 912 O  O   . HOH B 2 .   ? 14.328  2.551   2.117   1.00 29.19 ? 206 HOH A O   1 
HETATM 913 O  O   . HOH B 2 .   ? -12.595 5.741   10.440  1.00 29.38 ? 207 HOH A O   1 
HETATM 914 O  O   . HOH B 2 .   ? -1.609  15.888  4.152   1.00 27.84 ? 208 HOH A O   1 
HETATM 915 O  O   . HOH B 2 .   ? 3.495   8.979   12.628  1.00 33.98 ? 209 HOH A O   1 
HETATM 916 O  O   . HOH B 2 .   ? 11.056  10.633  -8.864  1.00 32.58 ? 210 HOH A O   1 
HETATM 917 O  O   . HOH B 2 .   ? 8.337   2.434   -11.839 1.00 25.39 ? 211 HOH A O   1 
HETATM 918 O  O   . HOH B 2 .   ? -0.545  -1.626  -1.017  1.00 31.44 ? 212 HOH A O   1 
HETATM 919 O  O   . HOH B 2 .   ? 10.150  -6.277  -5.118  1.00 27.11 ? 213 HOH A O   1 
HETATM 920 O  O   . HOH B 2 .   ? 10.603  16.534  -7.691  1.00 41.16 ? 214 HOH A O   1 
HETATM 921 O  O   . HOH B 2 .   ? 11.680  5.657   -2.394  1.00 26.07 ? 215 HOH A O   1 
HETATM 922 O  O   . HOH B 2 .   ? -2.937  -8.867  5.377   1.00 30.29 ? 216 HOH A O   1 
HETATM 923 O  O   . HOH B 2 .   ? 10.988  2.307   11.867  1.00 27.46 ? 217 HOH A O   1 
HETATM 924 O  O   . HOH B 2 .   ? -5.964  11.706  0.229   1.00 35.87 ? 218 HOH A O   1 
HETATM 925 O  O   . HOH B 2 .   ? 12.696  8.787   8.853   1.00 40.77 ? 219 HOH A O   1 
HETATM 926 O  O   . HOH B 2 .   ? 9.903   8.627   8.258   1.00 31.90 ? 220 HOH A O   1 
HETATM 927 O  O   . HOH B 2 .   ? 3.173   1.585   12.681  1.00 29.98 ? 221 HOH A O   1 
HETATM 928 O  O   . HOH B 2 .   ? 5.187   -0.639  11.232  1.00 36.36 ? 222 HOH A O   1 
HETATM 929 O  O   . HOH B 2 .   ? -10.984 5.704   -3.188  1.00 35.37 ? 223 HOH A O   1 
HETATM 930 O  O   . HOH B 2 .   ? 9.454   -7.867  -7.578  1.00 41.63 ? 224 HOH A O   1 
HETATM 931 O  O   . HOH B 2 .   ? -11.205 6.254   12.742  1.00 34.55 ? 225 HOH A O   1 
HETATM 932 O  O   . HOH B 2 .   ? 5.776   10.498  12.047  1.00 36.42 ? 226 HOH A O   1 
HETATM 933 O  O   . HOH B 2 .   ? -3.352  13.782  12.740  1.00 46.75 ? 227 HOH A O   1 
HETATM 934 O  O   . HOH B 2 .   ? 10.197  -8.761  -1.155  1.00 34.59 ? 228 HOH A O   1 
HETATM 935 O  O   . HOH B 2 .   ? 8.287   15.297  6.499   1.00 32.85 ? 229 HOH A O   1 
HETATM 936 O  O   . HOH B 2 .   ? -10.727 -9.974  -7.619  1.00 36.09 ? 230 HOH A O   1 
HETATM 937 O  O   . HOH B 2 .   ? -10.472 -2.123  7.606   1.00 33.25 ? 231 HOH A O   1 
HETATM 938 O  O   . HOH B 2 .   ? 12.069  0.411   -2.879  1.00 26.17 ? 232 HOH A O   1 
HETATM 939 O  O   . HOH B 2 .   ? 11.729  -2.060  -1.156  1.00 46.02 ? 233 HOH A O   1 
HETATM 940 O  O   . HOH B 2 .   ? -2.120  -17.406 -5.355  1.00 36.89 ? 234 HOH A O   1 
HETATM 941 O  O   . HOH B 2 .   ? -10.937 1.040   4.843   1.00 41.54 ? 235 HOH A O   1 
HETATM 942 O  O   . HOH B 2 .   ? 16.333  1.465   4.081   1.00 39.11 ? 236 HOH A O   1 
HETATM 943 O  O   . HOH B 2 .   ? -14.324 -4.441  -3.619  1.00 40.95 ? 237 HOH A O   1 
HETATM 944 O  O   . HOH B 2 .   ? -5.655  11.357  13.213  1.00 40.25 ? 238 HOH A O   1 
HETATM 945 O  O   . HOH B 2 .   ? -0.310  10.040  13.926  1.00 40.76 ? 239 HOH A O   1 
HETATM 946 O  O   . HOH B 2 .   ? 5.322   2.511   13.883  1.00 34.29 ? 240 HOH A O   1 
HETATM 947 O  O   . HOH B 2 .   ? 12.796  -1.863  9.661   1.00 54.38 ? 241 HOH A O   1 
HETATM 948 O  O   . HOH B 2 .   ? -12.911 0.040   0.382   1.00 35.43 ? 242 HOH A O   1 
HETATM 949 O  O   . HOH B 2 .   ? -0.596  -1.703  -3.668  1.00 41.40 ? 243 HOH A O   1 
HETATM 950 O  O   . HOH B 2 .   ? -1.358  -17.403 -2.726  1.00 34.10 ? 244 HOH A O   1 
HETATM 951 O  O   . HOH B 2 .   ? -10.940 0.447   7.290   1.00 34.17 ? 245 HOH A O   1 
HETATM 952 O  O   . HOH B 2 .   ? 10.323  -2.878  9.518   1.00 43.08 ? 246 HOH A O   1 
HETATM 953 O  O   . HOH B 2 .   ? 14.110  -4.514  1.621   1.00 47.45 ? 247 HOH A O   1 
HETATM 954 O  O   . HOH B 2 .   ? -13.751 3.409   10.774  1.00 38.80 ? 248 HOH A O   1 
HETATM 955 O  O   . HOH B 2 .   ? 6.120   -13.926 -6.700  1.00 40.11 ? 249 HOH A O   1 
HETATM 956 O  O   . HOH B 2 .   ? 13.653  11.610  -3.784  1.00 37.77 ? 250 HOH A O   1 
HETATM 957 O  O   . HOH B 2 .   ? -6.434  -23.783 -9.284  1.00 38.02 ? 251 HOH A O   1 
HETATM 958 O  O   . HOH B 2 .   ? -4.359  14.376  0.010   1.00 37.46 ? 252 HOH A O   1 
HETATM 959 O  O   . HOH B 2 .   ? 12.383  -5.298  -4.766  1.00 37.46 ? 253 HOH A O   1 
HETATM 960 O  O   . HOH B 2 .   ? 1.904   14.269  -1.809  1.00 38.24 ? 254 HOH A O   1 
HETATM 961 O  O   . HOH B 2 .   ? -8.119  -13.679 -1.968  1.00 45.20 ? 255 HOH A O   1 
HETATM 962 O  O   . HOH B 2 .   ? 14.552  0.293   -1.499  1.00 40.89 ? 256 HOH A O   1 
HETATM 963 O  O   . HOH B 2 .   ? 6.187   -11.746 -1.065  1.00 44.70 ? 257 HOH A O   1 
HETATM 964 O  O   . HOH B 2 .   ? -9.466  -3.726  9.839   1.00 46.12 ? 258 HOH A O   1 
HETATM 965 O  O   . HOH B 2 .   ? -9.247  -8.261  -13.414 1.00 48.09 ? 259 HOH A O   1 
HETATM 966 O  O   . HOH B 2 .   ? 9.040   -11.826 -6.137  1.00 42.11 ? 260 HOH A O   1 
HETATM 967 O  O   . HOH B 2 .   ? 6.723   -9.276  -1.322  1.00 45.76 ? 261 HOH A O   1 
HETATM 968 O  O   . HOH B 2 .   ? -7.502  -5.515  9.715   1.00 44.75 ? 262 HOH A O   1 
HETATM 969 O  O   . HOH B 2 .   ? -2.109  -14.998 -12.749 1.00 42.46 ? 263 HOH A O   1 
HETATM 970 O  O   . HOH B 2 .   ? -8.178  12.440  1.827   1.00 44.06 ? 264 HOH A O   1 
HETATM 971 O  O   . HOH B 2 .   ? -0.705  -10.679 5.213   1.00 34.75 ? 265 HOH A O   1 
HETATM 972 O  O   . HOH B 2 .   ? 3.629   12.931  -8.775  1.00 47.03 ? 266 HOH A O   1 
HETATM 973 O  O   . HOH B 2 .   ? -12.951 1.507   9.138   1.00 43.13 ? 267 HOH A O   1 
HETATM 974 O  O   . HOH B 2 .   ? 0.897   -3.758  -5.567  1.00 36.57 ? 268 HOH A O   1 
HETATM 975 O  O   . HOH B 2 .   ? -6.730  9.464   15.246  1.00 48.81 ? 269 HOH A O   1 
HETATM 976 O  O   . HOH B 2 .   ? 2.899   0.153   -15.035 1.00 39.00 ? 270 HOH A O   1 
HETATM 977 O  O   . HOH B 2 .   ? -0.307  1.450   15.787  1.00 41.59 ? 271 HOH A O   1 
HETATM 978 O  O   . HOH B 2 .   ? -5.731  3.688   15.593  1.00 44.63 ? 272 HOH A O   1 
HETATM 979 O  O   . HOH B 2 .   ? -14.280 -4.254  -0.280  1.00 48.73 ? 273 HOH A O   1 
HETATM 980 O  O   . HOH B 2 .   ? -12.943 0.258   3.489   1.00 60.89 ? 274 HOH A O   1 
HETATM 981 O  O   . HOH B 2 .   ? -15.036 0.962   -1.707  1.00 60.85 ? 275 HOH A O   1 
HETATM 982 O  O   . HOH B 2 .   ? -10.087 -2.361  13.009  1.00 50.17 ? 276 HOH A O   1 
HETATM 983 O  O   . HOH B 2 .   ? -8.535  -4.341  14.195  1.00 47.57 ? 277 HOH A O   1 
HETATM 984 O  O   . HOH B 2 .   ? -6.604  -5.533  12.062  1.00 38.81 ? 278 HOH A O   1 
HETATM 985 O  O   . HOH B 2 .   ? 6.932   6.775   13.182  1.00 46.93 ? 279 HOH A O   1 
HETATM 986 O  O   . HOH B 2 .   ? 8.046   4.775   -13.538 1.00 48.28 ? 280 HOH A O   1 
HETATM 987 O  O   . HOH B 2 .   ? -14.170 2.552   -3.441  1.00 46.77 ? 281 HOH A O   1 
HETATM 988 O  O   . HOH B 2 .   ? -0.227  15.671  13.547  1.00 41.91 ? 282 HOH A O   1 
HETATM 989 O  O   . HOH B 2 .   ? 10.399  -4.893  6.717   1.00 61.50 ? 283 HOH A O   1 
HETATM 990 O  O   . HOH B 2 .   ? 7.813   8.866   11.856  1.00 44.37 ? 284 HOH A O   1 
# 
